data_2L2C
#
_entry.id   2L2C
#
_entity_poly.entity_id   1
_entity_poly.type   'polypeptide(L)'
_entity_poly.pdbx_seq_one_letter_code
;DVTPRRDAEYPPPELLEALKPLHDICAKKTGVTDEAIIEFSDGKIHEDEKLKCYMNCLFHEAKVVDDNGDVHLEKLRDSL
PNSMHDIAMHMGKRCLYPEGENLCEKAFWLHKCWKQADPKHYFLV
;
_entity_poly.pdbx_strand_id   A
#
# COMPACT_ATOMS: atom_id res chain seq x y z
N ASP A 1 3.42 -19.84 -1.67
CA ASP A 1 4.56 -20.65 -1.21
C ASP A 1 5.65 -19.76 -0.62
N VAL A 2 6.00 -18.72 -1.34
CA VAL A 2 7.04 -17.80 -0.83
C VAL A 2 6.55 -17.05 0.41
N THR A 3 7.43 -16.88 1.36
CA THR A 3 7.03 -16.16 2.60
C THR A 3 7.50 -14.70 2.56
N PRO A 4 6.74 -13.81 3.20
CA PRO A 4 7.07 -12.39 3.25
C PRO A 4 8.43 -12.16 3.89
N ARG A 5 9.09 -11.08 3.51
CA ARG A 5 10.42 -10.79 4.09
C ARG A 5 10.64 -9.30 4.25
N ARG A 6 11.52 -8.95 5.16
CA ARG A 6 11.80 -7.51 5.39
C ARG A 6 12.79 -7.37 6.54
N ASP A 7 13.86 -6.66 6.31
CA ASP A 7 14.86 -6.48 7.39
C ASP A 7 15.53 -5.12 7.30
N ALA A 8 16.75 -5.06 7.72
CA ALA A 8 17.47 -3.78 7.66
C ALA A 8 18.31 -3.73 6.41
N GLU A 9 17.99 -4.62 5.49
CA GLU A 9 18.73 -4.68 4.22
C GLU A 9 17.90 -4.17 3.04
N TYR A 10 16.66 -4.61 2.94
CA TYR A 10 15.83 -4.12 1.79
C TYR A 10 15.02 -2.86 2.18
N PRO A 11 14.16 -2.96 3.19
CA PRO A 11 13.38 -1.80 3.61
C PRO A 11 14.26 -0.81 4.42
N PRO A 12 14.42 0.41 3.94
CA PRO A 12 15.23 1.39 4.64
C PRO A 12 14.66 1.67 6.05
N PRO A 13 15.51 1.57 7.09
CA PRO A 13 15.07 1.81 8.46
C PRO A 13 14.54 3.24 8.63
N GLU A 14 14.96 4.11 7.77
CA GLU A 14 14.48 5.52 7.87
C GLU A 14 13.04 5.64 7.41
N LEU A 15 12.78 5.23 6.20
CA LEU A 15 11.40 5.32 5.69
C LEU A 15 10.50 4.38 6.46
N LEU A 16 11.11 3.41 7.09
CA LEU A 16 10.32 2.44 7.87
C LEU A 16 9.78 3.11 9.14
N GLU A 17 10.62 3.88 9.77
CA GLU A 17 10.18 4.57 11.01
C GLU A 17 9.15 5.63 10.67
N ALA A 18 9.23 6.16 9.49
CA ALA A 18 8.26 7.21 9.07
C ALA A 18 6.96 6.57 8.62
N LEU A 19 7.03 5.32 8.25
CA LEU A 19 5.80 4.62 7.79
C LEU A 19 4.90 4.27 8.96
N LYS A 20 5.45 3.58 9.93
CA LYS A 20 4.64 3.20 11.12
C LYS A 20 3.70 4.34 11.55
N PRO A 21 4.26 5.52 11.78
CA PRO A 21 3.46 6.65 12.21
C PRO A 21 2.43 6.99 11.15
N LEU A 22 2.91 7.26 9.96
CA LEU A 22 1.97 7.59 8.87
C LEU A 22 0.86 6.56 8.85
N HIS A 23 1.21 5.35 9.15
CA HIS A 23 0.21 4.27 9.15
C HIS A 23 -0.73 4.47 10.33
N ASP A 24 -0.16 4.79 11.47
CA ASP A 24 -0.99 5.01 12.67
C ASP A 24 -1.93 6.19 12.44
N ILE A 25 -1.51 7.08 11.58
CA ILE A 25 -2.35 8.26 11.29
C ILE A 25 -3.58 7.84 10.47
N CYS A 26 -3.36 7.33 9.30
CA CYS A 26 -4.50 6.91 8.47
C CYS A 26 -5.36 5.90 9.24
N ALA A 27 -4.70 4.93 9.82
CA ALA A 27 -5.46 3.91 10.59
C ALA A 27 -6.39 4.58 11.58
N LYS A 28 -5.82 5.32 12.49
CA LYS A 28 -6.66 6.02 13.49
C LYS A 28 -7.72 6.86 12.78
N LYS A 29 -7.47 7.14 11.53
CA LYS A 29 -8.44 7.93 10.75
C LYS A 29 -9.52 7.05 10.20
N THR A 30 -9.11 5.89 9.80
CA THR A 30 -10.07 4.94 9.24
C THR A 30 -10.75 4.15 10.35
N GLY A 31 -10.24 4.33 11.55
CA GLY A 31 -10.83 3.61 12.70
C GLY A 31 -10.40 2.13 12.69
N VAL A 32 -9.79 1.71 11.60
CA VAL A 32 -9.33 0.29 11.53
C VAL A 32 -8.42 -0.05 12.70
N THR A 33 -7.94 -1.28 12.72
CA THR A 33 -7.04 -1.70 13.83
C THR A 33 -5.79 -2.37 13.31
N ASP A 34 -4.69 -2.17 14.01
CA ASP A 34 -3.43 -2.78 13.57
C ASP A 34 -3.66 -4.23 13.19
N GLU A 35 -4.46 -4.91 13.97
CA GLU A 35 -4.72 -6.33 13.64
C GLU A 35 -5.11 -6.46 12.19
N ALA A 36 -6.11 -5.72 11.77
CA ALA A 36 -6.53 -5.79 10.37
C ALA A 36 -5.35 -5.45 9.47
N ILE A 37 -4.67 -4.40 9.83
CA ILE A 37 -3.50 -3.99 9.02
C ILE A 37 -2.46 -5.10 8.97
N ILE A 38 -2.06 -5.57 10.13
CA ILE A 38 -1.06 -6.65 10.18
C ILE A 38 -1.56 -7.87 9.43
N GLU A 39 -2.69 -8.38 9.83
CA GLU A 39 -3.25 -9.57 9.14
C GLU A 39 -3.11 -9.43 7.63
N PHE A 40 -3.19 -8.22 7.18
CA PHE A 40 -3.07 -7.99 5.71
C PHE A 40 -1.61 -8.12 5.28
N SER A 41 -0.72 -7.77 6.16
CA SER A 41 0.72 -7.87 5.82
C SER A 41 1.28 -9.24 6.20
N ASP A 42 1.39 -9.48 7.47
CA ASP A 42 1.92 -10.79 7.93
C ASP A 42 0.92 -11.91 7.64
N GLY A 43 -0.31 -11.70 8.01
CA GLY A 43 -1.34 -12.74 7.75
C GLY A 43 -1.58 -12.90 6.25
N LYS A 44 -2.83 -12.77 5.86
CA LYS A 44 -3.17 -12.91 4.41
C LYS A 44 -4.07 -11.77 3.97
N ILE A 45 -4.44 -11.79 2.71
CA ILE A 45 -5.32 -10.71 2.19
C ILE A 45 -6.76 -10.89 2.64
N HIS A 46 -7.19 -10.02 3.54
CA HIS A 46 -8.59 -10.10 4.04
C HIS A 46 -9.42 -8.96 3.44
N GLU A 47 -10.72 -9.10 3.48
CA GLU A 47 -11.59 -8.04 2.92
C GLU A 47 -12.27 -7.19 4.00
N ASP A 48 -11.48 -6.43 4.70
CA ASP A 48 -12.05 -5.57 5.76
C ASP A 48 -12.41 -4.21 5.19
N GLU A 49 -13.67 -4.05 4.89
CA GLU A 49 -14.16 -2.76 4.31
C GLU A 49 -13.37 -1.56 4.84
N LYS A 50 -12.93 -1.65 6.05
CA LYS A 50 -12.16 -0.51 6.62
C LYS A 50 -10.75 -0.52 6.04
N LEU A 51 -10.12 -1.66 6.07
CA LEU A 51 -8.75 -1.72 5.52
C LEU A 51 -8.74 -1.07 4.16
N LYS A 52 -9.79 -1.32 3.41
CA LYS A 52 -9.87 -0.72 2.06
C LYS A 52 -9.87 0.79 2.17
N CYS A 53 -10.66 1.30 3.09
CA CYS A 53 -10.72 2.75 3.25
C CYS A 53 -9.40 3.24 3.82
N TYR A 54 -8.81 2.45 4.67
CA TYR A 54 -7.53 2.86 5.25
C TYR A 54 -6.51 3.03 4.14
N MET A 55 -6.61 2.21 3.14
CA MET A 55 -5.66 2.32 2.03
C MET A 55 -5.97 3.62 1.31
N ASN A 56 -7.19 3.71 0.84
CA ASN A 56 -7.58 4.95 0.13
C ASN A 56 -7.17 6.15 0.96
N CYS A 57 -7.36 6.05 2.25
CA CYS A 57 -6.97 7.16 3.13
C CYS A 57 -5.50 7.48 2.96
N LEU A 58 -4.73 6.44 2.70
CA LEU A 58 -3.28 6.65 2.51
C LEU A 58 -3.03 7.47 1.25
N PHE A 59 -3.62 7.05 0.16
CA PHE A 59 -3.43 7.79 -1.11
C PHE A 59 -3.55 9.28 -0.86
N HIS A 60 -4.69 9.68 -0.34
CA HIS A 60 -4.89 11.11 -0.05
C HIS A 60 -3.82 11.65 0.89
N GLU A 61 -3.63 10.96 1.99
CA GLU A 61 -2.61 11.42 2.97
C GLU A 61 -1.28 11.75 2.27
N ALA A 62 -0.75 10.78 1.58
CA ALA A 62 0.54 11.03 0.87
C ALA A 62 0.37 12.05 -0.24
N LYS A 63 -0.83 12.55 -0.38
CA LYS A 63 -1.07 13.56 -1.45
C LYS A 63 -0.40 13.14 -2.76
N VAL A 64 -0.89 12.06 -3.34
CA VAL A 64 -0.30 11.57 -4.62
C VAL A 64 -1.38 11.43 -5.68
N VAL A 65 -2.54 11.97 -5.40
CA VAL A 65 -3.66 11.88 -6.38
C VAL A 65 -4.04 13.25 -6.92
N ASP A 66 -5.08 13.28 -7.70
CA ASP A 66 -5.52 14.57 -8.28
C ASP A 66 -6.47 15.27 -7.32
N ASP A 67 -7.71 15.36 -7.73
CA ASP A 67 -8.73 16.02 -6.88
C ASP A 67 -9.89 15.08 -6.63
N ASN A 68 -9.68 13.83 -6.93
CA ASN A 68 -10.77 12.84 -6.72
C ASN A 68 -10.20 11.49 -6.30
N GLY A 69 -8.89 11.35 -6.38
CA GLY A 69 -8.28 10.04 -5.99
C GLY A 69 -7.93 9.20 -7.23
N ASP A 70 -7.62 9.88 -8.30
CA ASP A 70 -7.28 9.13 -9.55
C ASP A 70 -5.88 8.55 -9.47
N VAL A 71 -5.25 8.74 -8.34
CA VAL A 71 -3.88 8.20 -8.18
C VAL A 71 -3.01 8.55 -9.38
N HIS A 72 -2.43 9.71 -9.35
CA HIS A 72 -1.57 10.12 -10.48
C HIS A 72 -0.36 9.20 -10.60
N LEU A 73 -0.34 8.39 -11.62
CA LEU A 73 0.79 7.47 -11.80
C LEU A 73 2.08 8.23 -12.05
N GLU A 74 1.97 9.34 -12.72
CA GLU A 74 3.18 10.15 -13.01
C GLU A 74 3.76 10.72 -11.72
N LYS A 75 2.90 11.14 -10.85
CA LYS A 75 3.38 11.70 -9.57
C LYS A 75 3.84 10.59 -8.65
N LEU A 76 3.14 9.49 -8.70
CA LEU A 76 3.51 8.36 -7.83
C LEU A 76 4.95 7.95 -8.09
N ARG A 77 5.35 7.99 -9.33
CA ARG A 77 6.74 7.62 -9.67
C ARG A 77 7.71 8.68 -9.20
N ASP A 78 7.39 9.91 -9.50
CA ASP A 78 8.30 11.01 -9.09
C ASP A 78 8.40 11.10 -7.57
N SER A 79 7.55 10.37 -6.89
CA SER A 79 7.59 10.41 -5.41
C SER A 79 8.62 9.43 -4.84
N LEU A 80 8.41 8.16 -5.06
CA LEU A 80 9.39 7.16 -4.54
C LEU A 80 10.73 7.26 -5.27
N PRO A 81 11.83 7.07 -4.54
CA PRO A 81 13.17 7.14 -5.12
C PRO A 81 13.38 6.07 -6.20
N ASN A 82 14.42 6.25 -6.98
CA ASN A 82 14.71 5.27 -8.06
C ASN A 82 14.69 3.83 -7.54
N SER A 83 14.83 3.67 -6.24
CA SER A 83 14.82 2.29 -5.67
C SER A 83 13.42 1.69 -5.75
N MET A 84 12.52 2.19 -4.96
CA MET A 84 11.15 1.64 -4.99
C MET A 84 10.59 1.78 -6.39
N HIS A 85 11.12 2.72 -7.11
CA HIS A 85 10.65 2.96 -8.49
C HIS A 85 10.86 1.71 -9.34
N ASP A 86 12.04 1.15 -9.24
CA ASP A 86 12.33 -0.07 -10.03
C ASP A 86 11.48 -1.23 -9.54
N ILE A 87 11.34 -1.34 -8.25
CA ILE A 87 10.53 -2.43 -7.69
C ILE A 87 9.06 -2.20 -8.02
N ALA A 88 8.73 -0.96 -8.24
CA ALA A 88 7.34 -0.63 -8.57
C ALA A 88 7.03 -1.00 -10.00
N MET A 89 8.02 -0.86 -10.83
CA MET A 89 7.82 -1.19 -12.26
C MET A 89 7.71 -2.70 -12.44
N HIS A 90 8.41 -3.42 -11.61
CA HIS A 90 8.37 -4.90 -11.71
C HIS A 90 7.00 -5.41 -11.29
N MET A 91 6.51 -4.90 -10.19
CA MET A 91 5.18 -5.35 -9.71
C MET A 91 4.10 -4.98 -10.71
N GLY A 92 4.27 -3.86 -11.36
CA GLY A 92 3.26 -3.41 -12.36
C GLY A 92 2.91 -4.56 -13.31
N LYS A 93 3.68 -5.60 -13.26
CA LYS A 93 3.43 -6.75 -14.15
C LYS A 93 2.30 -7.62 -13.60
N ARG A 94 1.25 -6.97 -13.13
CA ARG A 94 0.11 -7.74 -12.58
C ARG A 94 -1.09 -6.84 -12.32
N CYS A 95 -0.83 -5.66 -11.82
CA CYS A 95 -1.95 -4.73 -11.55
C CYS A 95 -2.24 -3.83 -12.75
N LEU A 96 -2.60 -2.60 -12.46
CA LEU A 96 -2.91 -1.63 -13.55
C LEU A 96 -4.32 -1.85 -14.10
N TYR A 97 -5.25 -2.03 -13.21
CA TYR A 97 -6.66 -2.25 -13.67
C TYR A 97 -7.61 -2.29 -12.47
N PRO A 98 -7.70 -1.17 -11.79
CA PRO A 98 -8.56 -1.05 -10.62
C PRO A 98 -9.99 -1.47 -10.92
N GLU A 99 -10.40 -2.52 -10.26
CA GLU A 99 -11.77 -3.04 -10.47
C GLU A 99 -12.60 -2.89 -9.19
N GLY A 100 -13.36 -1.83 -9.13
CA GLY A 100 -14.20 -1.61 -7.91
C GLY A 100 -15.38 -0.70 -8.24
N GLU A 101 -15.36 0.48 -7.67
CA GLU A 101 -16.47 1.43 -7.93
C GLU A 101 -16.17 2.76 -7.25
N ASN A 102 -15.21 2.75 -6.37
CA ASN A 102 -14.85 4.01 -5.66
C ASN A 102 -13.40 3.95 -5.20
N LEU A 103 -12.92 5.05 -4.69
CA LEU A 103 -11.51 5.07 -4.22
C LEU A 103 -11.23 3.91 -3.27
N CYS A 104 -12.09 3.74 -2.29
CA CYS A 104 -11.90 2.63 -1.33
C CYS A 104 -11.66 1.30 -2.05
N GLU A 105 -12.64 0.88 -2.80
CA GLU A 105 -12.49 -0.41 -3.54
C GLU A 105 -11.26 -0.37 -4.43
N LYS A 106 -11.06 0.73 -5.09
CA LYS A 106 -9.89 0.85 -5.98
C LYS A 106 -8.59 0.73 -5.18
N ALA A 107 -8.41 1.61 -4.22
CA ALA A 107 -7.18 1.55 -3.40
C ALA A 107 -6.85 0.10 -3.06
N PHE A 108 -7.87 -0.62 -2.72
CA PHE A 108 -7.67 -2.06 -2.36
C PHE A 108 -7.22 -2.87 -3.57
N TRP A 109 -7.85 -2.65 -4.71
CA TRP A 109 -7.45 -3.41 -5.91
C TRP A 109 -5.95 -3.39 -6.10
N LEU A 110 -5.37 -2.23 -6.08
CA LEU A 110 -3.90 -2.13 -6.25
C LEU A 110 -3.16 -2.90 -5.16
N HIS A 111 -3.53 -2.65 -3.92
CA HIS A 111 -2.84 -3.38 -2.83
C HIS A 111 -2.96 -4.87 -3.04
N LYS A 112 -4.17 -5.34 -3.15
CA LYS A 112 -4.35 -6.79 -3.37
C LYS A 112 -3.58 -7.21 -4.60
N CYS A 113 -3.39 -6.28 -5.51
CA CYS A 113 -2.65 -6.61 -6.74
C CYS A 113 -1.15 -6.47 -6.52
N TRP A 114 -0.78 -5.52 -5.70
CA TRP A 114 0.67 -5.33 -5.43
C TRP A 114 1.17 -6.40 -4.48
N LYS A 115 0.24 -7.05 -3.81
CA LYS A 115 0.64 -8.11 -2.87
C LYS A 115 0.81 -9.44 -3.60
N GLN A 116 -0.17 -9.75 -4.43
CA GLN A 116 -0.09 -11.02 -5.18
C GLN A 116 1.02 -10.95 -6.23
N ALA A 117 1.35 -9.76 -6.63
CA ALA A 117 2.42 -9.60 -7.65
C ALA A 117 3.69 -10.33 -7.24
N ASP A 118 4.18 -10.02 -6.07
CA ASP A 118 5.42 -10.69 -5.59
C ASP A 118 5.47 -10.68 -4.07
N PRO A 119 4.82 -11.65 -3.46
CA PRO A 119 4.80 -11.76 -2.00
C PRO A 119 6.21 -12.02 -1.44
N LYS A 120 6.95 -10.97 -1.29
CA LYS A 120 8.32 -11.09 -0.75
C LYS A 120 8.90 -9.73 -0.44
N HIS A 121 8.45 -8.74 -1.18
CA HIS A 121 8.95 -7.37 -0.97
C HIS A 121 7.89 -6.52 -0.29
N TYR A 122 6.68 -7.02 -0.28
CA TYR A 122 5.57 -6.28 0.36
C TYR A 122 5.71 -6.27 1.88
N PHE A 123 5.37 -5.16 2.47
CA PHE A 123 5.47 -5.05 3.96
C PHE A 123 4.20 -4.44 4.53
N LEU A 124 4.30 -3.23 4.99
CA LEU A 124 3.11 -2.57 5.55
C LEU A 124 2.21 -2.06 4.43
N VAL A 125 2.78 -1.29 3.55
CA VAL A 125 1.98 -0.74 2.42
C VAL A 125 1.93 -1.74 1.26
N ASP A 1 3.87 -23.12 0.75
CA ASP A 1 3.52 -22.60 -0.59
C ASP A 1 3.89 -21.13 -0.70
N VAL A 2 5.10 -20.87 -1.13
CA VAL A 2 5.54 -19.46 -1.26
C VAL A 2 5.37 -18.71 0.06
N THR A 3 6.39 -18.74 0.88
CA THR A 3 6.30 -18.03 2.18
C THR A 3 6.88 -16.60 2.07
N PRO A 4 6.17 -15.62 2.66
CA PRO A 4 6.63 -14.23 2.61
C PRO A 4 7.98 -14.05 3.28
N ARG A 5 8.70 -13.04 2.86
CA ARG A 5 10.04 -12.80 3.45
C ARG A 5 10.31 -11.30 3.51
N ARG A 6 10.20 -10.75 4.69
CA ARG A 6 10.45 -9.31 4.83
C ARG A 6 10.58 -8.94 6.29
N ASP A 7 10.86 -7.69 6.55
CA ASP A 7 11.01 -7.25 7.95
C ASP A 7 11.58 -5.85 8.01
N ALA A 8 11.72 -5.34 9.21
CA ALA A 8 12.26 -3.98 9.35
C ALA A 8 13.78 -4.02 9.37
N GLU A 9 14.33 -4.88 8.55
CA GLU A 9 15.81 -5.01 8.48
C GLU A 9 16.29 -5.01 7.05
N TYR A 10 15.54 -5.65 6.18
CA TYR A 10 15.96 -5.68 4.76
C TYR A 10 15.78 -4.29 4.12
N PRO A 11 14.63 -3.69 4.37
CA PRO A 11 14.31 -2.38 3.84
C PRO A 11 14.86 -1.28 4.76
N PRO A 12 15.25 -0.16 4.19
CA PRO A 12 15.78 0.95 5.00
C PRO A 12 14.71 1.42 6.00
N PRO A 13 14.97 1.25 7.29
CA PRO A 13 14.02 1.67 8.32
C PRO A 13 13.72 3.16 8.26
N GLU A 14 14.61 3.91 7.67
CA GLU A 14 14.38 5.38 7.58
C GLU A 14 13.10 5.69 6.78
N LEU A 15 13.00 5.11 5.61
CA LEU A 15 11.81 5.36 4.79
C LEU A 15 10.58 4.87 5.52
N LEU A 16 10.76 3.84 6.30
CA LEU A 16 9.63 3.30 7.04
C LEU A 16 9.32 4.17 8.24
N GLU A 17 10.37 4.57 8.92
CA GLU A 17 10.19 5.44 10.11
C GLU A 17 9.23 6.59 9.81
N ALA A 18 9.30 7.10 8.62
CA ALA A 18 8.40 8.22 8.26
C ALA A 18 7.01 7.72 7.84
N LEU A 19 7.00 6.68 7.05
CA LEU A 19 5.69 6.14 6.61
C LEU A 19 4.95 5.49 7.77
N LYS A 20 5.69 4.87 8.64
CA LYS A 20 5.05 4.21 9.81
C LYS A 20 4.04 5.15 10.49
N PRO A 21 4.51 6.29 10.98
CA PRO A 21 3.63 7.25 11.63
C PRO A 21 2.52 7.66 10.70
N LEU A 22 2.88 8.06 9.51
CA LEU A 22 1.85 8.47 8.54
C LEU A 22 0.80 7.38 8.45
N HIS A 23 1.26 6.16 8.45
CA HIS A 23 0.31 5.03 8.36
C HIS A 23 -0.57 5.00 9.60
N ASP A 24 0.01 5.39 10.70
CA ASP A 24 -0.76 5.41 11.97
C ASP A 24 -1.85 6.47 11.90
N ILE A 25 -1.51 7.61 11.38
CA ILE A 25 -2.51 8.70 11.28
C ILE A 25 -3.73 8.22 10.50
N CYS A 26 -3.49 7.72 9.32
CA CYS A 26 -4.63 7.24 8.49
C CYS A 26 -5.22 5.96 9.11
N ALA A 27 -4.36 5.05 9.49
CA ALA A 27 -4.86 3.80 10.10
C ALA A 27 -5.63 4.11 11.37
N LYS A 28 -5.23 5.18 12.02
CA LYS A 28 -5.91 5.58 13.28
C LYS A 28 -7.19 6.32 12.95
N LYS A 29 -7.26 6.81 11.75
CA LYS A 29 -8.47 7.56 11.33
C LYS A 29 -9.50 6.61 10.76
N THR A 30 -9.04 5.63 10.05
CA THR A 30 -9.97 4.66 9.45
C THR A 30 -10.52 3.72 10.51
N GLY A 31 -9.95 3.78 11.68
CA GLY A 31 -10.43 2.89 12.79
C GLY A 31 -9.89 1.47 12.61
N VAL A 32 -9.27 1.21 11.48
CA VAL A 32 -8.72 -0.15 11.24
C VAL A 32 -7.88 -0.61 12.43
N THR A 33 -7.48 -1.86 12.41
CA THR A 33 -6.66 -2.39 13.52
C THR A 33 -5.30 -2.83 13.03
N ASP A 34 -4.28 -2.42 13.75
CA ASP A 34 -2.90 -2.81 13.34
C ASP A 34 -2.88 -4.27 12.93
N GLU A 35 -3.62 -5.08 13.62
CA GLU A 35 -3.65 -6.51 13.28
C GLU A 35 -4.21 -6.67 11.88
N ALA A 36 -5.40 -6.16 11.65
CA ALA A 36 -5.99 -6.28 10.31
C ALA A 36 -4.97 -5.87 9.29
N ILE A 37 -4.30 -4.78 9.57
CA ILE A 37 -3.28 -4.29 8.63
C ILE A 37 -2.19 -5.36 8.46
N ILE A 38 -1.62 -5.76 9.56
CA ILE A 38 -0.54 -6.79 9.48
C ILE A 38 -1.09 -8.03 8.78
N GLU A 39 -2.22 -8.51 9.27
CA GLU A 39 -2.81 -9.71 8.66
C GLU A 39 -2.76 -9.62 7.15
N PHE A 40 -3.11 -8.47 6.64
CA PHE A 40 -3.08 -8.28 5.18
C PHE A 40 -1.67 -8.49 4.66
N SER A 41 -0.72 -8.11 5.47
CA SER A 41 0.70 -8.27 5.07
C SER A 41 1.18 -9.68 5.37
N ASP A 42 1.21 -10.02 6.62
CA ASP A 42 1.68 -11.38 7.00
C ASP A 42 0.57 -12.39 6.77
N GLY A 43 -0.61 -12.06 7.23
CA GLY A 43 -1.74 -13.01 7.04
C GLY A 43 -2.15 -13.04 5.57
N LYS A 44 -3.33 -13.56 5.32
CA LYS A 44 -3.81 -13.63 3.92
C LYS A 44 -4.79 -12.50 3.61
N ILE A 45 -4.68 -11.97 2.41
CA ILE A 45 -5.58 -10.85 2.00
C ILE A 45 -6.98 -10.99 2.59
N HIS A 46 -7.44 -9.92 3.19
CA HIS A 46 -8.80 -9.94 3.79
C HIS A 46 -9.56 -8.68 3.41
N GLU A 47 -10.66 -8.85 2.74
CA GLU A 47 -11.48 -7.70 2.31
C GLU A 47 -12.06 -6.94 3.50
N ASP A 48 -11.20 -6.36 4.27
CA ASP A 48 -11.69 -5.60 5.45
C ASP A 48 -12.19 -4.23 5.01
N GLU A 49 -13.48 -4.08 5.00
CA GLU A 49 -14.08 -2.77 4.58
C GLU A 49 -13.24 -1.58 5.03
N LYS A 50 -12.55 -1.73 6.13
CA LYS A 50 -11.72 -0.61 6.61
C LYS A 50 -10.39 -0.59 5.90
N LEU A 51 -9.68 -1.70 5.96
CA LEU A 51 -8.38 -1.73 5.28
C LEU A 51 -8.54 -1.17 3.88
N LYS A 52 -9.72 -1.33 3.33
CA LYS A 52 -9.97 -0.82 1.98
C LYS A 52 -10.04 0.70 2.01
N CYS A 53 -10.75 1.20 2.99
CA CYS A 53 -10.88 2.67 3.11
C CYS A 53 -9.57 3.25 3.60
N TYR A 54 -8.98 2.60 4.56
CA TYR A 54 -7.71 3.12 5.08
C TYR A 54 -6.74 3.31 3.93
N MET A 55 -6.76 2.37 3.01
CA MET A 55 -5.85 2.50 1.86
C MET A 55 -6.18 3.77 1.11
N ASN A 56 -7.46 3.97 0.86
CA ASN A 56 -7.87 5.18 0.14
C ASN A 56 -7.46 6.41 0.94
N CYS A 57 -7.70 6.34 2.22
CA CYS A 57 -7.33 7.49 3.08
C CYS A 57 -5.86 7.82 2.93
N LEU A 58 -5.06 6.80 2.74
CA LEU A 58 -3.61 7.02 2.58
C LEU A 58 -3.35 7.85 1.34
N PHE A 59 -3.96 7.46 0.24
CA PHE A 59 -3.75 8.22 -1.02
C PHE A 59 -3.97 9.71 -0.77
N HIS A 60 -5.11 10.04 -0.22
CA HIS A 60 -5.40 11.47 0.05
C HIS A 60 -4.41 12.03 1.07
N GLU A 61 -4.37 11.42 2.22
CA GLU A 61 -3.45 11.91 3.27
C GLU A 61 -2.06 12.21 2.70
N ALA A 62 -1.52 11.26 1.99
CA ALA A 62 -0.18 11.46 1.39
C ALA A 62 -0.24 12.49 0.27
N LYS A 63 -1.40 13.00 0.02
CA LYS A 63 -1.57 14.00 -1.06
C LYS A 63 -0.98 13.51 -2.39
N VAL A 64 -1.03 12.21 -2.60
CA VAL A 64 -0.47 11.64 -3.87
C VAL A 64 -1.60 11.34 -4.86
N VAL A 65 -2.75 11.90 -4.61
CA VAL A 65 -3.90 11.64 -5.51
C VAL A 65 -3.93 12.64 -6.66
N ASP A 66 -4.63 12.29 -7.72
CA ASP A 66 -4.72 13.21 -8.88
C ASP A 66 -5.76 14.30 -8.64
N ASP A 67 -6.76 14.33 -9.49
CA ASP A 67 -7.83 15.37 -9.34
C ASP A 67 -9.18 14.71 -9.08
N ASN A 68 -9.16 13.43 -8.85
CA ASN A 68 -10.43 12.71 -8.59
C ASN A 68 -10.23 11.58 -7.58
N GLY A 69 -8.99 11.31 -7.26
CA GLY A 69 -8.70 10.21 -6.29
C GLY A 69 -8.25 8.95 -7.01
N ASP A 70 -7.68 9.13 -8.18
CA ASP A 70 -7.22 7.94 -8.95
C ASP A 70 -5.75 7.66 -8.66
N VAL A 71 -5.39 7.73 -7.37
CA VAL A 71 -3.98 7.48 -6.93
C VAL A 71 -2.98 7.65 -8.07
N HIS A 72 -2.72 8.88 -8.41
CA HIS A 72 -1.76 9.14 -9.51
C HIS A 72 -0.48 8.32 -9.31
N LEU A 73 0.03 7.81 -10.40
CA LEU A 73 1.28 7.00 -10.29
C LEU A 73 2.52 7.87 -10.45
N GLU A 74 2.32 9.07 -10.93
CA GLU A 74 3.48 9.97 -11.11
C GLU A 74 3.98 10.51 -9.77
N LYS A 75 3.07 10.91 -8.93
CA LYS A 75 3.48 11.45 -7.61
C LYS A 75 3.83 10.31 -6.67
N LEU A 76 3.23 9.17 -6.88
CA LEU A 76 3.51 8.01 -6.02
C LEU A 76 4.93 7.50 -6.23
N ARG A 77 5.21 7.09 -7.44
CA ARG A 77 6.56 6.58 -7.73
C ARG A 77 7.62 7.62 -7.43
N ASP A 78 7.36 8.85 -7.83
CA ASP A 78 8.34 9.92 -7.56
C ASP A 78 8.56 10.09 -6.06
N SER A 79 7.57 9.77 -5.29
CA SER A 79 7.70 9.91 -3.82
C SER A 79 8.72 8.91 -3.29
N LEU A 80 8.40 7.65 -3.37
CA LEU A 80 9.34 6.62 -2.87
C LEU A 80 10.68 6.72 -3.61
N PRO A 81 11.73 6.22 -2.97
CA PRO A 81 13.07 6.25 -3.56
C PRO A 81 13.11 5.51 -4.89
N ASN A 82 14.19 5.66 -5.61
CA ASN A 82 14.31 4.97 -6.91
C ASN A 82 14.32 3.46 -6.71
N SER A 83 14.72 3.04 -5.54
CA SER A 83 14.76 1.59 -5.25
C SER A 83 13.37 0.98 -5.33
N MET A 84 12.51 1.37 -4.42
CA MET A 84 11.14 0.82 -4.44
C MET A 84 10.49 1.06 -5.80
N HIS A 85 10.74 2.22 -6.36
CA HIS A 85 10.14 2.53 -7.67
C HIS A 85 10.54 1.48 -8.72
N ASP A 86 11.77 1.03 -8.65
CA ASP A 86 12.23 0.00 -9.62
C ASP A 86 11.48 -1.31 -9.41
N ILE A 87 11.44 -1.76 -8.18
CA ILE A 87 10.74 -3.02 -7.91
C ILE A 87 9.31 -2.88 -8.36
N ALA A 88 8.89 -1.65 -8.51
CA ALA A 88 7.52 -1.40 -8.95
C ALA A 88 7.43 -1.59 -10.44
N MET A 89 8.48 -1.22 -11.13
CA MET A 89 8.49 -1.37 -12.60
C MET A 89 8.24 -2.82 -12.95
N HIS A 90 8.84 -3.69 -12.18
CA HIS A 90 8.66 -5.14 -12.45
C HIS A 90 7.23 -5.57 -12.11
N MET A 91 6.86 -5.41 -10.86
CA MET A 91 5.49 -5.80 -10.45
C MET A 91 4.45 -5.10 -11.32
N GLY A 92 4.90 -4.15 -12.10
CA GLY A 92 3.95 -3.41 -12.97
C GLY A 92 3.47 -4.32 -14.11
N LYS A 93 4.07 -5.48 -14.21
CA LYS A 93 3.69 -6.45 -15.28
C LYS A 93 2.20 -6.37 -15.61
N ARG A 94 1.39 -6.88 -14.71
CA ARG A 94 -0.08 -6.85 -14.96
C ARG A 94 -0.82 -6.50 -13.67
N CYS A 95 -0.40 -5.42 -13.04
CA CYS A 95 -1.05 -5.00 -11.78
C CYS A 95 -1.15 -3.48 -11.70
N LEU A 96 -1.70 -2.89 -12.71
CA LEU A 96 -1.84 -1.41 -12.72
C LEU A 96 -3.10 -1.00 -13.46
N TYR A 97 -4.22 -1.51 -13.03
CA TYR A 97 -5.50 -1.15 -13.70
C TYR A 97 -6.71 -1.49 -12.82
N PRO A 98 -6.92 -0.69 -11.78
CA PRO A 98 -8.04 -0.90 -10.87
C PRO A 98 -9.37 -1.09 -11.62
N GLU A 99 -10.21 -1.93 -11.07
CA GLU A 99 -11.53 -2.19 -11.72
C GLU A 99 -12.66 -2.11 -10.71
N GLY A 100 -12.66 -1.05 -9.93
CA GLY A 100 -13.73 -0.89 -8.92
C GLY A 100 -14.77 0.12 -9.40
N GLU A 101 -14.90 1.18 -8.66
CA GLU A 101 -15.87 2.23 -9.03
C GLU A 101 -15.89 3.33 -7.99
N ASN A 102 -15.22 3.09 -6.89
CA ASN A 102 -15.18 4.10 -5.80
C ASN A 102 -13.74 4.33 -5.36
N LEU A 103 -13.57 5.11 -4.32
CA LEU A 103 -12.20 5.38 -3.83
C LEU A 103 -11.68 4.24 -2.98
N CYS A 104 -12.55 3.65 -2.21
CA CYS A 104 -12.13 2.53 -1.35
C CYS A 104 -12.00 1.24 -2.17
N GLU A 105 -12.90 1.08 -3.11
CA GLU A 105 -12.84 -0.14 -3.95
C GLU A 105 -11.50 -0.21 -4.69
N LYS A 106 -11.10 0.89 -5.27
CA LYS A 106 -9.82 0.90 -6.01
C LYS A 106 -8.65 0.71 -5.06
N ALA A 107 -8.62 1.50 -4.02
CA ALA A 107 -7.52 1.38 -3.03
C ALA A 107 -7.22 -0.08 -2.75
N PHE A 108 -8.25 -0.87 -2.72
CA PHE A 108 -8.06 -2.31 -2.45
C PHE A 108 -7.53 -3.03 -3.69
N TRP A 109 -8.16 -2.80 -4.82
CA TRP A 109 -7.68 -3.47 -6.06
C TRP A 109 -6.18 -3.36 -6.16
N LEU A 110 -5.67 -2.17 -5.98
CA LEU A 110 -4.21 -1.97 -6.08
C LEU A 110 -3.48 -2.79 -5.03
N HIS A 111 -3.71 -2.48 -3.78
CA HIS A 111 -3.01 -3.26 -2.73
C HIS A 111 -3.13 -4.73 -3.03
N LYS A 112 -4.32 -5.15 -3.39
CA LYS A 112 -4.51 -6.57 -3.71
C LYS A 112 -3.64 -6.95 -4.90
N CYS A 113 -3.36 -5.97 -5.73
CA CYS A 113 -2.50 -6.24 -6.91
C CYS A 113 -1.04 -6.13 -6.53
N TRP A 114 -0.72 -5.10 -5.77
CA TRP A 114 0.67 -4.92 -5.35
C TRP A 114 1.08 -6.05 -4.41
N LYS A 115 0.10 -6.69 -3.81
CA LYS A 115 0.40 -7.80 -2.87
C LYS A 115 0.50 -9.13 -3.61
N GLN A 116 -0.58 -9.50 -4.26
CA GLN A 116 -0.57 -10.78 -5.00
C GLN A 116 0.70 -10.91 -5.85
N ALA A 117 1.14 -9.80 -6.38
CA ALA A 117 2.37 -9.82 -7.22
C ALA A 117 3.51 -10.50 -6.49
N ASP A 118 3.75 -10.07 -5.29
CA ASP A 118 4.85 -10.69 -4.50
C ASP A 118 4.70 -10.33 -3.02
N PRO A 119 4.19 -11.27 -2.23
CA PRO A 119 4.00 -11.04 -0.80
C PRO A 119 5.31 -10.73 -0.10
N LYS A 120 6.40 -11.14 -0.71
CA LYS A 120 7.71 -10.88 -0.08
C LYS A 120 8.07 -9.40 -0.17
N HIS A 121 8.58 -9.00 -1.30
CA HIS A 121 8.94 -7.58 -1.48
C HIS A 121 7.82 -6.66 -1.03
N TYR A 122 6.65 -7.20 -0.88
CA TYR A 122 5.51 -6.36 -0.44
C TYR A 122 5.91 -5.47 0.73
N PHE A 123 5.33 -4.31 0.80
CA PHE A 123 5.69 -3.39 1.91
C PHE A 123 4.85 -3.69 3.15
N LEU A 124 4.79 -2.73 4.04
CA LEU A 124 4.00 -2.94 5.28
C LEU A 124 4.61 -4.05 6.12
N VAL A 125 5.23 -3.68 7.20
CA VAL A 125 5.84 -4.71 8.08
C VAL A 125 4.78 -5.48 8.84
N ASP A 1 0.91 -18.94 1.62
CA ASP A 1 2.19 -19.60 2.00
C ASP A 1 3.22 -18.55 2.37
N VAL A 2 4.07 -18.89 3.29
CA VAL A 2 5.12 -17.93 3.73
C VAL A 2 6.00 -17.50 2.56
N THR A 3 5.96 -16.24 2.25
CA THR A 3 6.79 -15.73 1.12
C THR A 3 7.32 -14.26 1.30
N PRO A 4 6.70 -13.46 2.17
CA PRO A 4 7.16 -12.08 2.37
C PRO A 4 8.56 -12.02 2.97
N ARG A 5 9.39 -11.22 2.38
CA ARG A 5 10.78 -11.10 2.87
C ARG A 5 10.86 -10.00 3.92
N ARG A 6 11.75 -10.18 4.86
CA ARG A 6 11.90 -9.17 5.93
C ARG A 6 13.14 -9.43 6.75
N ASP A 7 13.91 -8.41 6.92
CA ASP A 7 15.16 -8.53 7.70
C ASP A 7 15.72 -7.16 7.95
N ALA A 8 16.46 -7.02 9.00
CA ALA A 8 17.04 -5.69 9.28
C ALA A 8 18.11 -5.35 8.25
N GLU A 9 17.76 -5.44 6.99
CA GLU A 9 18.78 -5.13 5.95
C GLU A 9 18.16 -4.89 4.56
N TYR A 10 17.03 -5.52 4.28
CA TYR A 10 16.42 -5.30 2.93
C TYR A 10 15.44 -4.12 2.91
N PRO A 11 14.76 -3.90 4.01
CA PRO A 11 13.80 -2.81 4.14
C PRO A 11 14.47 -1.54 4.69
N PRO A 12 14.54 -0.49 3.89
CA PRO A 12 15.15 0.76 4.35
C PRO A 12 14.30 1.35 5.50
N PRO A 13 14.87 1.42 6.71
CA PRO A 13 14.15 1.96 7.87
C PRO A 13 13.66 3.40 7.65
N GLU A 14 14.50 4.22 7.12
CA GLU A 14 14.09 5.64 6.90
C GLU A 14 12.68 5.73 6.33
N LEU A 15 12.37 4.88 5.40
CA LEU A 15 11.01 4.92 4.80
C LEU A 15 9.98 4.35 5.77
N LEU A 16 10.45 3.61 6.73
CA LEU A 16 9.50 3.03 7.70
C LEU A 16 9.17 4.05 8.78
N GLU A 17 10.11 4.92 9.04
CA GLU A 17 9.88 5.96 10.08
C GLU A 17 8.93 7.04 9.57
N ALA A 18 9.00 7.31 8.29
CA ALA A 18 8.10 8.36 7.74
C ALA A 18 6.72 7.77 7.40
N LEU A 19 6.71 6.54 6.97
CA LEU A 19 5.42 5.90 6.61
C LEU A 19 4.63 5.48 7.84
N LYS A 20 5.30 4.96 8.84
CA LYS A 20 4.57 4.53 10.05
C LYS A 20 3.67 5.66 10.58
N PRO A 21 4.22 6.86 10.79
CA PRO A 21 3.43 7.97 11.28
C PRO A 21 2.32 8.30 10.31
N LEU A 22 2.67 8.56 9.08
CA LEU A 22 1.61 8.89 8.10
C LEU A 22 0.51 7.85 8.21
N HIS A 23 0.92 6.61 8.25
CA HIS A 23 -0.05 5.50 8.35
C HIS A 23 -0.87 5.63 9.63
N ASP A 24 -0.19 5.89 10.71
CA ASP A 24 -0.89 6.04 12.00
C ASP A 24 -2.03 7.05 11.90
N ILE A 25 -1.76 8.13 11.22
CA ILE A 25 -2.80 9.17 11.07
C ILE A 25 -4.04 8.59 10.37
N CYS A 26 -3.85 7.99 9.23
CA CYS A 26 -5.01 7.42 8.52
C CYS A 26 -5.54 6.18 9.25
N ALA A 27 -4.67 5.27 9.55
CA ALA A 27 -5.11 4.05 10.26
C ALA A 27 -5.85 4.43 11.53
N LYS A 28 -5.35 5.42 12.22
CA LYS A 28 -6.03 5.85 13.47
C LYS A 28 -7.32 6.57 13.15
N LYS A 29 -7.43 7.05 11.94
CA LYS A 29 -8.68 7.75 11.56
C LYS A 29 -9.71 6.75 11.08
N THR A 30 -9.25 5.79 10.36
CA THR A 30 -10.17 4.76 9.86
C THR A 30 -10.48 3.76 10.95
N GLY A 31 -9.77 3.87 12.05
CA GLY A 31 -10.01 2.94 13.18
C GLY A 31 -9.27 1.61 12.95
N VAL A 32 -8.69 1.48 11.78
CA VAL A 32 -7.96 0.22 11.46
C VAL A 32 -6.98 -0.15 12.57
N THR A 33 -6.49 -1.36 12.53
CA THR A 33 -5.53 -1.80 13.57
C THR A 33 -4.45 -2.69 12.99
N ASP A 34 -3.26 -2.56 13.52
CA ASP A 34 -2.14 -3.40 13.01
C ASP A 34 -2.61 -4.83 12.77
N GLU A 35 -3.38 -5.33 13.69
CA GLU A 35 -3.87 -6.73 13.53
C GLU A 35 -4.42 -6.92 12.13
N ALA A 36 -5.32 -6.06 11.74
CA ALA A 36 -5.91 -6.18 10.38
C ALA A 36 -4.84 -5.97 9.33
N ILE A 37 -4.01 -4.97 9.56
CA ILE A 37 -2.93 -4.70 8.58
C ILE A 37 -2.02 -5.91 8.40
N ILE A 38 -1.64 -6.51 9.50
CA ILE A 38 -0.76 -7.70 9.41
C ILE A 38 -1.47 -8.86 8.71
N GLU A 39 -2.53 -9.35 9.31
CA GLU A 39 -3.27 -10.48 8.68
C GLU A 39 -3.40 -10.27 7.18
N PHE A 40 -3.41 -9.02 6.78
CA PHE A 40 -3.55 -8.74 5.32
C PHE A 40 -2.20 -8.89 4.61
N SER A 41 -1.15 -8.59 5.31
CA SER A 41 0.19 -8.71 4.69
C SER A 41 0.77 -10.11 4.89
N ASP A 42 1.11 -10.41 6.12
CA ASP A 42 1.69 -11.74 6.40
C ASP A 42 0.61 -12.83 6.35
N GLY A 43 -0.51 -12.56 6.95
CA GLY A 43 -1.62 -13.56 6.95
C GLY A 43 -2.29 -13.63 5.58
N LYS A 44 -3.52 -14.06 5.56
CA LYS A 44 -4.24 -14.16 4.27
C LYS A 44 -5.02 -12.88 3.99
N ILE A 45 -4.99 -12.46 2.74
CA ILE A 45 -5.72 -11.22 2.38
C ILE A 45 -7.19 -11.27 2.84
N HIS A 46 -7.64 -10.17 3.40
CA HIS A 46 -9.04 -10.12 3.88
C HIS A 46 -9.69 -8.80 3.44
N GLU A 47 -10.99 -8.81 3.33
CA GLU A 47 -11.70 -7.57 2.90
C GLU A 47 -12.29 -6.81 4.08
N ASP A 48 -11.45 -6.27 4.91
CA ASP A 48 -11.97 -5.52 6.07
C ASP A 48 -12.47 -4.15 5.62
N GLU A 49 -13.76 -3.96 5.69
CA GLU A 49 -14.36 -2.66 5.26
C GLU A 49 -13.45 -1.48 5.58
N LYS A 50 -12.69 -1.60 6.63
CA LYS A 50 -11.79 -0.48 7.00
C LYS A 50 -10.52 -0.53 6.17
N LEU A 51 -9.82 -1.63 6.24
CA LEU A 51 -8.57 -1.74 5.45
C LEU A 51 -8.81 -1.22 4.06
N LYS A 52 -10.03 -1.36 3.59
CA LYS A 52 -10.35 -0.88 2.24
C LYS A 52 -10.45 0.64 2.25
N CYS A 53 -11.10 1.16 3.26
CA CYS A 53 -11.24 2.63 3.36
C CYS A 53 -9.94 3.24 3.82
N TYR A 54 -9.35 2.65 4.84
CA TYR A 54 -8.08 3.20 5.33
C TYR A 54 -7.15 3.40 4.15
N MET A 55 -7.04 2.40 3.30
CA MET A 55 -6.15 2.55 2.14
C MET A 55 -6.56 3.80 1.40
N ASN A 56 -7.81 3.84 1.01
CA ASN A 56 -8.29 5.04 0.29
C ASN A 56 -7.87 6.28 1.05
N CYS A 57 -8.09 6.26 2.34
CA CYS A 57 -7.72 7.42 3.17
C CYS A 57 -6.24 7.70 3.03
N LEU A 58 -5.48 6.67 2.76
CA LEU A 58 -4.03 6.86 2.60
C LEU A 58 -3.73 7.59 1.30
N PHE A 59 -4.40 7.19 0.26
CA PHE A 59 -4.17 7.85 -1.05
C PHE A 59 -4.28 9.35 -0.90
N HIS A 60 -5.32 9.79 -0.24
CA HIS A 60 -5.50 11.25 -0.04
C HIS A 60 -4.34 11.85 0.76
N GLU A 61 -4.21 11.42 1.98
CA GLU A 61 -3.11 11.95 2.83
C GLU A 61 -1.79 12.00 2.05
N ALA A 62 -1.39 10.88 1.54
CA ALA A 62 -0.11 10.86 0.77
C ALA A 62 -0.06 11.97 -0.26
N LYS A 63 -1.22 12.43 -0.66
CA LYS A 63 -1.26 13.52 -1.66
C LYS A 63 -0.81 13.02 -3.03
N VAL A 64 -0.28 11.83 -3.05
CA VAL A 64 0.19 11.27 -4.34
C VAL A 64 -0.95 11.24 -5.37
N VAL A 65 -2.11 11.68 -4.96
CA VAL A 65 -3.26 11.69 -5.89
C VAL A 65 -3.33 13.00 -6.65
N ASP A 66 -4.22 13.06 -7.61
CA ASP A 66 -4.37 14.30 -8.38
C ASP A 66 -5.13 15.35 -7.60
N ASP A 67 -6.14 15.91 -8.22
CA ASP A 67 -6.96 16.95 -7.53
C ASP A 67 -8.34 16.40 -7.20
N ASN A 68 -8.44 15.11 -7.05
CA ASN A 68 -9.77 14.53 -6.74
C ASN A 68 -9.64 13.15 -6.11
N GLY A 69 -8.45 12.58 -6.18
CA GLY A 69 -8.24 11.21 -5.59
C GLY A 69 -8.05 10.17 -6.69
N ASP A 70 -7.33 10.54 -7.72
CA ASP A 70 -7.10 9.58 -8.83
C ASP A 70 -5.81 8.82 -8.63
N VAL A 71 -5.30 8.87 -7.43
CA VAL A 71 -4.02 8.16 -7.11
C VAL A 71 -3.08 8.12 -8.31
N HIS A 72 -2.40 9.21 -8.54
CA HIS A 72 -1.45 9.26 -9.68
C HIS A 72 -0.21 8.42 -9.37
N LEU A 73 0.34 7.79 -10.37
CA LEU A 73 1.56 6.96 -10.14
C LEU A 73 2.84 7.79 -10.30
N GLU A 74 2.68 8.97 -10.82
CA GLU A 74 3.88 9.84 -11.01
C GLU A 74 4.50 10.24 -9.68
N LYS A 75 3.72 10.83 -8.83
CA LYS A 75 4.24 11.25 -7.51
C LYS A 75 4.37 10.07 -6.57
N LEU A 76 3.67 9.02 -6.88
CA LEU A 76 3.74 7.82 -6.00
C LEU A 76 5.13 7.23 -6.02
N ARG A 77 5.64 6.97 -7.19
CA ARG A 77 7.00 6.39 -7.29
C ARG A 77 8.05 7.44 -6.95
N ASP A 78 7.87 8.63 -7.46
CA ASP A 78 8.86 9.69 -7.17
C ASP A 78 9.07 9.84 -5.67
N SER A 79 8.04 9.57 -4.92
CA SER A 79 8.17 9.70 -3.44
C SER A 79 9.14 8.66 -2.90
N LEU A 80 9.50 7.71 -3.74
CA LEU A 80 10.43 6.64 -3.31
C LEU A 80 11.78 6.79 -4.02
N PRO A 81 12.80 6.15 -3.48
CA PRO A 81 14.14 6.21 -4.07
C PRO A 81 14.14 5.68 -5.51
N ASN A 82 15.31 5.43 -6.01
CA ASN A 82 15.41 4.92 -7.41
C ASN A 82 15.35 3.39 -7.43
N SER A 83 16.23 2.77 -6.69
CA SER A 83 16.25 1.29 -6.66
C SER A 83 14.84 0.74 -6.54
N MET A 84 14.13 1.21 -5.55
CA MET A 84 12.74 0.72 -5.37
C MET A 84 11.94 0.93 -6.64
N HIS A 85 12.27 1.97 -7.37
CA HIS A 85 11.53 2.24 -8.63
C HIS A 85 11.76 1.10 -9.63
N ASP A 86 12.99 0.66 -9.74
CA ASP A 86 13.29 -0.44 -10.68
C ASP A 86 12.43 -1.65 -10.36
N ILE A 87 12.41 -2.01 -9.10
CA ILE A 87 11.60 -3.19 -8.71
C ILE A 87 10.13 -2.86 -8.84
N ALA A 88 9.82 -1.61 -8.63
CA ALA A 88 8.42 -1.20 -8.73
C ALA A 88 8.01 -1.12 -10.19
N MET A 89 9.00 -0.94 -11.03
CA MET A 89 8.70 -0.84 -12.47
C MET A 89 8.23 -2.20 -12.99
N HIS A 90 9.01 -3.21 -12.71
CA HIS A 90 8.62 -4.56 -13.18
C HIS A 90 7.35 -5.03 -12.46
N MET A 91 7.16 -4.51 -11.28
CA MET A 91 5.96 -4.89 -10.50
C MET A 91 4.77 -4.00 -10.85
N GLY A 92 5.05 -2.74 -11.06
CA GLY A 92 3.95 -1.80 -11.41
C GLY A 92 3.27 -2.22 -12.72
N LYS A 93 3.99 -2.93 -13.54
CA LYS A 93 3.39 -3.37 -14.82
C LYS A 93 2.03 -4.02 -14.59
N ARG A 94 1.96 -4.90 -13.62
CA ARG A 94 0.67 -5.56 -13.33
C ARG A 94 -0.28 -4.62 -12.60
N CYS A 95 -0.11 -4.51 -11.31
CA CYS A 95 -1.00 -3.62 -10.53
C CYS A 95 -1.16 -2.26 -11.22
N LEU A 96 -2.19 -2.14 -12.02
CA LEU A 96 -2.40 -0.85 -12.72
C LEU A 96 -3.74 -0.80 -13.46
N TYR A 97 -4.79 -1.22 -12.80
CA TYR A 97 -6.12 -1.20 -13.47
C TYR A 97 -7.23 -1.73 -12.54
N PRO A 98 -7.58 -0.93 -11.55
CA PRO A 98 -8.62 -1.30 -10.59
C PRO A 98 -9.92 -1.66 -11.27
N GLU A 99 -10.69 -2.49 -10.61
CA GLU A 99 -12.00 -2.91 -11.18
C GLU A 99 -13.09 -2.93 -10.12
N GLY A 100 -13.19 -1.85 -9.38
CA GLY A 100 -14.23 -1.76 -8.31
C GLY A 100 -15.33 -0.80 -8.72
N GLU A 101 -15.43 0.29 -7.99
CA GLU A 101 -16.48 1.28 -8.32
C GLU A 101 -16.35 2.52 -7.43
N ASN A 102 -15.61 2.38 -6.36
CA ASN A 102 -15.42 3.52 -5.44
C ASN A 102 -13.98 3.57 -4.94
N LEU A 103 -13.56 4.74 -4.56
CA LEU A 103 -12.17 4.87 -4.07
C LEU A 103 -11.84 3.75 -3.09
N CYS A 104 -12.73 3.53 -2.16
CA CYS A 104 -12.49 2.45 -1.17
C CYS A 104 -12.25 1.12 -1.87
N GLU A 105 -13.16 0.77 -2.74
CA GLU A 105 -13.01 -0.50 -3.47
C GLU A 105 -11.75 -0.48 -4.32
N LYS A 106 -11.46 0.66 -4.90
CA LYS A 106 -10.25 0.77 -5.74
C LYS A 106 -9.00 0.67 -4.89
N ALA A 107 -8.90 1.54 -3.92
CA ALA A 107 -7.71 1.50 -3.03
C ALA A 107 -7.39 0.06 -2.65
N PHE A 108 -8.42 -0.72 -2.49
CA PHE A 108 -8.22 -2.13 -2.12
C PHE A 108 -7.68 -2.92 -3.31
N TRP A 109 -8.30 -2.73 -4.46
CA TRP A 109 -7.82 -3.48 -5.66
C TRP A 109 -6.31 -3.39 -5.75
N LEU A 110 -5.82 -2.18 -5.72
CA LEU A 110 -4.36 -1.98 -5.79
C LEU A 110 -3.64 -2.80 -4.73
N HIS A 111 -3.91 -2.48 -3.49
CA HIS A 111 -3.24 -3.25 -2.41
C HIS A 111 -3.37 -4.73 -2.69
N LYS A 112 -4.56 -5.15 -3.04
CA LYS A 112 -4.76 -6.59 -3.32
C LYS A 112 -3.90 -6.99 -4.53
N CYS A 113 -3.52 -6.00 -5.30
CA CYS A 113 -2.68 -6.29 -6.50
C CYS A 113 -1.21 -6.23 -6.12
N TRP A 114 -0.84 -5.20 -5.40
CA TRP A 114 0.58 -5.07 -5.01
C TRP A 114 0.99 -6.24 -4.13
N LYS A 115 0.01 -6.88 -3.54
CA LYS A 115 0.33 -8.04 -2.66
C LYS A 115 0.32 -9.34 -3.45
N GLN A 116 -0.70 -9.54 -4.24
CA GLN A 116 -0.78 -10.78 -5.05
C GLN A 116 0.29 -10.78 -6.13
N ALA A 117 0.63 -9.62 -6.61
CA ALA A 117 1.65 -9.54 -7.68
C ALA A 117 2.91 -10.32 -7.28
N ASP A 118 3.50 -9.92 -6.19
CA ASP A 118 4.72 -10.63 -5.74
C ASP A 118 4.91 -10.43 -4.22
N PRO A 119 4.35 -11.36 -3.44
CA PRO A 119 4.46 -11.28 -1.99
C PRO A 119 5.92 -11.45 -1.51
N LYS A 120 6.77 -10.58 -2.01
CA LYS A 120 8.20 -10.64 -1.62
C LYS A 120 8.79 -9.24 -1.52
N HIS A 121 8.05 -8.28 -2.01
CA HIS A 121 8.52 -6.87 -1.97
C HIS A 121 7.40 -5.96 -1.47
N TYR A 122 6.28 -6.55 -1.17
CA TYR A 122 5.14 -5.76 -0.67
C TYR A 122 5.44 -5.16 0.71
N PHE A 123 4.99 -3.95 0.92
CA PHE A 123 5.24 -3.29 2.22
C PHE A 123 4.18 -3.69 3.25
N LEU A 124 3.99 -2.85 4.25
CA LEU A 124 2.99 -3.16 5.29
C LEU A 124 3.23 -4.54 5.89
N VAL A 125 4.47 -4.90 6.01
CA VAL A 125 4.79 -6.23 6.58
C VAL A 125 4.46 -6.27 8.08
N ASP A 1 3.56 -23.00 1.02
CA ASP A 1 3.50 -21.98 2.09
C ASP A 1 4.63 -21.00 1.95
N VAL A 2 4.43 -19.98 1.15
CA VAL A 2 5.50 -18.99 0.96
C VAL A 2 5.88 -18.36 2.29
N THR A 3 6.80 -17.44 2.26
CA THR A 3 7.22 -16.78 3.52
C THR A 3 7.70 -15.35 3.24
N PRO A 4 6.99 -14.35 3.78
CA PRO A 4 7.38 -12.96 3.57
C PRO A 4 8.73 -12.67 4.17
N ARG A 5 9.59 -12.09 3.38
CA ARG A 5 10.94 -11.78 3.89
C ARG A 5 10.99 -10.37 4.47
N ARG A 6 11.93 -10.14 5.34
CA ARG A 6 12.05 -8.80 5.95
C ARG A 6 13.27 -8.73 6.85
N ASP A 7 14.01 -7.68 6.72
CA ASP A 7 15.21 -7.52 7.55
C ASP A 7 15.72 -6.11 7.47
N ALA A 8 16.43 -5.68 8.47
CA ALA A 8 16.95 -4.30 8.44
C ALA A 8 18.04 -4.19 7.39
N GLU A 9 17.74 -4.62 6.19
CA GLU A 9 18.75 -4.54 5.12
C GLU A 9 18.10 -4.30 3.75
N TYR A 10 16.88 -4.76 3.56
CA TYR A 10 16.24 -4.54 2.23
C TYR A 10 15.44 -3.21 2.19
N PRO A 11 14.65 -2.96 3.19
CA PRO A 11 13.84 -1.75 3.27
C PRO A 11 14.63 -0.60 3.92
N PRO A 12 14.75 0.52 3.23
CA PRO A 12 15.48 1.66 3.78
C PRO A 12 14.78 2.19 5.06
N PRO A 13 15.47 2.17 6.20
CA PRO A 13 14.89 2.65 7.45
C PRO A 13 14.39 4.09 7.36
N GLU A 14 14.94 4.83 6.43
CA GLU A 14 14.51 6.25 6.29
C GLU A 14 13.03 6.33 5.91
N LEU A 15 12.64 5.53 4.96
CA LEU A 15 11.22 5.54 4.53
C LEU A 15 10.35 5.00 5.63
N LEU A 16 10.83 3.99 6.30
CA LEU A 16 10.06 3.40 7.39
C LEU A 16 9.82 4.43 8.49
N GLU A 17 10.73 5.34 8.63
CA GLU A 17 10.59 6.37 9.67
C GLU A 17 9.43 7.30 9.35
N ALA A 18 9.39 7.79 8.14
CA ALA A 18 8.28 8.71 7.75
C ALA A 18 7.00 7.95 7.41
N LEU A 19 7.16 6.76 6.90
CA LEU A 19 5.95 5.95 6.53
C LEU A 19 5.27 5.36 7.76
N LYS A 20 6.03 5.01 8.77
CA LYS A 20 5.38 4.42 9.97
C LYS A 20 4.27 5.34 10.51
N PRO A 21 4.59 6.61 10.75
CA PRO A 21 3.59 7.54 11.26
C PRO A 21 2.47 7.72 10.25
N LEU A 22 2.83 8.04 9.04
CA LEU A 22 1.79 8.24 8.00
C LEU A 22 0.82 7.07 8.03
N HIS A 23 1.34 5.89 8.20
CA HIS A 23 0.46 4.70 8.24
C HIS A 23 -0.35 4.69 9.53
N ASP A 24 0.28 5.10 10.59
CA ASP A 24 -0.43 5.13 11.89
C ASP A 24 -1.49 6.22 11.88
N ILE A 25 -1.24 7.23 11.10
CA ILE A 25 -2.21 8.34 11.01
C ILE A 25 -3.49 7.87 10.32
N CYS A 26 -3.34 7.34 9.12
CA CYS A 26 -4.53 6.86 8.39
C CYS A 26 -5.22 5.76 9.18
N ALA A 27 -4.48 4.75 9.53
CA ALA A 27 -5.09 3.64 10.30
C ALA A 27 -5.90 4.19 11.46
N LYS A 28 -5.40 5.25 12.06
CA LYS A 28 -6.12 5.86 13.19
C LYS A 28 -7.35 6.60 12.70
N LYS A 29 -7.33 6.98 11.46
CA LYS A 29 -8.50 7.72 10.90
C LYS A 29 -9.55 6.75 10.45
N THR A 30 -9.11 5.64 9.95
CA THR A 30 -10.05 4.62 9.47
C THR A 30 -10.51 3.76 10.62
N GLY A 31 -9.89 3.95 11.76
CA GLY A 31 -10.28 3.13 12.94
C GLY A 31 -10.11 1.64 12.66
N VAL A 32 -9.29 1.32 11.69
CA VAL A 32 -9.08 -0.11 11.36
C VAL A 32 -8.52 -0.86 12.56
N THR A 33 -8.08 -2.09 12.33
CA THR A 33 -7.52 -2.89 13.45
C THR A 33 -6.15 -3.47 13.11
N ASP A 34 -5.22 -3.27 14.00
CA ASP A 34 -3.85 -3.79 13.75
C ASP A 34 -3.93 -5.25 13.33
N GLU A 35 -4.91 -5.94 13.84
CA GLU A 35 -5.05 -7.36 13.48
C GLU A 35 -5.34 -7.49 11.99
N ALA A 36 -6.35 -6.77 11.56
CA ALA A 36 -6.70 -6.83 10.12
C ALA A 36 -5.50 -6.43 9.29
N ILE A 37 -4.75 -5.48 9.79
CA ILE A 37 -3.55 -5.03 9.04
C ILE A 37 -2.52 -6.14 8.94
N ILE A 38 -2.40 -6.92 9.98
CA ILE A 38 -1.42 -8.03 9.95
C ILE A 38 -1.92 -9.16 9.06
N GLU A 39 -3.20 -9.44 9.16
CA GLU A 39 -3.76 -10.53 8.33
C GLU A 39 -3.54 -10.25 6.85
N PHE A 40 -3.62 -9.00 6.49
CA PHE A 40 -3.42 -8.64 5.07
C PHE A 40 -1.94 -8.71 4.69
N SER A 41 -1.09 -8.38 5.62
CA SER A 41 0.37 -8.42 5.34
C SER A 41 0.89 -9.85 5.35
N ASP A 42 0.93 -10.44 6.52
CA ASP A 42 1.42 -11.83 6.61
C ASP A 42 0.32 -12.83 6.31
N GLY A 43 -0.87 -12.54 6.79
CA GLY A 43 -2.01 -13.46 6.55
C GLY A 43 -2.45 -13.39 5.07
N LYS A 44 -3.67 -13.80 4.82
CA LYS A 44 -4.19 -13.76 3.42
C LYS A 44 -5.25 -12.68 3.27
N ILE A 45 -5.13 -11.91 2.20
CA ILE A 45 -6.12 -10.81 1.94
C ILE A 45 -7.50 -11.10 2.52
N HIS A 46 -8.09 -10.09 3.11
CA HIS A 46 -9.45 -10.28 3.71
C HIS A 46 -10.37 -9.14 3.28
N GLU A 47 -11.63 -9.23 3.62
CA GLU A 47 -12.58 -8.15 3.22
C GLU A 47 -12.92 -7.21 4.37
N ASP A 48 -11.96 -6.44 4.78
CA ASP A 48 -12.21 -5.50 5.90
C ASP A 48 -12.60 -4.13 5.33
N GLU A 49 -13.88 -3.90 5.23
CA GLU A 49 -14.37 -2.59 4.69
C GLU A 49 -13.47 -1.43 5.11
N LYS A 50 -12.84 -1.56 6.25
CA LYS A 50 -11.96 -0.46 6.71
C LYS A 50 -10.62 -0.54 6.02
N LEU A 51 -10.01 -1.69 6.09
CA LEU A 51 -8.70 -1.83 5.43
C LEU A 51 -8.77 -1.27 4.03
N LYS A 52 -9.94 -1.38 3.44
CA LYS A 52 -10.08 -0.86 2.06
C LYS A 52 -10.13 0.65 2.08
N CYS A 53 -10.84 1.19 3.05
CA CYS A 53 -10.93 2.66 3.14
C CYS A 53 -9.63 3.20 3.68
N TYR A 54 -9.01 2.46 4.57
CA TYR A 54 -7.74 2.91 5.13
C TYR A 54 -6.76 3.15 4.01
N MET A 55 -6.65 2.18 3.15
CA MET A 55 -5.72 2.35 2.02
C MET A 55 -6.06 3.63 1.31
N ASN A 56 -7.29 3.73 0.88
CA ASN A 56 -7.72 4.95 0.17
C ASN A 56 -7.25 6.17 0.95
N CYS A 57 -7.39 6.09 2.25
CA CYS A 57 -6.96 7.22 3.11
C CYS A 57 -5.49 7.54 2.87
N LEU A 58 -4.71 6.50 2.72
CA LEU A 58 -3.26 6.73 2.48
C LEU A 58 -3.05 7.56 1.23
N PHE A 59 -3.68 7.15 0.15
CA PHE A 59 -3.54 7.92 -1.11
C PHE A 59 -3.67 9.40 -0.83
N HIS A 60 -4.69 9.75 -0.09
CA HIS A 60 -4.91 11.17 0.24
C HIS A 60 -3.79 11.71 1.13
N GLU A 61 -3.60 11.09 2.25
CA GLU A 61 -2.53 11.54 3.17
C GLU A 61 -1.17 11.55 2.47
N ALA A 62 -1.12 10.95 1.31
CA ALA A 62 0.17 10.92 0.58
C ALA A 62 0.34 12.18 -0.28
N LYS A 63 -0.77 12.78 -0.63
CA LYS A 63 -0.68 14.02 -1.45
C LYS A 63 -0.26 13.67 -2.88
N VAL A 64 -0.61 12.49 -3.31
CA VAL A 64 -0.25 12.05 -4.69
C VAL A 64 -1.51 11.84 -5.53
N VAL A 65 -2.59 12.46 -5.13
CA VAL A 65 -3.85 12.30 -5.89
C VAL A 65 -3.90 13.28 -7.05
N ASP A 66 -4.81 13.03 -7.97
CA ASP A 66 -4.94 13.93 -9.13
C ASP A 66 -5.93 15.05 -8.85
N ASP A 67 -7.19 14.76 -9.05
CA ASP A 67 -8.22 15.78 -8.81
C ASP A 67 -9.48 15.11 -8.30
N ASN A 68 -9.44 13.80 -8.27
CA ASN A 68 -10.61 13.04 -7.79
C ASN A 68 -10.15 11.87 -6.92
N GLY A 69 -8.84 11.69 -6.86
CA GLY A 69 -8.31 10.57 -6.03
C GLY A 69 -7.83 9.42 -6.92
N ASP A 70 -7.51 9.74 -8.14
CA ASP A 70 -7.05 8.67 -9.06
C ASP A 70 -5.61 8.30 -8.77
N VAL A 71 -5.09 8.84 -7.71
CA VAL A 71 -3.68 8.54 -7.35
C VAL A 71 -2.74 8.78 -8.53
N HIS A 72 -2.23 9.98 -8.63
CA HIS A 72 -1.32 10.29 -9.75
C HIS A 72 -0.01 9.51 -9.59
N LEU A 73 0.10 8.43 -10.33
CA LEU A 73 1.34 7.61 -10.25
C LEU A 73 2.60 8.48 -10.42
N GLU A 74 2.61 9.27 -11.45
CA GLU A 74 3.78 10.15 -11.70
C GLU A 74 4.29 10.77 -10.41
N LYS A 75 3.39 11.23 -9.58
CA LYS A 75 3.82 11.85 -8.31
C LYS A 75 4.19 10.79 -7.29
N LEU A 76 3.40 9.76 -7.25
CA LEU A 76 3.69 8.68 -6.28
C LEU A 76 5.04 8.05 -6.57
N ARG A 77 5.47 8.16 -7.79
CA ARG A 77 6.79 7.58 -8.16
C ARG A 77 7.92 8.50 -7.72
N ASP A 78 7.94 9.70 -8.25
CA ASP A 78 9.02 10.64 -7.87
C ASP A 78 9.14 10.71 -6.35
N SER A 79 8.07 10.38 -5.68
CA SER A 79 8.08 10.42 -4.20
C SER A 79 9.07 9.40 -3.64
N LEU A 80 9.26 8.32 -4.35
CA LEU A 80 10.20 7.28 -3.90
C LEU A 80 11.50 7.29 -4.73
N PRO A 81 12.63 7.00 -4.08
CA PRO A 81 13.92 6.99 -4.77
C PRO A 81 13.97 5.94 -5.88
N ASN A 82 14.95 6.05 -6.73
CA ASN A 82 15.08 5.08 -7.85
C ASN A 82 15.05 3.64 -7.33
N SER A 83 15.30 3.47 -6.07
CA SER A 83 15.29 2.08 -5.52
C SER A 83 13.91 1.45 -5.65
N MET A 84 12.98 1.93 -4.87
CA MET A 84 11.62 1.37 -4.96
C MET A 84 11.10 1.51 -6.38
N HIS A 85 11.60 2.49 -7.06
CA HIS A 85 11.16 2.72 -8.45
C HIS A 85 11.41 1.47 -9.29
N ASP A 86 12.53 0.85 -9.07
CA ASP A 86 12.85 -0.38 -9.83
C ASP A 86 11.96 -1.53 -9.37
N ILE A 87 11.90 -1.71 -8.07
CA ILE A 87 11.06 -2.80 -7.55
C ILE A 87 9.59 -2.49 -7.80
N ALA A 88 9.30 -1.23 -7.95
CA ALA A 88 7.91 -0.84 -8.19
C ALA A 88 7.55 -1.15 -9.63
N MET A 89 8.51 -1.00 -10.49
CA MET A 89 8.26 -1.29 -11.92
C MET A 89 7.92 -2.75 -12.11
N HIS A 90 8.64 -3.59 -11.41
CA HIS A 90 8.39 -5.06 -11.53
C HIS A 90 6.98 -5.39 -11.04
N MET A 91 6.65 -4.91 -9.87
CA MET A 91 5.30 -5.21 -9.32
C MET A 91 4.27 -4.23 -9.87
N GLY A 92 4.73 -3.22 -10.56
CA GLY A 92 3.77 -2.23 -11.14
C GLY A 92 3.17 -2.75 -12.44
N LYS A 93 3.82 -3.72 -13.04
CA LYS A 93 3.29 -4.27 -14.30
C LYS A 93 2.14 -5.25 -14.04
N ARG A 94 2.41 -6.25 -13.25
CA ARG A 94 1.35 -7.25 -12.94
C ARG A 94 0.02 -6.57 -12.62
N CYS A 95 0.08 -5.48 -11.90
CA CYS A 95 -1.17 -4.77 -11.54
C CYS A 95 -1.55 -3.75 -12.61
N LEU A 96 -2.23 -2.70 -12.17
CA LEU A 96 -2.66 -1.61 -13.13
C LEU A 96 -4.00 -1.93 -13.77
N TYR A 97 -4.94 -2.36 -12.97
CA TYR A 97 -6.27 -2.69 -13.53
C TYR A 97 -7.36 -2.64 -12.45
N PRO A 98 -7.46 -1.49 -11.82
CA PRO A 98 -8.45 -1.27 -10.76
C PRO A 98 -9.84 -1.69 -11.20
N GLU A 99 -10.59 -2.21 -10.27
CA GLU A 99 -11.96 -2.65 -10.62
C GLU A 99 -12.84 -2.68 -9.36
N GLY A 100 -13.71 -1.70 -9.26
CA GLY A 100 -14.61 -1.66 -8.07
C GLY A 100 -15.82 -0.76 -8.36
N GLU A 101 -15.86 0.38 -7.71
CA GLU A 101 -16.98 1.32 -7.92
C GLU A 101 -16.78 2.58 -7.09
N ASN A 102 -15.86 2.51 -6.17
CA ASN A 102 -15.58 3.70 -5.31
C ASN A 102 -14.09 3.81 -5.02
N LEU A 103 -13.72 4.90 -4.40
CA LEU A 103 -12.27 5.10 -4.08
C LEU A 103 -11.78 4.01 -3.13
N CYS A 104 -12.63 3.63 -2.21
CA CYS A 104 -12.22 2.59 -1.24
C CYS A 104 -11.97 1.27 -1.95
N GLU A 105 -12.90 0.86 -2.78
CA GLU A 105 -12.73 -0.41 -3.51
C GLU A 105 -11.50 -0.37 -4.42
N LYS A 106 -11.23 0.78 -4.98
CA LYS A 106 -10.05 0.90 -5.87
C LYS A 106 -8.77 0.73 -5.05
N ALA A 107 -8.60 1.56 -4.05
CA ALA A 107 -7.38 1.46 -3.22
C ALA A 107 -7.15 0.00 -2.86
N PHE A 108 -8.23 -0.69 -2.61
CA PHE A 108 -8.13 -2.11 -2.25
C PHE A 108 -7.61 -2.93 -3.43
N TRP A 109 -8.05 -2.57 -4.62
CA TRP A 109 -7.58 -3.32 -5.81
C TRP A 109 -6.07 -3.31 -5.90
N LEU A 110 -5.51 -2.14 -6.07
CA LEU A 110 -4.04 -2.06 -6.16
C LEU A 110 -3.40 -2.84 -5.04
N HIS A 111 -3.96 -2.73 -3.86
CA HIS A 111 -3.38 -3.49 -2.74
C HIS A 111 -3.53 -4.96 -3.00
N LYS A 112 -4.74 -5.38 -3.26
CA LYS A 112 -4.96 -6.80 -3.53
C LYS A 112 -4.06 -7.23 -4.68
N CYS A 113 -3.69 -6.26 -5.49
CA CYS A 113 -2.82 -6.56 -6.63
C CYS A 113 -1.36 -6.53 -6.19
N TRP A 114 -1.06 -5.59 -5.33
CA TRP A 114 0.32 -5.49 -4.84
C TRP A 114 0.62 -6.63 -3.87
N LYS A 115 -0.43 -7.16 -3.29
CA LYS A 115 -0.25 -8.28 -2.33
C LYS A 115 -0.06 -9.59 -3.08
N GLN A 116 -1.02 -9.93 -3.90
CA GLN A 116 -0.92 -11.18 -4.67
C GLN A 116 0.35 -11.21 -5.51
N ALA A 117 0.82 -10.04 -5.88
CA ALA A 117 2.06 -9.98 -6.69
C ALA A 117 3.27 -10.48 -5.91
N ASP A 118 3.64 -9.73 -4.89
CA ASP A 118 4.82 -10.15 -4.07
C ASP A 118 4.62 -9.74 -2.59
N PRO A 119 4.22 -10.70 -1.77
CA PRO A 119 4.01 -10.42 -0.35
C PRO A 119 5.31 -10.05 0.35
N LYS A 120 6.39 -10.62 -0.10
CA LYS A 120 7.70 -10.31 0.52
C LYS A 120 7.94 -8.81 0.54
N HIS A 121 8.25 -8.26 -0.61
CA HIS A 121 8.49 -6.80 -0.67
C HIS A 121 7.39 -6.03 0.04
N TYR A 122 6.19 -6.51 -0.08
CA TYR A 122 5.04 -5.82 0.58
C TYR A 122 5.42 -5.38 1.99
N PHE A 123 4.98 -4.21 2.37
CA PHE A 123 5.30 -3.71 3.73
C PHE A 123 4.21 -4.08 4.72
N LEU A 124 3.92 -3.18 5.61
CA LEU A 124 2.86 -3.46 6.62
C LEU A 124 3.13 -4.78 7.33
N VAL A 125 4.38 -5.10 7.50
CA VAL A 125 4.73 -6.37 8.19
C VAL A 125 4.31 -6.33 9.65
N ASP A 1 -1.20 -21.29 1.20
CA ASP A 1 -0.19 -20.46 1.89
C ASP A 1 1.04 -20.29 1.02
N VAL A 2 1.43 -19.06 0.80
CA VAL A 2 2.63 -18.81 -0.04
C VAL A 2 3.89 -18.77 0.82
N THR A 3 4.70 -17.76 0.61
CA THR A 3 5.94 -17.65 1.41
C THR A 3 6.50 -16.23 1.38
N PRO A 4 5.84 -15.34 2.10
CA PRO A 4 6.26 -13.95 2.17
C PRO A 4 7.65 -13.82 2.79
N ARG A 5 8.38 -12.84 2.31
CA ARG A 5 9.75 -12.61 2.84
C ARG A 5 10.01 -11.13 3.04
N ARG A 6 10.33 -10.76 4.26
CA ARG A 6 10.61 -9.33 4.54
C ARG A 6 10.75 -9.09 6.04
N ASP A 7 11.58 -8.14 6.40
CA ASP A 7 11.79 -7.85 7.83
C ASP A 7 12.30 -6.44 8.02
N ALA A 8 12.27 -5.97 9.24
CA ALA A 8 12.77 -4.61 9.50
C ALA A 8 14.27 -4.55 9.35
N GLU A 9 14.78 -5.19 8.33
CA GLU A 9 16.25 -5.19 8.13
C GLU A 9 16.60 -4.98 6.66
N TYR A 10 15.76 -5.46 5.77
CA TYR A 10 16.06 -5.26 4.33
C TYR A 10 15.78 -3.81 3.91
N PRO A 11 14.63 -3.30 4.32
CA PRO A 11 14.24 -1.94 4.00
C PRO A 11 14.83 -0.96 5.03
N PRO A 12 15.31 0.18 4.58
CA PRO A 12 15.90 1.16 5.48
C PRO A 12 14.88 1.54 6.59
N PRO A 13 15.20 1.19 7.84
CA PRO A 13 14.31 1.48 8.96
C PRO A 13 14.02 2.97 9.08
N GLU A 14 14.73 3.77 8.33
CA GLU A 14 14.50 5.24 8.39
C GLU A 14 13.13 5.58 7.80
N LEU A 15 12.91 5.17 6.58
CA LEU A 15 11.62 5.47 5.95
C LEU A 15 10.51 4.87 6.78
N LEU A 16 10.85 3.84 7.50
CA LEU A 16 9.85 3.18 8.34
C LEU A 16 9.49 4.07 9.51
N GLU A 17 10.46 4.84 9.95
CA GLU A 17 10.20 5.74 11.10
C GLU A 17 9.20 6.81 10.71
N ALA A 18 9.30 7.28 9.49
CA ALA A 18 8.35 8.34 9.04
C ALA A 18 7.02 7.71 8.58
N LEU A 19 7.10 6.49 8.13
CA LEU A 19 5.86 5.81 7.66
C LEU A 19 4.98 5.37 8.83
N LYS A 20 5.59 4.78 9.83
CA LYS A 20 4.80 4.33 10.99
C LYS A 20 3.79 5.43 11.44
N PRO A 21 4.26 6.65 11.65
CA PRO A 21 3.37 7.73 12.06
C PRO A 21 2.31 7.96 11.00
N LEU A 22 2.76 8.15 9.78
CA LEU A 22 1.78 8.37 8.68
C LEU A 22 0.72 7.31 8.74
N HIS A 23 1.13 6.10 9.03
CA HIS A 23 0.16 5.00 9.11
C HIS A 23 -0.72 5.22 10.32
N ASP A 24 -0.09 5.50 11.43
CA ASP A 24 -0.87 5.74 12.66
C ASP A 24 -1.89 6.83 12.41
N ILE A 25 -1.55 7.74 11.54
CA ILE A 25 -2.48 8.84 11.24
C ILE A 25 -3.68 8.30 10.45
N CYS A 26 -3.41 7.73 9.30
CA CYS A 26 -4.51 7.18 8.49
C CYS A 26 -5.18 6.01 9.20
N ALA A 27 -4.40 5.06 9.62
CA ALA A 27 -4.98 3.90 10.32
C ALA A 27 -5.88 4.37 11.47
N LYS A 28 -5.29 5.04 12.44
CA LYS A 28 -6.10 5.52 13.60
C LYS A 28 -7.23 6.42 13.12
N LYS A 29 -7.08 6.97 11.95
CA LYS A 29 -8.14 7.86 11.41
C LYS A 29 -9.20 7.02 10.74
N THR A 30 -8.79 5.92 10.22
CA THR A 30 -9.75 5.03 9.54
C THR A 30 -10.42 4.11 10.54
N GLY A 31 -9.93 4.13 11.75
CA GLY A 31 -10.54 3.25 12.81
C GLY A 31 -10.03 1.81 12.68
N VAL A 32 -9.34 1.53 11.60
CA VAL A 32 -8.80 0.16 11.41
C VAL A 32 -7.85 -0.23 12.54
N THR A 33 -7.23 -1.38 12.41
CA THR A 33 -6.29 -1.83 13.47
C THR A 33 -5.01 -2.40 12.90
N ASP A 34 -3.93 -2.21 13.62
CA ASP A 34 -2.63 -2.72 13.13
C ASP A 34 -2.76 -4.19 12.76
N GLU A 35 -3.57 -4.90 13.51
CA GLU A 35 -3.75 -6.32 13.22
C GLU A 35 -4.33 -6.47 11.81
N ALA A 36 -5.45 -5.83 11.59
CA ALA A 36 -6.08 -5.92 10.25
C ALA A 36 -5.02 -5.65 9.20
N ILE A 37 -4.26 -4.60 9.43
CA ILE A 37 -3.20 -4.26 8.45
C ILE A 37 -2.28 -5.46 8.27
N ILE A 38 -1.95 -6.09 9.36
CA ILE A 38 -1.06 -7.27 9.29
C ILE A 38 -1.81 -8.45 8.69
N GLU A 39 -2.99 -8.71 9.20
CA GLU A 39 -3.77 -9.84 8.66
C GLU A 39 -3.82 -9.77 7.15
N PHE A 40 -3.61 -8.59 6.64
CA PHE A 40 -3.64 -8.40 5.17
C PHE A 40 -2.28 -8.73 4.57
N SER A 41 -1.25 -8.41 5.29
CA SER A 41 0.11 -8.70 4.78
C SER A 41 0.44 -10.19 4.90
N ASP A 42 0.62 -10.65 6.11
CA ASP A 42 0.95 -12.09 6.31
C ASP A 42 -0.31 -12.94 6.50
N GLY A 43 -1.39 -12.32 6.87
CA GLY A 43 -2.65 -13.11 7.07
C GLY A 43 -3.47 -13.18 5.78
N LYS A 44 -2.83 -12.87 4.69
CA LYS A 44 -3.54 -12.91 3.38
C LYS A 44 -4.51 -11.74 3.26
N ILE A 45 -4.73 -11.32 2.05
CA ILE A 45 -5.66 -10.18 1.80
C ILE A 45 -7.08 -10.47 2.31
N HIS A 46 -7.62 -9.53 3.08
CA HIS A 46 -9.01 -9.72 3.63
C HIS A 46 -9.88 -8.53 3.22
N GLU A 47 -11.17 -8.73 3.25
CA GLU A 47 -12.09 -7.62 2.87
C GLU A 47 -12.55 -6.80 4.06
N ASP A 48 -11.65 -6.04 4.61
CA ASP A 48 -12.01 -5.19 5.77
C ASP A 48 -12.51 -3.84 5.28
N GLU A 49 -13.81 -3.64 5.34
CA GLU A 49 -14.39 -2.34 4.87
C GLU A 49 -13.50 -1.17 5.27
N LYS A 50 -12.87 -1.28 6.40
CA LYS A 50 -12.00 -0.19 6.86
C LYS A 50 -10.67 -0.26 6.15
N LEU A 51 -10.07 -1.40 6.21
CA LEU A 51 -8.78 -1.53 5.54
C LEU A 51 -8.89 -0.98 4.13
N LYS A 52 -10.07 -1.12 3.57
CA LYS A 52 -10.28 -0.61 2.20
C LYS A 52 -10.21 0.91 2.21
N CYS A 53 -10.85 1.50 3.20
CA CYS A 53 -10.83 2.96 3.29
C CYS A 53 -9.48 3.45 3.78
N TYR A 54 -8.91 2.71 4.69
CA TYR A 54 -7.59 3.11 5.21
C TYR A 54 -6.62 3.28 4.06
N MET A 55 -6.62 2.32 3.17
CA MET A 55 -5.69 2.42 2.01
C MET A 55 -6.01 3.68 1.24
N ASN A 56 -7.25 3.83 0.88
CA ASN A 56 -7.65 5.04 0.14
C ASN A 56 -7.19 6.27 0.88
N CYS A 57 -7.11 6.14 2.18
CA CYS A 57 -6.66 7.28 3.01
C CYS A 57 -5.22 7.63 2.67
N LEU A 58 -4.37 6.63 2.65
CA LEU A 58 -2.95 6.90 2.33
C LEU A 58 -2.86 7.72 1.06
N PHE A 59 -3.54 7.27 0.03
CA PHE A 59 -3.49 8.04 -1.24
C PHE A 59 -3.71 9.52 -0.95
N HIS A 60 -4.84 9.83 -0.37
CA HIS A 60 -5.13 11.24 -0.05
C HIS A 60 -4.11 11.77 0.96
N GLU A 61 -3.76 10.96 1.91
CA GLU A 61 -2.78 11.40 2.93
C GLU A 61 -1.58 12.05 2.26
N ALA A 62 -1.17 11.47 1.16
CA ALA A 62 -0.01 12.02 0.43
C ALA A 62 -0.45 13.10 -0.54
N LYS A 63 -1.73 13.35 -0.58
CA LYS A 63 -2.25 14.39 -1.51
C LYS A 63 -1.80 14.12 -2.94
N VAL A 64 -1.25 12.95 -3.17
CA VAL A 64 -0.79 12.63 -4.55
C VAL A 64 -1.96 12.68 -5.52
N VAL A 65 -3.15 12.56 -4.98
CA VAL A 65 -4.34 12.59 -5.85
C VAL A 65 -4.54 13.97 -6.44
N ASP A 66 -5.44 14.07 -7.38
CA ASP A 66 -5.68 15.38 -8.01
C ASP A 66 -6.42 16.30 -7.04
N ASP A 67 -7.71 16.19 -7.06
CA ASP A 67 -8.52 17.03 -6.16
C ASP A 67 -9.77 16.28 -5.77
N ASN A 68 -10.10 15.29 -6.58
CA ASN A 68 -11.30 14.48 -6.32
C ASN A 68 -10.91 13.07 -5.88
N GLY A 69 -9.63 12.75 -6.01
CA GLY A 69 -9.18 11.39 -5.59
C GLY A 69 -8.97 10.50 -6.82
N ASP A 70 -8.43 11.09 -7.86
CA ASP A 70 -8.19 10.29 -9.10
C ASP A 70 -7.02 9.35 -8.92
N VAL A 71 -6.52 9.29 -7.72
CA VAL A 71 -5.37 8.39 -7.46
C VAL A 71 -4.35 8.44 -8.60
N HIS A 72 -3.52 9.45 -8.58
CA HIS A 72 -2.51 9.58 -9.65
C HIS A 72 -1.28 8.73 -9.33
N LEU A 73 -1.30 7.50 -9.75
CA LEU A 73 -0.15 6.61 -9.48
C LEU A 73 1.14 7.17 -10.07
N GLU A 74 1.01 7.86 -11.17
CA GLU A 74 2.22 8.45 -11.82
C GLU A 74 2.99 9.30 -10.82
N LYS A 75 2.29 10.13 -10.10
CA LYS A 75 2.98 10.99 -9.11
C LYS A 75 3.37 10.16 -7.90
N LEU A 76 2.48 9.30 -7.50
CA LEU A 76 2.77 8.45 -6.34
C LEU A 76 4.05 7.66 -6.59
N ARG A 77 4.39 7.54 -7.84
CA ARG A 77 5.62 6.80 -8.19
C ARG A 77 6.85 7.68 -8.03
N ASP A 78 6.86 8.78 -8.71
CA ASP A 78 8.02 9.69 -8.60
C ASP A 78 8.31 9.99 -7.14
N SER A 79 7.35 9.72 -6.30
CA SER A 79 7.54 9.98 -4.86
C SER A 79 8.65 9.10 -4.28
N LEU A 80 8.61 7.82 -4.61
CA LEU A 80 9.65 6.90 -4.08
C LEU A 80 10.96 7.02 -4.90
N PRO A 81 12.08 6.73 -4.24
CA PRO A 81 13.39 6.81 -4.90
C PRO A 81 13.48 5.82 -6.07
N ASN A 82 14.46 6.04 -6.92
CA ASN A 82 14.63 5.14 -8.08
C ASN A 82 14.79 3.69 -7.64
N SER A 83 15.11 3.50 -6.39
CA SER A 83 15.28 2.11 -5.89
C SER A 83 13.96 1.35 -5.94
N MET A 84 13.04 1.72 -5.09
CA MET A 84 11.73 1.02 -5.08
C MET A 84 10.96 1.28 -6.37
N HIS A 85 11.08 2.48 -6.87
CA HIS A 85 10.35 2.81 -8.11
C HIS A 85 10.75 1.86 -9.24
N ASP A 86 11.98 1.43 -9.21
CA ASP A 86 12.45 0.50 -10.28
C ASP A 86 11.93 -0.91 -10.03
N ILE A 87 11.99 -1.33 -8.79
CA ILE A 87 11.51 -2.69 -8.47
C ILE A 87 10.00 -2.74 -8.60
N ALA A 88 9.38 -1.60 -8.52
CA ALA A 88 7.91 -1.54 -8.64
C ALA A 88 7.52 -1.61 -10.10
N MET A 89 8.28 -0.96 -10.93
CA MET A 89 7.97 -0.97 -12.37
C MET A 89 8.08 -2.38 -12.92
N HIS A 90 9.04 -3.11 -12.42
CA HIS A 90 9.22 -4.51 -12.91
C HIS A 90 8.08 -5.39 -12.44
N MET A 91 7.91 -5.50 -11.15
CA MET A 91 6.82 -6.34 -10.63
C MET A 91 5.46 -5.76 -11.00
N GLY A 92 5.49 -4.56 -11.52
CA GLY A 92 4.21 -3.90 -11.91
C GLY A 92 3.65 -4.56 -13.18
N LYS A 93 4.44 -5.43 -13.77
CA LYS A 93 4.01 -6.14 -15.01
C LYS A 93 2.50 -6.38 -15.02
N ARG A 94 2.09 -7.43 -14.36
CA ARG A 94 0.64 -7.74 -14.33
C ARG A 94 -0.01 -7.15 -13.08
N CYS A 95 -0.38 -5.90 -13.15
CA CYS A 95 -1.02 -5.26 -11.97
C CYS A 95 -1.13 -3.74 -12.16
N LEU A 96 -2.20 -3.32 -12.77
CA LEU A 96 -2.40 -1.87 -13.00
C LEU A 96 -3.74 -1.62 -13.67
N TYR A 97 -4.71 -2.41 -13.29
CA TYR A 97 -6.06 -2.28 -13.88
C TYR A 97 -7.13 -2.31 -12.79
N PRO A 98 -7.03 -1.36 -11.87
CA PRO A 98 -7.97 -1.25 -10.75
C PRO A 98 -9.41 -1.47 -11.18
N GLU A 99 -10.07 -2.38 -10.50
CA GLU A 99 -11.48 -2.69 -10.81
C GLU A 99 -12.30 -2.70 -9.52
N GLY A 100 -13.18 -1.73 -9.40
CA GLY A 100 -14.01 -1.67 -8.18
C GLY A 100 -15.26 -0.84 -8.45
N GLU A 101 -15.31 0.34 -7.89
CA GLU A 101 -16.49 1.20 -8.10
C GLU A 101 -16.24 2.58 -7.51
N ASN A 102 -15.33 2.65 -6.58
CA ASN A 102 -15.02 3.95 -5.95
C ASN A 102 -13.58 4.00 -5.47
N LEU A 103 -13.28 4.94 -4.62
CA LEU A 103 -11.90 5.06 -4.11
C LEU A 103 -11.53 3.86 -3.23
N CYS A 104 -12.37 3.57 -2.27
CA CYS A 104 -12.07 2.42 -1.38
C CYS A 104 -11.73 1.17 -2.19
N GLU A 105 -12.69 0.66 -2.91
CA GLU A 105 -12.43 -0.56 -3.73
C GLU A 105 -11.12 -0.42 -4.50
N LYS A 106 -10.88 0.75 -5.03
CA LYS A 106 -9.62 0.96 -5.80
C LYS A 106 -8.41 0.73 -4.90
N ALA A 107 -8.23 1.60 -3.94
CA ALA A 107 -7.07 1.47 -3.03
C ALA A 107 -6.87 -0.01 -2.67
N PHE A 108 -7.96 -0.71 -2.56
CA PHE A 108 -7.88 -2.13 -2.22
C PHE A 108 -7.39 -2.94 -3.41
N TRP A 109 -7.96 -2.67 -4.57
CA TRP A 109 -7.53 -3.42 -5.77
C TRP A 109 -6.02 -3.31 -5.95
N LEU A 110 -5.57 -2.11 -6.15
CA LEU A 110 -4.12 -1.91 -6.33
C LEU A 110 -3.34 -2.70 -5.29
N HIS A 111 -3.56 -2.39 -4.04
CA HIS A 111 -2.83 -3.13 -2.99
C HIS A 111 -2.97 -4.62 -3.22
N LYS A 112 -4.18 -5.05 -3.46
CA LYS A 112 -4.40 -6.49 -3.70
C LYS A 112 -3.66 -6.91 -4.95
N CYS A 113 -3.40 -5.94 -5.80
CA CYS A 113 -2.68 -6.24 -7.05
C CYS A 113 -1.18 -6.24 -6.78
N TRP A 114 -0.74 -5.25 -6.07
CA TRP A 114 0.70 -5.15 -5.76
C TRP A 114 1.09 -6.27 -4.81
N LYS A 115 0.09 -6.87 -4.19
CA LYS A 115 0.37 -7.97 -3.24
C LYS A 115 0.39 -9.31 -3.96
N GLN A 116 -0.50 -9.47 -4.89
CA GLN A 116 -0.55 -10.75 -5.64
C GLN A 116 0.71 -10.96 -6.47
N ALA A 117 1.25 -9.88 -6.97
CA ALA A 117 2.49 -10.00 -7.79
C ALA A 117 3.60 -10.70 -7.00
N ASP A 118 4.09 -10.04 -5.99
CA ASP A 118 5.18 -10.65 -5.17
C ASP A 118 4.99 -10.30 -3.68
N PRO A 119 4.53 -11.26 -2.88
CA PRO A 119 4.31 -11.04 -1.45
C PRO A 119 5.61 -10.75 -0.70
N LYS A 120 6.72 -11.10 -1.30
CA LYS A 120 8.02 -10.83 -0.62
C LYS A 120 8.32 -9.34 -0.56
N HIS A 121 8.95 -8.83 -1.57
CA HIS A 121 9.28 -7.38 -1.57
C HIS A 121 8.05 -6.54 -1.24
N TYR A 122 6.91 -7.19 -1.19
CA TYR A 122 5.66 -6.45 -0.86
C TYR A 122 5.88 -5.55 0.35
N PHE A 123 6.23 -4.33 0.09
CA PHE A 123 6.46 -3.39 1.21
C PHE A 123 5.19 -3.23 2.05
N LEU A 124 5.29 -3.58 3.31
CA LEU A 124 4.09 -3.46 4.20
C LEU A 124 2.84 -3.92 3.46
N VAL A 125 2.06 -2.97 3.04
CA VAL A 125 0.83 -3.33 2.31
C VAL A 125 0.38 -2.19 1.40
N ASP A 1 8.52 -20.18 2.48
CA ASP A 1 7.75 -19.32 3.41
C ASP A 1 8.66 -18.79 4.50
N VAL A 2 9.77 -18.24 4.10
CA VAL A 2 10.72 -17.69 5.11
C VAL A 2 10.18 -16.40 5.72
N THR A 3 8.88 -16.29 5.76
CA THR A 3 8.27 -15.06 6.34
C THR A 3 8.53 -13.85 5.42
N PRO A 4 7.57 -12.94 5.36
CA PRO A 4 7.70 -11.75 4.52
C PRO A 4 8.98 -11.00 4.84
N ARG A 5 9.54 -10.38 3.84
CA ARG A 5 10.80 -9.63 4.07
C ARG A 5 10.52 -8.21 4.51
N ARG A 6 11.12 -7.83 5.61
CA ARG A 6 10.93 -6.45 6.14
C ARG A 6 12.04 -6.11 7.11
N ASP A 7 12.26 -6.98 8.05
CA ASP A 7 13.30 -6.75 9.05
C ASP A 7 13.39 -5.30 9.43
N ALA A 8 14.57 -4.90 9.73
CA ALA A 8 14.80 -3.50 10.10
C ALA A 8 16.07 -3.08 9.42
N GLU A 9 16.43 -3.84 8.43
CA GLU A 9 17.65 -3.56 7.66
C GLU A 9 17.38 -3.60 6.16
N TYR A 10 16.36 -4.33 5.73
CA TYR A 10 16.13 -4.35 4.27
C TYR A 10 15.54 -3.00 3.80
N PRO A 11 14.41 -2.59 4.36
CA PRO A 11 13.80 -1.31 3.99
C PRO A 11 14.55 -0.15 4.66
N PRO A 12 14.66 0.96 3.97
CA PRO A 12 15.35 2.12 4.53
C PRO A 12 14.69 2.57 5.85
N PRO A 13 15.41 2.44 6.97
CA PRO A 13 14.86 2.83 8.27
C PRO A 13 14.38 4.28 8.26
N GLU A 14 14.94 5.07 7.38
CA GLU A 14 14.52 6.48 7.32
C GLU A 14 13.14 6.59 6.69
N LEU A 15 13.02 6.04 5.51
CA LEU A 15 11.71 6.09 4.82
C LEU A 15 10.69 5.39 5.67
N LEU A 16 11.17 4.56 6.54
CA LEU A 16 10.25 3.81 7.42
C LEU A 16 9.78 4.71 8.55
N GLU A 17 10.66 5.59 8.99
CA GLU A 17 10.28 6.50 10.09
C GLU A 17 9.17 7.44 9.64
N ALA A 18 9.17 7.75 8.38
CA ALA A 18 8.11 8.66 7.85
C ALA A 18 6.84 7.87 7.52
N LEU A 19 7.02 6.64 7.12
CA LEU A 19 5.85 5.80 6.78
C LEU A 19 5.16 5.26 8.02
N LYS A 20 5.94 4.73 8.94
CA LYS A 20 5.31 4.19 10.18
C LYS A 20 4.24 5.15 10.72
N PRO A 21 4.57 6.42 10.88
CA PRO A 21 3.61 7.40 11.39
C PRO A 21 2.46 7.56 10.40
N LEU A 22 2.80 7.90 9.17
CA LEU A 22 1.74 8.09 8.17
C LEU A 22 0.78 6.90 8.20
N HIS A 23 1.35 5.72 8.23
CA HIS A 23 0.49 4.51 8.26
C HIS A 23 -0.26 4.44 9.58
N ASP A 24 0.40 4.86 10.63
CA ASP A 24 -0.25 4.82 11.96
C ASP A 24 -1.33 5.89 12.04
N ILE A 25 -1.16 6.93 11.26
CA ILE A 25 -2.14 8.02 11.26
C ILE A 25 -3.42 7.58 10.53
N CYS A 26 -3.28 7.27 9.28
CA CYS A 26 -4.45 6.84 8.49
C CYS A 26 -5.18 5.70 9.21
N ALA A 27 -4.44 4.70 9.59
CA ALA A 27 -5.08 3.55 10.28
C ALA A 27 -5.84 4.06 11.50
N LYS A 28 -5.17 4.81 12.32
CA LYS A 28 -5.84 5.33 13.52
C LYS A 28 -7.00 6.23 13.12
N LYS A 29 -7.03 6.58 11.86
CA LYS A 29 -8.11 7.45 11.37
C LYS A 29 -9.27 6.61 10.88
N THR A 30 -8.94 5.57 10.17
CA THR A 30 -9.98 4.69 9.64
C THR A 30 -10.54 3.82 10.76
N GLY A 31 -9.91 3.88 11.89
CA GLY A 31 -10.38 3.06 13.05
C GLY A 31 -10.07 1.56 12.83
N VAL A 32 -9.37 1.27 11.76
CA VAL A 32 -9.02 -0.14 11.50
C VAL A 32 -8.30 -0.76 12.68
N THR A 33 -7.95 -2.03 12.57
CA THR A 33 -7.24 -2.72 13.68
C THR A 33 -5.97 -3.39 13.18
N ASP A 34 -4.93 -3.29 13.97
CA ASP A 34 -3.66 -3.92 13.56
C ASP A 34 -3.92 -5.31 13.01
N GLU A 35 -4.81 -6.02 13.64
CA GLU A 35 -5.13 -7.38 13.17
C GLU A 35 -5.46 -7.34 11.70
N ALA A 36 -6.50 -6.62 11.37
CA ALA A 36 -6.90 -6.52 9.95
C ALA A 36 -5.70 -6.12 9.11
N ILE A 37 -4.98 -5.14 9.57
CA ILE A 37 -3.79 -4.69 8.80
C ILE A 37 -2.79 -5.83 8.66
N ILE A 38 -2.54 -6.52 9.75
CA ILE A 38 -1.58 -7.65 9.69
C ILE A 38 -2.11 -8.79 8.83
N GLU A 39 -3.28 -9.26 9.15
CA GLU A 39 -3.88 -10.37 8.36
C GLU A 39 -3.72 -10.13 6.86
N PHE A 40 -3.78 -8.89 6.48
CA PHE A 40 -3.64 -8.57 5.04
C PHE A 40 -2.18 -8.55 4.61
N SER A 41 -1.30 -8.25 5.52
CA SER A 41 0.14 -8.22 5.16
C SER A 41 0.78 -9.60 5.26
N ASP A 42 0.94 -10.07 6.47
CA ASP A 42 1.56 -11.41 6.64
C ASP A 42 0.52 -12.53 6.57
N GLY A 43 -0.65 -12.25 7.06
CA GLY A 43 -1.73 -13.31 7.02
C GLY A 43 -2.33 -13.43 5.62
N LYS A 44 -3.59 -13.79 5.57
CA LYS A 44 -4.26 -13.93 4.25
C LYS A 44 -5.09 -12.70 3.90
N ILE A 45 -5.19 -12.43 2.63
CA ILE A 45 -5.96 -11.24 2.18
C ILE A 45 -7.42 -11.32 2.63
N HIS A 46 -7.93 -10.21 3.11
CA HIS A 46 -9.35 -10.18 3.56
C HIS A 46 -10.03 -8.90 3.07
N GLU A 47 -11.34 -8.86 3.16
CA GLU A 47 -12.08 -7.65 2.70
C GLU A 47 -12.65 -6.83 3.85
N ASP A 48 -11.79 -6.19 4.59
CA ASP A 48 -12.27 -5.38 5.72
C ASP A 48 -12.59 -3.98 5.22
N GLU A 49 -13.87 -3.70 5.09
CA GLU A 49 -14.31 -2.36 4.59
C GLU A 49 -13.37 -1.25 5.05
N LYS A 50 -12.79 -1.41 6.19
CA LYS A 50 -11.87 -0.37 6.70
C LYS A 50 -10.56 -0.42 5.93
N LEU A 51 -9.97 -1.57 5.87
CA LEU A 51 -8.69 -1.68 5.14
C LEU A 51 -8.81 -0.95 3.80
N LYS A 52 -9.85 -1.25 3.09
CA LYS A 52 -10.04 -0.58 1.77
C LYS A 52 -10.03 0.93 1.94
N CYS A 53 -10.70 1.40 2.97
CA CYS A 53 -10.73 2.85 3.20
C CYS A 53 -9.41 3.31 3.75
N TYR A 54 -8.89 2.59 4.69
CA TYR A 54 -7.60 2.99 5.28
C TYR A 54 -6.60 3.23 4.16
N MET A 55 -6.60 2.35 3.20
CA MET A 55 -5.65 2.52 2.07
C MET A 55 -5.96 3.82 1.37
N ASN A 56 -7.19 3.95 0.93
CA ASN A 56 -7.57 5.19 0.22
C ASN A 56 -7.14 6.37 1.06
N CYS A 57 -7.22 6.19 2.36
CA CYS A 57 -6.81 7.28 3.26
C CYS A 57 -5.35 7.63 3.06
N LEU A 58 -4.53 6.61 2.94
CA LEU A 58 -3.10 6.88 2.73
C LEU A 58 -2.88 7.74 1.50
N PHE A 59 -3.54 7.40 0.43
CA PHE A 59 -3.39 8.19 -0.80
C PHE A 59 -3.57 9.66 -0.48
N HIS A 60 -4.65 9.96 0.20
CA HIS A 60 -4.91 11.38 0.55
C HIS A 60 -3.90 11.88 1.59
N GLU A 61 -3.77 11.15 2.67
CA GLU A 61 -2.82 11.57 3.72
C GLU A 61 -1.49 11.99 3.11
N ALA A 62 -1.04 11.22 2.15
CA ALA A 62 0.25 11.56 1.50
C ALA A 62 0.04 12.51 0.33
N LYS A 63 -1.21 12.79 0.05
CA LYS A 63 -1.53 13.71 -1.06
C LYS A 63 -0.64 13.44 -2.28
N VAL A 64 -1.08 12.49 -3.08
CA VAL A 64 -0.30 12.13 -4.31
C VAL A 64 -1.23 12.12 -5.50
N VAL A 65 -2.49 12.31 -5.21
CA VAL A 65 -3.50 12.32 -6.29
C VAL A 65 -3.54 13.69 -6.96
N ASP A 66 -4.60 13.96 -7.65
CA ASP A 66 -4.71 15.28 -8.33
C ASP A 66 -5.38 16.29 -7.42
N ASP A 67 -6.63 16.55 -7.69
CA ASP A 67 -7.39 17.53 -6.87
C ASP A 67 -8.70 16.92 -6.43
N ASN A 68 -8.83 15.63 -6.66
CA ASN A 68 -10.08 14.95 -6.26
C ASN A 68 -9.77 13.55 -5.73
N GLY A 69 -8.61 13.04 -6.06
CA GLY A 69 -8.24 11.67 -5.57
C GLY A 69 -8.16 10.68 -6.75
N ASP A 70 -7.91 11.19 -7.92
CA ASP A 70 -7.82 10.28 -9.09
C ASP A 70 -6.57 9.42 -9.02
N VAL A 71 -5.84 9.58 -7.96
CA VAL A 71 -4.60 8.78 -7.79
C VAL A 71 -3.82 8.65 -9.09
N HIS A 72 -3.00 9.64 -9.36
CA HIS A 72 -2.20 9.59 -10.62
C HIS A 72 -0.87 8.88 -10.38
N LEU A 73 -0.76 7.68 -10.88
CA LEU A 73 0.51 6.92 -10.69
C LEU A 73 1.72 7.81 -10.97
N GLU A 74 1.52 8.84 -11.72
CA GLU A 74 2.65 9.73 -12.05
C GLU A 74 3.36 10.18 -10.77
N LYS A 75 2.62 10.75 -9.87
CA LYS A 75 3.24 11.21 -8.60
C LYS A 75 3.44 10.05 -7.64
N LEU A 76 2.59 9.08 -7.75
CA LEU A 76 2.72 7.91 -6.85
C LEU A 76 4.04 7.19 -7.06
N ARG A 77 4.35 6.89 -8.29
CA ARG A 77 5.63 6.20 -8.59
C ARG A 77 6.82 7.13 -8.42
N ASP A 78 6.63 8.38 -8.74
CA ASP A 78 7.75 9.36 -8.61
C ASP A 78 8.15 9.53 -7.15
N SER A 79 7.22 9.28 -6.27
CA SER A 79 7.53 9.42 -4.82
C SER A 79 8.59 8.40 -4.37
N LEU A 80 8.22 7.15 -4.40
CA LEU A 80 9.19 6.10 -3.97
C LEU A 80 10.61 6.39 -4.51
N PRO A 81 11.62 6.18 -3.68
CA PRO A 81 13.01 6.42 -4.08
C PRO A 81 13.41 5.53 -5.25
N ASN A 82 14.57 5.81 -5.81
CA ASN A 82 15.06 5.00 -6.95
C ASN A 82 15.02 3.50 -6.66
N SER A 83 15.22 3.14 -5.42
CA SER A 83 15.19 1.69 -5.07
C SER A 83 13.82 1.09 -5.28
N MET A 84 12.89 1.46 -4.45
CA MET A 84 11.52 0.91 -4.60
C MET A 84 11.01 1.19 -6.01
N HIS A 85 11.38 2.34 -6.52
CA HIS A 85 10.95 2.70 -7.88
C HIS A 85 11.19 1.55 -8.84
N ASP A 86 12.37 1.00 -8.80
CA ASP A 86 12.68 -0.13 -9.70
C ASP A 86 11.80 -1.31 -9.38
N ILE A 87 11.68 -1.60 -8.11
CA ILE A 87 10.82 -2.73 -7.70
C ILE A 87 9.39 -2.43 -8.02
N ALA A 88 9.11 -1.16 -8.21
CA ALA A 88 7.73 -0.76 -8.52
C ALA A 88 7.45 -1.01 -9.99
N MET A 89 8.46 -0.83 -10.79
CA MET A 89 8.29 -1.05 -12.24
C MET A 89 7.99 -2.52 -12.51
N HIS A 90 8.63 -3.37 -11.76
CA HIS A 90 8.40 -4.83 -11.95
C HIS A 90 7.04 -5.22 -11.40
N MET A 91 6.80 -4.88 -10.16
CA MET A 91 5.49 -5.24 -9.55
C MET A 91 4.37 -4.47 -10.22
N GLY A 92 4.75 -3.51 -11.04
CA GLY A 92 3.71 -2.70 -11.74
C GLY A 92 3.16 -3.46 -12.95
N LYS A 93 3.79 -4.55 -13.28
CA LYS A 93 3.32 -5.36 -14.44
C LYS A 93 1.80 -5.45 -14.45
N ARG A 94 1.27 -6.24 -13.56
CA ARG A 94 -0.21 -6.39 -13.48
C ARG A 94 -0.78 -5.61 -12.31
N CYS A 95 -1.15 -4.38 -12.56
CA CYS A 95 -1.72 -3.55 -11.48
C CYS A 95 -2.27 -2.24 -12.03
N LEU A 96 -2.78 -2.31 -13.24
CA LEU A 96 -3.35 -1.08 -13.87
C LEU A 96 -4.75 -1.35 -14.42
N TYR A 97 -5.57 -1.99 -13.63
CA TYR A 97 -6.95 -2.28 -14.11
C TYR A 97 -7.94 -2.47 -12.94
N PRO A 98 -8.02 -1.47 -12.10
CA PRO A 98 -8.91 -1.50 -10.94
C PRO A 98 -10.34 -1.87 -11.33
N GLU A 99 -10.84 -2.92 -10.72
CA GLU A 99 -12.22 -3.36 -11.03
C GLU A 99 -13.20 -2.86 -9.97
N GLY A 100 -13.11 -1.59 -9.67
CA GLY A 100 -14.03 -1.01 -8.65
C GLY A 100 -14.77 0.17 -9.24
N GLU A 101 -14.59 1.31 -8.63
CA GLU A 101 -15.27 2.54 -9.12
C GLU A 101 -15.23 3.61 -8.05
N ASN A 102 -14.60 3.30 -6.94
CA ASN A 102 -14.51 4.29 -5.84
C ASN A 102 -13.09 4.40 -5.31
N LEU A 103 -12.84 5.40 -4.51
CA LEU A 103 -11.48 5.58 -3.95
C LEU A 103 -11.11 4.42 -3.04
N CYS A 104 -12.07 3.95 -2.28
CA CYS A 104 -11.80 2.83 -1.36
C CYS A 104 -11.63 1.53 -2.13
N GLU A 105 -12.50 1.32 -3.09
CA GLU A 105 -12.40 0.07 -3.90
C GLU A 105 -11.09 0.03 -4.67
N LYS A 106 -10.73 1.14 -5.25
CA LYS A 106 -9.46 1.17 -6.03
C LYS A 106 -8.27 0.95 -5.10
N ALA A 107 -8.18 1.77 -4.09
CA ALA A 107 -7.05 1.62 -3.15
C ALA A 107 -6.87 0.16 -2.79
N PHE A 108 -7.98 -0.53 -2.69
CA PHE A 108 -7.93 -1.96 -2.34
C PHE A 108 -7.44 -2.79 -3.54
N TRP A 109 -7.91 -2.46 -4.71
CA TRP A 109 -7.47 -3.23 -5.90
C TRP A 109 -5.96 -3.22 -6.02
N LEU A 110 -5.40 -2.04 -6.10
CA LEU A 110 -3.92 -1.96 -6.23
C LEU A 110 -3.27 -2.78 -5.13
N HIS A 111 -3.63 -2.50 -3.91
CA HIS A 111 -3.02 -3.28 -2.80
C HIS A 111 -3.10 -4.76 -3.11
N LYS A 112 -4.30 -5.23 -3.32
CA LYS A 112 -4.46 -6.66 -3.64
C LYS A 112 -3.54 -7.02 -4.79
N CYS A 113 -3.23 -6.05 -5.60
CA CYS A 113 -2.35 -6.30 -6.75
C CYS A 113 -0.90 -6.21 -6.31
N TRP A 114 -0.63 -5.26 -5.45
CA TRP A 114 0.76 -5.10 -4.97
C TRP A 114 1.09 -6.17 -3.95
N LYS A 115 0.06 -6.83 -3.48
CA LYS A 115 0.28 -7.90 -2.47
C LYS A 115 0.49 -9.25 -3.15
N GLN A 116 -0.42 -9.59 -4.02
CA GLN A 116 -0.31 -10.88 -4.73
C GLN A 116 0.99 -10.96 -5.53
N ALA A 117 1.35 -9.87 -6.15
CA ALA A 117 2.59 -9.86 -6.94
C ALA A 117 3.78 -10.39 -6.12
N ASP A 118 4.05 -9.76 -5.02
CA ASP A 118 5.19 -10.22 -4.19
C ASP A 118 4.95 -9.89 -2.71
N PRO A 119 4.33 -10.82 -1.99
CA PRO A 119 4.05 -10.62 -0.57
C PRO A 119 5.34 -10.56 0.25
N LYS A 120 6.44 -10.55 -0.45
CA LYS A 120 7.75 -10.49 0.23
C LYS A 120 8.20 -9.04 0.41
N HIS A 121 7.88 -8.22 -0.56
CA HIS A 121 8.29 -6.80 -0.47
C HIS A 121 7.14 -5.93 0.07
N TYR A 122 5.97 -6.50 0.12
CA TYR A 122 4.81 -5.72 0.62
C TYR A 122 5.13 -5.04 1.95
N PHE A 123 4.48 -3.92 2.21
CA PHE A 123 4.74 -3.20 3.47
C PHE A 123 3.75 -3.64 4.56
N LEU A 124 3.17 -2.69 5.25
CA LEU A 124 2.21 -3.04 6.31
C LEU A 124 2.78 -4.11 7.24
N VAL A 125 3.49 -3.67 8.24
CA VAL A 125 4.08 -4.65 9.19
C VAL A 125 3.07 -5.73 9.58
N ASP A 1 3.03 -21.92 -1.69
CA ASP A 1 3.95 -21.81 -0.53
C ASP A 1 4.18 -20.34 -0.20
N VAL A 2 3.70 -19.92 0.94
CA VAL A 2 3.89 -18.51 1.34
C VAL A 2 5.19 -18.32 2.11
N THR A 3 5.94 -17.32 1.71
CA THR A 3 7.23 -17.06 2.40
C THR A 3 7.73 -15.64 2.10
N PRO A 4 7.14 -14.68 2.79
CA PRO A 4 7.49 -13.27 2.60
C PRO A 4 8.94 -12.98 3.01
N ARG A 5 9.64 -12.29 2.15
CA ARG A 5 11.05 -11.96 2.44
C ARG A 5 11.14 -10.87 3.51
N ARG A 6 12.31 -10.75 4.10
CA ARG A 6 12.48 -9.72 5.15
C ARG A 6 13.95 -9.55 5.49
N ASP A 7 14.37 -8.31 5.60
CA ASP A 7 15.79 -8.05 5.92
C ASP A 7 16.02 -6.55 6.12
N ALA A 8 17.19 -6.22 6.61
CA ALA A 8 17.49 -4.78 6.82
C ALA A 8 17.82 -4.11 5.50
N GLU A 9 17.00 -4.37 4.51
CA GLU A 9 17.25 -3.76 3.18
C GLU A 9 15.93 -3.37 2.50
N TYR A 10 14.91 -4.14 2.72
CA TYR A 10 13.61 -3.80 2.07
C TYR A 10 12.81 -2.78 2.88
N PRO A 11 12.98 -2.82 4.20
CA PRO A 11 12.29 -1.90 5.10
C PRO A 11 13.23 -0.73 5.57
N PRO A 12 13.47 0.25 4.70
CA PRO A 12 14.34 1.36 5.07
C PRO A 12 13.91 1.97 6.42
N PRO A 13 14.82 1.98 7.40
CA PRO A 13 14.51 2.54 8.71
C PRO A 13 14.00 3.97 8.60
N GLU A 14 14.51 4.68 7.63
CA GLU A 14 14.06 6.08 7.45
C GLU A 14 12.60 6.09 7.05
N LEU A 15 12.24 5.17 6.19
CA LEU A 15 10.85 5.10 5.73
C LEU A 15 9.99 4.59 6.86
N LEU A 16 10.57 3.75 7.67
CA LEU A 16 9.83 3.19 8.81
C LEU A 16 9.62 4.26 9.87
N GLU A 17 10.40 5.29 9.79
CA GLU A 17 10.27 6.39 10.79
C GLU A 17 9.12 7.31 10.43
N ALA A 18 9.09 7.74 9.20
CA ALA A 18 7.99 8.65 8.78
C ALA A 18 6.70 7.87 8.52
N LEU A 19 6.83 6.60 8.26
CA LEU A 19 5.62 5.79 8.00
C LEU A 19 4.92 5.34 9.29
N LYS A 20 5.70 4.91 10.26
CA LYS A 20 5.06 4.46 11.54
C LYS A 20 3.96 5.47 11.97
N PRO A 21 4.29 6.76 11.99
CA PRO A 21 3.32 7.77 12.39
C PRO A 21 2.27 7.97 11.29
N LEU A 22 2.73 8.30 10.09
CA LEU A 22 1.77 8.51 8.97
C LEU A 22 0.77 7.37 8.92
N HIS A 23 1.25 6.18 9.17
CA HIS A 23 0.34 5.02 9.14
C HIS A 23 -0.58 5.07 10.35
N ASP A 24 -0.01 5.41 11.48
CA ASP A 24 -0.83 5.48 12.71
C ASP A 24 -1.87 6.58 12.57
N ILE A 25 -1.54 7.55 11.77
CA ILE A 25 -2.47 8.68 11.57
C ILE A 25 -3.69 8.21 10.78
N CYS A 26 -3.45 7.76 9.58
CA CYS A 26 -4.57 7.29 8.74
C CYS A 26 -5.19 6.02 9.31
N ALA A 27 -4.38 5.04 9.56
CA ALA A 27 -4.91 3.78 10.13
C ALA A 27 -5.84 4.06 11.29
N LYS A 28 -5.41 4.92 12.17
CA LYS A 28 -6.27 5.25 13.34
C LYS A 28 -7.47 6.08 12.94
N LYS A 29 -7.36 6.75 11.81
CA LYS A 29 -8.51 7.58 11.37
C LYS A 29 -9.50 6.72 10.62
N THR A 30 -8.99 5.69 10.01
CA THR A 30 -9.87 4.78 9.25
C THR A 30 -10.47 3.75 10.19
N GLY A 31 -9.98 3.74 11.41
CA GLY A 31 -10.53 2.76 12.39
C GLY A 31 -9.91 1.37 12.16
N VAL A 32 -8.88 1.34 11.37
CA VAL A 32 -8.22 0.04 11.08
C VAL A 32 -7.46 -0.46 12.31
N THR A 33 -7.03 -1.71 12.25
CA THR A 33 -6.29 -2.30 13.39
C THR A 33 -4.96 -2.89 12.94
N ASP A 34 -3.95 -2.69 13.74
CA ASP A 34 -2.62 -3.23 13.37
C ASP A 34 -2.75 -4.68 12.98
N GLU A 35 -3.62 -5.38 13.65
CA GLU A 35 -3.82 -6.81 13.32
C GLU A 35 -4.31 -6.94 11.90
N ALA A 36 -5.39 -6.26 11.61
CA ALA A 36 -5.94 -6.33 10.23
C ALA A 36 -4.86 -5.98 9.23
N ILE A 37 -4.07 -4.99 9.57
CA ILE A 37 -2.98 -4.56 8.67
C ILE A 37 -1.97 -5.69 8.49
N ILE A 38 -1.31 -6.04 9.55
CA ILE A 38 -0.30 -7.12 9.47
C ILE A 38 -0.88 -8.33 8.73
N GLU A 39 -1.99 -8.82 9.22
CA GLU A 39 -2.60 -9.99 8.55
C GLU A 39 -2.68 -9.80 7.05
N PHE A 40 -3.10 -8.63 6.64
CA PHE A 40 -3.19 -8.36 5.20
C PHE A 40 -1.84 -8.50 4.52
N SER A 41 -0.80 -8.25 5.28
CA SER A 41 0.57 -8.38 4.70
C SER A 41 1.08 -9.81 4.82
N ASP A 42 1.37 -10.21 6.02
CA ASP A 42 1.87 -11.58 6.23
C ASP A 42 0.72 -12.59 6.27
N GLY A 43 -0.39 -12.15 6.79
CA GLY A 43 -1.56 -13.08 6.87
C GLY A 43 -2.19 -13.26 5.49
N LYS A 44 -3.51 -13.31 5.46
CA LYS A 44 -4.21 -13.48 4.16
C LYS A 44 -4.99 -12.22 3.76
N ILE A 45 -4.94 -11.90 2.50
CA ILE A 45 -5.66 -10.69 2.03
C ILE A 45 -7.14 -10.74 2.43
N HIS A 46 -7.49 -9.94 3.42
CA HIS A 46 -8.92 -9.92 3.86
C HIS A 46 -9.61 -8.66 3.36
N GLU A 47 -10.92 -8.70 3.31
CA GLU A 47 -11.67 -7.52 2.83
C GLU A 47 -12.19 -6.67 3.99
N ASP A 48 -11.28 -6.04 4.68
CA ASP A 48 -11.71 -5.19 5.82
C ASP A 48 -12.22 -3.84 5.31
N GLU A 49 -13.49 -3.63 5.41
CA GLU A 49 -14.09 -2.34 4.94
C GLU A 49 -13.19 -1.17 5.28
N LYS A 50 -12.45 -1.28 6.34
CA LYS A 50 -11.55 -0.17 6.73
C LYS A 50 -10.25 -0.26 5.98
N LEU A 51 -9.58 -1.39 6.07
CA LEU A 51 -8.31 -1.50 5.35
C LEU A 51 -8.53 -1.01 3.93
N LYS A 52 -9.76 -1.08 3.51
CA LYS A 52 -10.12 -0.64 2.16
C LYS A 52 -10.06 0.88 2.10
N CYS A 53 -10.76 1.50 3.02
CA CYS A 53 -10.76 2.97 3.03
C CYS A 53 -9.42 3.49 3.49
N TYR A 54 -8.86 2.85 4.49
CA TYR A 54 -7.56 3.31 4.97
C TYR A 54 -6.63 3.48 3.79
N MET A 55 -6.48 2.43 3.02
CA MET A 55 -5.60 2.52 1.84
C MET A 55 -5.95 3.79 1.08
N ASN A 56 -7.19 3.91 0.70
CA ASN A 56 -7.61 5.11 -0.05
C ASN A 56 -7.09 6.35 0.68
N CYS A 57 -7.16 6.32 1.99
CA CYS A 57 -6.68 7.47 2.78
C CYS A 57 -5.22 7.73 2.47
N LEU A 58 -4.44 6.67 2.43
CA LEU A 58 -3.01 6.84 2.13
C LEU A 58 -2.83 7.67 0.88
N PHE A 59 -3.52 7.30 -0.17
CA PHE A 59 -3.41 8.07 -1.43
C PHE A 59 -3.55 9.56 -1.13
N HIS A 60 -4.65 9.91 -0.52
CA HIS A 60 -4.88 11.34 -0.20
C HIS A 60 -3.81 11.86 0.75
N GLU A 61 -3.45 11.03 1.69
CA GLU A 61 -2.41 11.45 2.66
C GLU A 61 -1.19 11.99 1.93
N ALA A 62 -0.87 11.40 0.81
CA ALA A 62 0.31 11.86 0.04
C ALA A 62 -0.11 12.87 -1.03
N LYS A 63 -1.39 13.03 -1.20
CA LYS A 63 -1.88 13.99 -2.23
C LYS A 63 -1.32 13.66 -3.60
N VAL A 64 -1.25 12.38 -3.90
CA VAL A 64 -0.72 11.96 -5.22
C VAL A 64 -1.84 11.61 -6.19
N VAL A 65 -2.99 12.20 -5.97
CA VAL A 65 -4.14 11.92 -6.86
C VAL A 65 -4.16 12.87 -8.05
N ASP A 66 -5.20 12.77 -8.83
CA ASP A 66 -5.31 13.67 -10.03
C ASP A 66 -6.32 14.78 -9.77
N ASP A 67 -7.53 14.56 -10.22
CA ASP A 67 -8.59 15.59 -10.03
C ASP A 67 -9.86 14.95 -9.45
N ASN A 68 -9.89 13.63 -9.49
CA ASN A 68 -11.07 12.91 -8.97
C ASN A 68 -10.66 11.90 -7.91
N GLY A 69 -9.36 11.71 -7.76
CA GLY A 69 -8.87 10.75 -6.74
C GLY A 69 -8.55 9.40 -7.40
N ASP A 70 -8.10 9.46 -8.63
CA ASP A 70 -7.76 8.19 -9.33
C ASP A 70 -6.33 7.76 -9.02
N VAL A 71 -5.84 8.21 -7.89
CA VAL A 71 -4.45 7.86 -7.47
C VAL A 71 -3.52 7.70 -8.67
N HIS A 72 -3.03 8.81 -9.15
CA HIS A 72 -2.12 8.75 -10.32
C HIS A 72 -0.91 7.87 -10.03
N LEU A 73 -0.38 7.27 -11.05
CA LEU A 73 0.81 6.38 -10.84
C LEU A 73 2.11 7.17 -10.98
N GLU A 74 2.23 7.88 -12.06
CA GLU A 74 3.47 8.68 -12.30
C GLU A 74 3.98 9.32 -11.01
N LYS A 75 3.09 9.91 -10.25
CA LYS A 75 3.53 10.56 -9.00
C LYS A 75 3.68 9.54 -7.88
N LEU A 76 2.79 8.58 -7.85
CA LEU A 76 2.88 7.55 -6.80
C LEU A 76 4.13 6.71 -6.96
N ARG A 77 4.66 6.69 -8.15
CA ARG A 77 5.89 5.89 -8.39
C ARG A 77 7.14 6.70 -8.06
N ASP A 78 7.20 7.90 -8.57
CA ASP A 78 8.39 8.75 -8.30
C ASP A 78 8.46 9.14 -6.83
N SER A 79 7.37 8.97 -6.13
CA SER A 79 7.36 9.33 -4.69
C SER A 79 8.34 8.47 -3.90
N LEU A 80 8.47 7.23 -4.31
CA LEU A 80 9.39 6.31 -3.60
C LEU A 80 10.82 6.43 -4.15
N PRO A 81 11.79 6.10 -3.33
CA PRO A 81 13.19 6.17 -3.73
C PRO A 81 13.46 5.34 -4.98
N ASN A 82 14.62 5.52 -5.55
CA ASN A 82 14.97 4.76 -6.77
C ASN A 82 14.74 3.26 -6.59
N SER A 83 15.49 2.67 -5.70
CA SER A 83 15.34 1.21 -5.46
C SER A 83 13.87 0.79 -5.47
N MET A 84 13.10 1.36 -4.59
CA MET A 84 11.66 1.00 -4.54
C MET A 84 11.00 1.27 -5.88
N HIS A 85 11.40 2.32 -6.53
CA HIS A 85 10.81 2.65 -7.85
C HIS A 85 11.12 1.53 -8.86
N ASP A 86 12.29 0.97 -8.74
CA ASP A 86 12.66 -0.12 -9.69
C ASP A 86 11.72 -1.30 -9.54
N ILE A 87 11.48 -1.71 -8.31
CA ILE A 87 10.58 -2.85 -8.08
C ILE A 87 9.14 -2.43 -8.32
N ALA A 88 8.91 -1.16 -8.28
CA ALA A 88 7.53 -0.67 -8.49
C ALA A 88 7.22 -0.58 -9.97
N MET A 89 8.26 -0.44 -10.76
CA MET A 89 8.07 -0.34 -12.22
C MET A 89 7.89 -1.73 -12.83
N HIS A 90 8.65 -2.67 -12.34
CA HIS A 90 8.54 -4.05 -12.88
C HIS A 90 7.30 -4.75 -12.33
N MET A 91 6.94 -4.41 -11.11
CA MET A 91 5.75 -5.05 -10.52
C MET A 91 4.47 -4.37 -11.01
N GLY A 92 4.59 -3.12 -11.34
CA GLY A 92 3.39 -2.39 -11.83
C GLY A 92 2.84 -3.07 -13.09
N LYS A 93 3.61 -3.95 -13.66
CA LYS A 93 3.14 -4.65 -14.88
C LYS A 93 2.28 -5.86 -14.52
N ARG A 94 1.54 -5.73 -13.44
CA ARG A 94 0.67 -6.85 -13.02
C ARG A 94 -0.56 -6.31 -12.29
N CYS A 95 -0.71 -5.02 -12.29
CA CYS A 95 -1.88 -4.41 -11.61
C CYS A 95 -2.36 -3.17 -12.36
N LEU A 96 -3.38 -3.34 -13.14
CA LEU A 96 -3.90 -2.17 -13.91
C LEU A 96 -5.34 -2.40 -14.34
N TYR A 97 -6.19 -2.75 -13.41
CA TYR A 97 -7.61 -2.98 -13.78
C TYR A 97 -8.53 -2.87 -12.56
N PRO A 98 -8.47 -1.73 -11.91
CA PRO A 98 -9.31 -1.49 -10.74
C PRO A 98 -10.79 -1.64 -11.07
N GLU A 99 -11.43 -2.56 -10.37
CA GLU A 99 -12.88 -2.80 -10.61
C GLU A 99 -13.68 -2.71 -9.33
N GLY A 100 -14.09 -1.50 -8.98
CA GLY A 100 -14.88 -1.32 -7.74
C GLY A 100 -16.03 -0.34 -7.99
N GLU A 101 -16.00 0.76 -7.29
CA GLU A 101 -17.08 1.77 -7.48
C GLU A 101 -16.85 2.96 -6.55
N ASN A 102 -15.91 2.79 -5.64
CA ASN A 102 -15.61 3.90 -4.69
C ASN A 102 -14.11 4.03 -4.48
N LEU A 103 -13.68 5.23 -4.23
CA LEU A 103 -12.23 5.46 -4.01
C LEU A 103 -11.65 4.41 -3.08
N CYS A 104 -12.48 3.87 -2.23
CA CYS A 104 -11.99 2.83 -1.28
C CYS A 104 -11.85 1.49 -1.98
N GLU A 105 -12.95 0.98 -2.47
CA GLU A 105 -12.90 -0.33 -3.16
C GLU A 105 -11.71 -0.39 -4.13
N LYS A 106 -11.44 0.72 -4.77
CA LYS A 106 -10.30 0.74 -5.72
C LYS A 106 -8.98 0.62 -4.99
N ALA A 107 -8.77 1.49 -4.02
CA ALA A 107 -7.50 1.43 -3.26
C ALA A 107 -7.18 -0.01 -2.90
N PHE A 108 -8.22 -0.79 -2.79
CA PHE A 108 -8.02 -2.22 -2.44
C PHE A 108 -7.56 -3.01 -3.67
N TRP A 109 -8.24 -2.80 -4.77
CA TRP A 109 -7.85 -3.52 -6.00
C TRP A 109 -6.36 -3.43 -6.22
N LEU A 110 -5.87 -2.23 -6.29
CA LEU A 110 -4.41 -2.06 -6.50
C LEU A 110 -3.62 -2.75 -5.41
N HIS A 111 -3.93 -2.45 -4.18
CA HIS A 111 -3.19 -3.10 -3.08
C HIS A 111 -3.28 -4.61 -3.24
N LYS A 112 -4.48 -5.11 -3.35
CA LYS A 112 -4.64 -6.57 -3.51
C LYS A 112 -3.93 -7.03 -4.77
N CYS A 113 -3.82 -6.14 -5.72
CA CYS A 113 -3.14 -6.50 -6.98
C CYS A 113 -1.64 -6.37 -6.83
N TRP A 114 -1.23 -5.38 -6.07
CA TRP A 114 0.22 -5.17 -5.86
C TRP A 114 0.77 -6.24 -4.92
N LYS A 115 -0.12 -6.92 -4.24
CA LYS A 115 0.30 -7.98 -3.31
C LYS A 115 0.39 -9.32 -4.02
N GLN A 116 -0.60 -9.60 -4.82
CA GLN A 116 -0.60 -10.89 -5.55
C GLN A 116 0.57 -10.97 -6.52
N ALA A 117 0.85 -9.89 -7.19
CA ALA A 117 1.98 -9.89 -8.15
C ALA A 117 3.23 -10.50 -7.52
N ASP A 118 3.66 -9.95 -6.42
CA ASP A 118 4.88 -10.51 -5.77
C ASP A 118 4.82 -10.29 -4.25
N PRO A 119 4.37 -11.30 -3.52
CA PRO A 119 4.27 -11.21 -2.05
C PRO A 119 5.65 -11.09 -1.41
N LYS A 120 6.59 -11.81 -1.96
CA LYS A 120 7.96 -11.76 -1.39
C LYS A 120 8.39 -10.32 -1.15
N HIS A 121 8.12 -9.48 -2.10
CA HIS A 121 8.50 -8.05 -1.94
C HIS A 121 7.41 -7.26 -1.24
N TYR A 122 6.30 -7.10 -1.91
CA TYR A 122 5.18 -6.34 -1.29
C TYR A 122 4.98 -6.74 0.17
N PHE A 123 4.66 -5.77 0.99
CA PHE A 123 4.46 -6.06 2.42
C PHE A 123 3.39 -5.14 3.00
N LEU A 124 3.69 -4.55 4.12
CA LEU A 124 2.68 -3.64 4.74
C LEU A 124 2.21 -2.62 3.71
N VAL A 125 3.11 -1.77 3.30
CA VAL A 125 2.75 -0.74 2.30
C VAL A 125 2.26 -1.39 1.00
N ASP A 1 8.69 -19.76 9.76
CA ASP A 1 9.11 -18.34 9.65
C ASP A 1 8.22 -17.60 8.66
N VAL A 2 8.09 -16.32 8.86
CA VAL A 2 7.23 -15.52 7.95
C VAL A 2 7.77 -15.56 6.51
N THR A 3 6.90 -15.34 5.56
CA THR A 3 7.35 -15.36 4.14
C THR A 3 7.90 -14.00 3.68
N PRO A 4 7.14 -12.94 3.91
CA PRO A 4 7.57 -11.60 3.53
C PRO A 4 8.87 -11.23 4.20
N ARG A 5 9.75 -10.62 3.44
CA ARG A 5 11.06 -10.23 4.00
C ARG A 5 11.12 -8.73 4.27
N ARG A 6 11.65 -8.38 5.40
CA ARG A 6 11.75 -6.94 5.75
C ARG A 6 12.57 -6.77 7.03
N ASP A 7 13.63 -6.03 6.94
CA ASP A 7 14.47 -5.81 8.12
C ASP A 7 15.04 -4.41 8.10
N ALA A 8 15.59 -3.99 9.20
CA ALA A 8 16.15 -2.62 9.24
C ALA A 8 17.45 -2.57 8.45
N GLU A 9 17.40 -3.01 7.23
CA GLU A 9 18.63 -3.00 6.40
C GLU A 9 18.31 -2.71 4.94
N TYR A 10 17.19 -3.22 4.47
CA TYR A 10 16.85 -2.97 3.04
C TYR A 10 16.00 -1.69 2.87
N PRO A 11 15.14 -1.43 3.84
CA PRO A 11 14.28 -0.26 3.83
C PRO A 11 14.98 0.92 4.51
N PRO A 12 15.04 2.06 3.86
CA PRO A 12 15.69 3.20 4.47
C PRO A 12 14.99 3.57 5.79
N PRO A 13 15.73 3.58 6.90
CA PRO A 13 15.15 3.91 8.20
C PRO A 13 14.43 5.26 8.16
N GLU A 14 14.61 5.98 7.09
CA GLU A 14 13.95 7.30 6.98
C GLU A 14 12.49 7.13 6.59
N LEU A 15 12.27 6.50 5.47
CA LEU A 15 10.88 6.29 5.02
C LEU A 15 10.17 5.34 5.96
N LEU A 16 10.95 4.58 6.67
CA LEU A 16 10.35 3.63 7.62
C LEU A 16 9.84 4.35 8.85
N GLU A 17 10.60 5.33 9.29
CA GLU A 17 10.18 6.09 10.49
C GLU A 17 8.99 6.99 10.16
N ALA A 18 8.85 7.33 8.91
CA ALA A 18 7.72 8.20 8.51
C ALA A 18 6.46 7.37 8.23
N LEU A 19 6.66 6.13 7.88
CA LEU A 19 5.49 5.26 7.58
C LEU A 19 4.81 4.79 8.86
N LYS A 20 5.58 4.25 9.77
CA LYS A 20 4.99 3.77 11.04
C LYS A 20 3.93 4.75 11.59
N PRO A 21 4.31 6.01 11.74
CA PRO A 21 3.40 7.03 12.27
C PRO A 21 2.25 7.30 11.29
N LEU A 22 2.58 7.72 10.10
CA LEU A 22 1.49 8.01 9.12
C LEU A 22 0.43 6.93 9.16
N HIS A 23 0.86 5.73 9.38
CA HIS A 23 -0.11 4.62 9.44
C HIS A 23 -0.93 4.72 10.72
N ASP A 24 -0.26 5.06 11.79
CA ASP A 24 -0.97 5.20 13.07
C ASP A 24 -2.00 6.31 12.99
N ILE A 25 -1.75 7.23 12.10
CA ILE A 25 -2.69 8.36 11.94
C ILE A 25 -3.97 7.88 11.25
N CYS A 26 -3.86 7.42 10.03
CA CYS A 26 -5.07 6.94 9.32
C CYS A 26 -5.71 5.80 10.11
N ALA A 27 -4.92 4.80 10.42
CA ALA A 27 -5.45 3.66 11.18
C ALA A 27 -6.37 4.12 12.31
N LYS A 28 -5.83 4.94 13.19
CA LYS A 28 -6.67 5.44 14.30
C LYS A 28 -7.86 6.23 13.78
N LYS A 29 -7.76 6.65 12.55
CA LYS A 29 -8.89 7.43 11.97
C LYS A 29 -9.88 6.51 11.31
N THR A 30 -9.39 5.69 10.43
CA THR A 30 -10.28 4.74 9.73
C THR A 30 -10.85 3.73 10.71
N GLY A 31 -10.34 3.73 11.91
CA GLY A 31 -10.83 2.77 12.93
C GLY A 31 -10.10 1.42 12.81
N VAL A 32 -9.64 1.10 11.63
CA VAL A 32 -8.92 -0.19 11.45
C VAL A 32 -7.76 -0.31 12.44
N THR A 33 -7.07 -1.41 12.38
CA THR A 33 -5.92 -1.59 13.31
C THR A 33 -4.81 -2.42 12.69
N ASP A 34 -3.65 -2.33 13.29
CA ASP A 34 -2.50 -3.10 12.75
C ASP A 34 -2.92 -4.50 12.37
N GLU A 35 -3.72 -5.11 13.21
CA GLU A 35 -4.18 -6.49 12.90
C GLU A 35 -4.61 -6.58 11.44
N ALA A 36 -5.61 -5.83 11.10
CA ALA A 36 -6.11 -5.86 9.71
C ALA A 36 -4.96 -5.60 8.74
N ILE A 37 -4.21 -4.57 9.01
CA ILE A 37 -3.08 -4.25 8.11
C ILE A 37 -2.13 -5.44 7.99
N ILE A 38 -1.62 -5.89 9.12
CA ILE A 38 -0.69 -7.06 9.08
C ILE A 38 -1.33 -8.23 8.35
N GLU A 39 -2.45 -8.68 8.84
CA GLU A 39 -3.13 -9.82 8.19
C GLU A 39 -3.10 -9.67 6.67
N PHE A 40 -3.11 -8.45 6.22
CA PHE A 40 -3.08 -8.21 4.76
C PHE A 40 -1.66 -8.39 4.22
N SER A 41 -0.69 -8.02 5.01
CA SER A 41 0.71 -8.17 4.56
C SER A 41 1.21 -9.60 4.79
N ASP A 42 1.41 -9.95 6.03
CA ASP A 42 1.88 -11.32 6.32
C ASP A 42 0.81 -12.35 5.98
N GLY A 43 -0.39 -12.10 6.42
CA GLY A 43 -1.49 -13.04 6.13
C GLY A 43 -1.93 -12.92 4.66
N LYS A 44 -3.13 -13.33 4.39
CA LYS A 44 -3.63 -13.25 3.00
C LYS A 44 -4.55 -12.04 2.83
N ILE A 45 -4.85 -11.72 1.60
CA ILE A 45 -5.73 -10.56 1.34
C ILE A 45 -7.10 -10.75 1.98
N HIS A 46 -7.58 -9.70 2.61
CA HIS A 46 -8.92 -9.78 3.26
C HIS A 46 -9.74 -8.56 2.89
N GLU A 47 -10.85 -8.80 2.25
CA GLU A 47 -11.72 -7.69 1.84
C GLU A 47 -12.28 -6.93 3.03
N ASP A 48 -11.41 -6.32 3.77
CA ASP A 48 -11.85 -5.56 4.95
C ASP A 48 -12.32 -4.18 4.52
N GLU A 49 -13.63 -4.04 4.38
CA GLU A 49 -14.20 -2.72 3.95
C GLU A 49 -13.38 -1.56 4.49
N LYS A 50 -12.82 -1.75 5.64
CA LYS A 50 -12.01 -0.66 6.23
C LYS A 50 -10.66 -0.59 5.55
N LEU A 51 -9.98 -1.71 5.50
CA LEU A 51 -8.66 -1.71 4.85
C LEU A 51 -8.78 -1.01 3.51
N LYS A 52 -9.93 -1.13 2.91
CA LYS A 52 -10.13 -0.48 1.59
C LYS A 52 -10.22 1.02 1.79
N CYS A 53 -10.84 1.43 2.86
CA CYS A 53 -10.97 2.86 3.14
C CYS A 53 -9.69 3.39 3.74
N TYR A 54 -9.20 2.71 4.74
CA TYR A 54 -7.95 3.16 5.35
C TYR A 54 -6.90 3.38 4.29
N MET A 55 -6.83 2.45 3.36
CA MET A 55 -5.83 2.60 2.29
C MET A 55 -6.12 3.90 1.57
N ASN A 56 -7.33 4.02 1.11
CA ASN A 56 -7.72 5.25 0.40
C ASN A 56 -7.31 6.47 1.24
N CYS A 57 -7.57 6.39 2.52
CA CYS A 57 -7.21 7.52 3.41
C CYS A 57 -5.71 7.78 3.33
N LEU A 58 -4.97 6.75 3.05
CA LEU A 58 -3.50 6.91 2.95
C LEU A 58 -3.15 7.68 1.69
N PHE A 59 -3.80 7.35 0.60
CA PHE A 59 -3.52 8.05 -0.67
C PHE A 59 -3.61 9.56 -0.45
N HIS A 60 -4.69 9.96 0.17
CA HIS A 60 -4.88 11.41 0.44
C HIS A 60 -3.78 11.93 1.36
N GLU A 61 -3.59 11.24 2.46
CA GLU A 61 -2.54 11.69 3.42
C GLU A 61 -1.26 12.08 2.68
N ALA A 62 -0.64 11.10 2.08
CA ALA A 62 0.62 11.39 1.32
C ALA A 62 0.38 12.45 0.25
N LYS A 63 -0.86 12.79 0.04
CA LYS A 63 -1.17 13.83 -0.99
C LYS A 63 -0.62 13.41 -2.35
N VAL A 64 -0.83 12.17 -2.71
CA VAL A 64 -0.33 11.67 -4.02
C VAL A 64 -1.49 11.44 -5.00
N VAL A 65 -2.53 12.23 -4.84
CA VAL A 65 -3.71 12.08 -5.75
C VAL A 65 -4.00 13.39 -6.48
N ASP A 66 -4.42 13.28 -7.71
CA ASP A 66 -4.73 14.50 -8.49
C ASP A 66 -6.11 15.05 -8.12
N ASP A 67 -6.53 16.06 -8.85
CA ASP A 67 -7.85 16.66 -8.55
C ASP A 67 -8.97 15.67 -8.86
N ASN A 68 -8.60 14.43 -9.04
CA ASN A 68 -9.62 13.39 -9.35
C ASN A 68 -9.60 12.28 -8.29
N GLY A 69 -8.68 12.41 -7.37
CA GLY A 69 -8.59 11.37 -6.30
C GLY A 69 -8.28 10.00 -6.90
N ASP A 70 -7.80 10.01 -8.12
CA ASP A 70 -7.47 8.72 -8.78
C ASP A 70 -6.00 8.35 -8.54
N VAL A 71 -5.53 8.65 -7.35
CA VAL A 71 -4.11 8.34 -6.99
C VAL A 71 -3.18 8.49 -8.18
N HIS A 72 -2.81 9.70 -8.48
CA HIS A 72 -1.91 9.93 -9.63
C HIS A 72 -0.60 9.17 -9.45
N LEU A 73 -0.06 8.69 -10.54
CA LEU A 73 1.22 7.94 -10.47
C LEU A 73 2.44 8.86 -10.61
N GLU A 74 2.21 10.05 -11.10
CA GLU A 74 3.35 10.99 -11.27
C GLU A 74 3.91 11.42 -9.91
N LYS A 75 3.04 11.85 -9.05
CA LYS A 75 3.51 12.29 -7.71
C LYS A 75 3.92 11.08 -6.89
N LEU A 76 3.32 9.97 -7.17
CA LEU A 76 3.67 8.74 -6.41
C LEU A 76 5.10 8.32 -6.70
N ARG A 77 5.47 8.45 -7.96
CA ARG A 77 6.85 8.05 -8.34
C ARG A 77 7.84 9.12 -7.92
N ASP A 78 7.37 10.32 -7.74
CA ASP A 78 8.29 11.40 -7.32
C ASP A 78 8.61 11.32 -5.83
N SER A 79 7.70 10.75 -5.09
CA SER A 79 7.93 10.61 -3.63
C SER A 79 8.90 9.47 -3.31
N LEU A 80 9.20 8.68 -4.31
CA LEU A 80 10.13 7.53 -4.09
C LEU A 80 11.11 7.40 -5.27
N PRO A 81 12.31 6.90 -5.00
CA PRO A 81 13.32 6.73 -6.04
C PRO A 81 12.81 5.81 -7.15
N ASN A 82 13.65 5.56 -8.12
CA ASN A 82 13.24 4.67 -9.23
C ASN A 82 13.55 3.21 -8.91
N SER A 83 14.33 3.01 -7.88
CA SER A 83 14.68 1.62 -7.49
C SER A 83 13.44 0.84 -7.09
N MET A 84 12.83 1.23 -6.00
CA MET A 84 11.63 0.51 -5.56
C MET A 84 10.67 0.30 -6.72
N HIS A 85 10.53 1.31 -7.54
CA HIS A 85 9.62 1.18 -8.71
C HIS A 85 10.07 0.04 -9.61
N ASP A 86 11.30 0.09 -10.05
CA ASP A 86 11.80 -1.00 -10.93
C ASP A 86 11.41 -2.36 -10.40
N ILE A 87 11.38 -2.48 -9.09
CA ILE A 87 11.01 -3.77 -8.49
C ILE A 87 9.49 -3.95 -8.50
N ALA A 88 8.79 -2.85 -8.48
CA ALA A 88 7.31 -2.93 -8.49
C ALA A 88 6.83 -3.23 -9.89
N MET A 89 7.57 -2.79 -10.86
CA MET A 89 7.17 -3.03 -12.25
C MET A 89 7.50 -4.46 -12.66
N HIS A 90 8.58 -4.97 -12.14
CA HIS A 90 8.98 -6.36 -12.47
C HIS A 90 8.08 -7.36 -11.75
N MET A 91 8.09 -7.29 -10.45
CA MET A 91 7.25 -8.23 -9.67
C MET A 91 5.76 -7.98 -9.93
N GLY A 92 5.45 -6.78 -10.33
CA GLY A 92 4.02 -6.46 -10.60
C GLY A 92 3.55 -7.13 -11.90
N LYS A 93 4.37 -7.04 -12.90
CA LYS A 93 4.00 -7.67 -14.20
C LYS A 93 2.70 -7.07 -14.74
N ARG A 94 2.11 -6.20 -13.95
CA ARG A 94 0.84 -5.58 -14.40
C ARG A 94 0.44 -4.45 -13.44
N CYS A 95 -0.52 -4.72 -12.61
CA CYS A 95 -0.97 -3.69 -11.64
C CYS A 95 -1.05 -2.31 -12.30
N LEU A 96 -1.98 -2.16 -13.20
CA LEU A 96 -2.12 -0.85 -13.88
C LEU A 96 -3.49 -0.74 -14.54
N TYR A 97 -4.51 -1.20 -13.83
CA TYR A 97 -5.86 -1.13 -14.40
C TYR A 97 -6.92 -1.18 -13.29
N PRO A 98 -6.77 -0.31 -12.32
CA PRO A 98 -7.68 -0.24 -11.19
C PRO A 98 -9.14 -0.30 -11.63
N GLU A 99 -9.87 -1.21 -11.03
CA GLU A 99 -11.30 -1.36 -11.36
C GLU A 99 -12.14 -1.44 -10.09
N GLY A 100 -13.17 -0.63 -10.04
CA GLY A 100 -14.04 -0.65 -8.84
C GLY A 100 -15.26 0.24 -9.07
N GLU A 101 -15.29 1.34 -8.38
CA GLU A 101 -16.44 2.27 -8.53
C GLU A 101 -16.22 3.55 -7.73
N ASN A 102 -15.20 3.54 -6.91
CA ASN A 102 -14.92 4.74 -6.09
C ASN A 102 -13.45 4.78 -5.70
N LEU A 103 -13.16 5.41 -4.59
CA LEU A 103 -11.75 5.49 -4.14
C LEU A 103 -11.38 4.29 -3.29
N CYS A 104 -12.27 3.90 -2.40
CA CYS A 104 -11.97 2.73 -1.54
C CYS A 104 -11.76 1.49 -2.38
N GLU A 105 -12.51 1.39 -3.45
CA GLU A 105 -12.35 0.19 -4.32
C GLU A 105 -10.98 0.20 -4.98
N LYS A 106 -10.71 1.22 -5.74
CA LYS A 106 -9.39 1.28 -6.41
C LYS A 106 -8.28 1.08 -5.38
N ALA A 107 -8.34 1.84 -4.32
CA ALA A 107 -7.30 1.70 -3.27
C ALA A 107 -7.01 0.23 -2.99
N PHE A 108 -8.06 -0.52 -2.82
CA PHE A 108 -7.91 -1.96 -2.55
C PHE A 108 -7.45 -2.71 -3.80
N TRP A 109 -7.66 -2.12 -4.94
CA TRP A 109 -7.23 -2.80 -6.20
C TRP A 109 -5.71 -2.81 -6.28
N LEU A 110 -5.10 -1.68 -6.05
CA LEU A 110 -3.63 -1.63 -6.12
C LEU A 110 -3.02 -2.47 -5.02
N HIS A 111 -3.53 -2.31 -3.82
CA HIS A 111 -2.97 -3.10 -2.71
C HIS A 111 -3.08 -4.58 -3.03
N LYS A 112 -4.23 -4.98 -3.50
CA LYS A 112 -4.41 -6.40 -3.86
C LYS A 112 -3.44 -6.77 -4.96
N CYS A 113 -3.16 -5.80 -5.80
CA CYS A 113 -2.23 -6.04 -6.92
C CYS A 113 -0.80 -5.99 -6.41
N TRP A 114 -0.55 -5.07 -5.51
CA TRP A 114 0.80 -4.94 -4.96
C TRP A 114 1.11 -6.12 -4.05
N LYS A 115 0.07 -6.77 -3.59
CA LYS A 115 0.27 -7.94 -2.70
C LYS A 115 0.48 -9.20 -3.51
N GLN A 116 -0.50 -9.54 -4.31
CA GLN A 116 -0.36 -10.75 -5.14
C GLN A 116 0.99 -10.77 -5.83
N ALA A 117 1.46 -9.62 -6.21
CA ALA A 117 2.77 -9.56 -6.89
C ALA A 117 3.84 -10.29 -6.08
N ASP A 118 4.08 -9.82 -4.89
CA ASP A 118 5.10 -10.48 -4.04
C ASP A 118 5.09 -9.88 -2.62
N PRO A 119 4.82 -10.72 -1.62
CA PRO A 119 4.78 -10.24 -0.23
C PRO A 119 6.15 -9.71 0.20
N LYS A 120 7.17 -10.08 -0.53
CA LYS A 120 8.53 -9.60 -0.16
C LYS A 120 8.59 -8.07 -0.21
N HIS A 121 9.08 -7.56 -1.30
CA HIS A 121 9.20 -6.09 -1.45
C HIS A 121 7.91 -5.39 -1.03
N TYR A 122 6.86 -6.14 -0.83
CA TYR A 122 5.57 -5.52 -0.43
C TYR A 122 5.44 -5.50 1.08
N PHE A 123 5.68 -4.35 1.67
CA PHE A 123 5.59 -4.22 3.15
C PHE A 123 4.54 -3.20 3.55
N LEU A 124 3.46 -3.66 4.09
CA LEU A 124 2.38 -2.71 4.50
C LEU A 124 1.90 -1.88 3.32
N VAL A 125 2.67 -0.88 2.97
CA VAL A 125 2.26 -0.02 1.83
C VAL A 125 2.63 -0.67 0.50
N ASP A 1 9.74 -21.13 -3.31
CA ASP A 1 9.03 -20.65 -2.11
C ASP A 1 9.15 -19.13 -2.00
N VAL A 2 8.27 -18.44 -2.68
CA VAL A 2 8.32 -16.96 -2.62
C VAL A 2 7.47 -16.43 -1.48
N THR A 3 7.33 -17.22 -0.45
CA THR A 3 6.52 -16.76 0.71
C THR A 3 6.91 -15.35 1.13
N PRO A 4 5.96 -14.61 1.68
CA PRO A 4 6.22 -13.24 2.11
C PRO A 4 7.37 -13.20 3.12
N ARG A 5 8.11 -12.14 3.09
CA ARG A 5 9.24 -12.03 4.04
C ARG A 5 9.72 -10.58 4.15
N ARG A 6 10.41 -10.30 5.21
CA ARG A 6 10.92 -8.93 5.40
C ARG A 6 11.80 -8.86 6.63
N ASP A 7 12.69 -7.91 6.64
CA ASP A 7 13.58 -7.78 7.80
C ASP A 7 14.15 -6.38 7.88
N ALA A 8 15.14 -6.20 8.71
CA ALA A 8 15.74 -4.86 8.84
C ALA A 8 16.96 -4.76 7.95
N GLU A 9 16.89 -5.44 6.82
CA GLU A 9 18.04 -5.40 5.89
C GLU A 9 17.60 -5.17 4.44
N TYR A 10 16.43 -5.67 4.08
CA TYR A 10 15.98 -5.44 2.68
C TYR A 10 15.27 -4.07 2.51
N PRO A 11 14.29 -3.80 3.35
CA PRO A 11 13.56 -2.54 3.28
C PRO A 11 14.34 -1.39 3.97
N PRO A 12 14.57 -0.30 3.27
CA PRO A 12 15.31 0.82 3.86
C PRO A 12 14.55 1.34 5.11
N PRO A 13 15.26 1.42 6.24
CA PRO A 13 14.63 1.89 7.48
C PRO A 13 14.11 3.32 7.35
N GLU A 14 14.52 3.99 6.31
CA GLU A 14 14.04 5.39 6.13
C GLU A 14 12.61 5.42 5.61
N LEU A 15 12.36 4.67 4.57
CA LEU A 15 10.99 4.64 4.02
C LEU A 15 10.03 4.04 5.02
N LEU A 16 10.58 3.27 5.92
CA LEU A 16 9.73 2.64 6.94
C LEU A 16 9.44 3.63 8.06
N GLU A 17 10.37 4.51 8.28
CA GLU A 17 10.18 5.52 9.35
C GLU A 17 9.10 6.53 8.97
N ALA A 18 9.00 6.80 7.70
CA ALA A 18 7.97 7.77 7.25
C ALA A 18 6.61 7.12 7.05
N LEU A 19 6.62 5.87 6.64
CA LEU A 19 5.33 5.18 6.43
C LEU A 19 4.67 4.78 7.75
N LYS A 20 5.45 4.26 8.65
CA LYS A 20 4.86 3.85 9.95
C LYS A 20 3.98 4.97 10.55
N PRO A 21 4.51 6.18 10.66
CA PRO A 21 3.74 7.29 11.22
C PRO A 21 2.54 7.58 10.34
N LEU A 22 2.79 7.88 9.10
CA LEU A 22 1.66 8.16 8.19
C LEU A 22 0.64 7.04 8.27
N HIS A 23 1.14 5.84 8.45
CA HIS A 23 0.24 4.68 8.55
C HIS A 23 -0.50 4.72 9.87
N ASP A 24 0.18 5.21 10.87
CA ASP A 24 -0.45 5.30 12.21
C ASP A 24 -1.53 6.35 12.21
N ILE A 25 -1.17 7.52 11.75
CA ILE A 25 -2.15 8.64 11.70
C ILE A 25 -3.46 8.17 11.05
N CYS A 26 -3.37 7.73 9.84
CA CYS A 26 -4.59 7.27 9.14
C CYS A 26 -5.21 6.09 9.87
N ALA A 27 -4.44 5.06 10.07
CA ALA A 27 -4.99 3.89 10.79
C ALA A 27 -5.72 4.34 12.05
N LYS A 28 -5.26 5.41 12.63
CA LYS A 28 -5.92 5.91 13.85
C LYS A 28 -7.19 6.68 13.50
N LYS A 29 -7.27 7.12 12.27
CA LYS A 29 -8.48 7.86 11.85
C LYS A 29 -9.51 6.90 11.30
N THR A 30 -9.05 6.02 10.47
CA THR A 30 -9.97 5.03 9.88
C THR A 30 -10.44 4.03 10.93
N GLY A 31 -9.83 4.10 12.08
CA GLY A 31 -10.24 3.16 13.17
C GLY A 31 -9.90 1.71 12.78
N VAL A 32 -9.10 1.55 11.76
CA VAL A 32 -8.73 0.18 11.33
C VAL A 32 -8.16 -0.62 12.50
N THR A 33 -7.88 -1.88 12.24
CA THR A 33 -7.33 -2.75 13.31
C THR A 33 -5.95 -3.26 12.95
N ASP A 34 -4.97 -2.90 13.75
CA ASP A 34 -3.60 -3.37 13.46
C ASP A 34 -3.62 -4.84 13.13
N GLU A 35 -4.59 -5.53 13.68
CA GLU A 35 -4.70 -6.98 13.41
C GLU A 35 -5.06 -7.19 11.96
N ALA A 36 -6.18 -6.64 11.56
CA ALA A 36 -6.60 -6.79 10.15
C ALA A 36 -5.43 -6.43 9.24
N ILE A 37 -4.76 -5.36 9.60
CA ILE A 37 -3.60 -4.93 8.77
C ILE A 37 -2.61 -6.08 8.64
N ILE A 38 -2.29 -6.69 9.75
CA ILE A 38 -1.34 -7.82 9.72
C ILE A 38 -1.91 -8.96 8.87
N GLU A 39 -3.15 -9.29 9.14
CA GLU A 39 -3.77 -10.39 8.36
C GLU A 39 -3.53 -10.17 6.88
N PHE A 40 -3.56 -8.92 6.49
CA PHE A 40 -3.34 -8.61 5.06
C PHE A 40 -1.91 -8.93 4.66
N SER A 41 -1.01 -8.69 5.59
CA SER A 41 0.42 -8.98 5.30
C SER A 41 0.72 -10.47 5.41
N ASP A 42 0.69 -10.98 6.62
CA ASP A 42 0.98 -12.42 6.81
C ASP A 42 -0.24 -13.28 6.49
N GLY A 43 -1.39 -12.83 6.91
CA GLY A 43 -2.62 -13.60 6.63
C GLY A 43 -3.01 -13.51 5.15
N LYS A 44 -4.19 -13.96 4.83
CA LYS A 44 -4.63 -13.90 3.42
C LYS A 44 -5.39 -12.60 3.14
N ILE A 45 -5.26 -12.12 1.94
CA ILE A 45 -5.95 -10.86 1.57
C ILE A 45 -7.43 -10.86 1.97
N HIS A 46 -7.80 -9.91 2.82
CA HIS A 46 -9.22 -9.82 3.27
C HIS A 46 -9.78 -8.44 2.94
N GLU A 47 -11.06 -8.35 2.73
CA GLU A 47 -11.67 -7.04 2.40
C GLU A 47 -12.32 -6.36 3.60
N ASP A 48 -11.50 -5.90 4.49
CA ASP A 48 -12.06 -5.23 5.69
C ASP A 48 -12.52 -3.82 5.33
N GLU A 49 -13.80 -3.61 5.41
CA GLU A 49 -14.36 -2.27 5.08
C GLU A 49 -13.43 -1.15 5.52
N LYS A 50 -12.71 -1.37 6.58
CA LYS A 50 -11.79 -0.30 7.06
C LYS A 50 -10.50 -0.31 6.27
N LEU A 51 -9.84 -1.44 6.23
CA LEU A 51 -8.56 -1.48 5.47
C LEU A 51 -8.75 -0.79 4.12
N LYS A 52 -9.87 -1.07 3.50
CA LYS A 52 -10.13 -0.44 2.19
C LYS A 52 -10.25 1.07 2.35
N CYS A 53 -10.93 1.49 3.40
CA CYS A 53 -11.09 2.94 3.62
C CYS A 53 -9.80 3.54 4.14
N TYR A 54 -9.11 2.78 4.94
CA TYR A 54 -7.85 3.30 5.47
C TYR A 54 -6.93 3.59 4.29
N MET A 55 -6.64 2.57 3.52
CA MET A 55 -5.76 2.79 2.35
C MET A 55 -6.19 4.07 1.66
N ASN A 56 -7.43 4.11 1.24
CA ASN A 56 -7.94 5.32 0.56
C ASN A 56 -7.45 6.55 1.31
N CYS A 57 -7.42 6.44 2.62
CA CYS A 57 -6.96 7.57 3.44
C CYS A 57 -5.51 7.89 3.14
N LEU A 58 -4.73 6.85 2.95
CA LEU A 58 -3.29 7.09 2.65
C LEU A 58 -3.15 7.77 1.29
N PHE A 59 -3.82 7.24 0.31
CA PHE A 59 -3.74 7.84 -1.04
C PHE A 59 -3.88 9.35 -0.94
N HIS A 60 -4.80 9.77 -0.12
CA HIS A 60 -5.02 11.23 0.05
C HIS A 60 -3.90 11.84 0.88
N GLU A 61 -3.88 11.51 2.14
CA GLU A 61 -2.83 12.08 3.03
C GLU A 61 -1.45 11.93 2.37
N ALA A 62 -1.39 11.15 1.34
CA ALA A 62 -0.09 10.95 0.65
C ALA A 62 0.20 12.10 -0.29
N LYS A 63 -0.83 12.78 -0.72
CA LYS A 63 -0.63 13.92 -1.64
C LYS A 63 -0.12 13.43 -2.99
N VAL A 64 -0.28 12.14 -3.22
CA VAL A 64 0.18 11.56 -4.51
C VAL A 64 -0.94 11.57 -5.53
N VAL A 65 -2.15 11.67 -5.05
CA VAL A 65 -3.31 11.69 -5.97
C VAL A 65 -3.30 12.97 -6.81
N ASP A 66 -4.13 12.99 -7.81
CA ASP A 66 -4.18 14.21 -8.66
C ASP A 66 -4.83 15.38 -7.93
N ASP A 67 -4.76 15.34 -6.63
CA ASP A 67 -5.37 16.43 -5.84
C ASP A 67 -6.87 16.34 -5.88
N ASN A 68 -7.37 15.38 -6.62
CA ASN A 68 -8.85 15.20 -6.73
C ASN A 68 -9.26 13.83 -6.22
N GLY A 69 -8.38 12.87 -6.38
CA GLY A 69 -8.69 11.49 -5.90
C GLY A 69 -8.63 10.50 -7.07
N ASP A 70 -7.97 10.90 -8.13
CA ASP A 70 -7.87 9.99 -9.30
C ASP A 70 -6.67 9.07 -9.16
N VAL A 71 -5.98 9.21 -8.07
CA VAL A 71 -4.79 8.36 -7.83
C VAL A 71 -3.91 8.30 -9.08
N HIS A 72 -3.00 9.24 -9.18
CA HIS A 72 -2.10 9.23 -10.36
C HIS A 72 -0.93 8.28 -10.13
N LEU A 73 -0.66 7.47 -11.12
CA LEU A 73 0.48 6.52 -10.98
C LEU A 73 1.79 7.18 -11.35
N GLU A 74 1.71 8.20 -12.16
CA GLU A 74 2.95 8.90 -12.57
C GLU A 74 3.57 9.66 -11.39
N LYS A 75 2.74 10.31 -10.63
CA LYS A 75 3.25 11.06 -9.46
C LYS A 75 3.58 10.10 -8.33
N LEU A 76 2.92 8.97 -8.33
CA LEU A 76 3.16 7.97 -7.27
C LEU A 76 4.54 7.34 -7.43
N ARG A 77 4.99 7.23 -8.66
CA ARG A 77 6.32 6.62 -8.89
C ARG A 77 7.42 7.66 -8.77
N ASP A 78 7.10 8.88 -9.11
CA ASP A 78 8.12 9.95 -9.02
C ASP A 78 8.35 10.36 -7.57
N SER A 79 7.41 10.02 -6.73
CA SER A 79 7.57 10.37 -5.29
C SER A 79 8.66 9.53 -4.63
N LEU A 80 8.45 8.25 -4.60
CA LEU A 80 9.47 7.36 -3.96
C LEU A 80 10.85 7.55 -4.62
N PRO A 81 11.90 7.45 -3.81
CA PRO A 81 13.27 7.61 -4.32
C PRO A 81 13.58 6.56 -5.38
N ASN A 82 14.55 6.86 -6.21
CA ASN A 82 14.91 5.89 -7.27
C ASN A 82 15.01 4.46 -6.72
N SER A 83 15.49 4.33 -5.52
CA SER A 83 15.61 2.98 -4.92
C SER A 83 14.28 2.23 -5.01
N MET A 84 13.32 2.66 -4.23
CA MET A 84 12.02 1.97 -4.27
C MET A 84 11.40 2.12 -5.65
N HIS A 85 11.69 3.23 -6.30
CA HIS A 85 11.13 3.43 -7.65
C HIS A 85 11.40 2.20 -8.49
N ASP A 86 12.58 1.66 -8.33
CA ASP A 86 12.93 0.46 -9.10
C ASP A 86 12.15 -0.74 -8.56
N ILE A 87 12.03 -0.80 -7.27
CA ILE A 87 11.28 -1.93 -6.68
C ILE A 87 9.86 -1.92 -7.20
N ALA A 88 9.44 -0.75 -7.61
CA ALA A 88 8.08 -0.63 -8.14
C ALA A 88 8.03 -1.13 -9.58
N MET A 89 9.06 -0.82 -10.32
CA MET A 89 9.09 -1.27 -11.73
C MET A 89 8.96 -2.78 -11.78
N HIS A 90 9.50 -3.44 -10.79
CA HIS A 90 9.41 -4.92 -10.76
C HIS A 90 8.02 -5.37 -10.34
N MET A 91 7.45 -4.67 -9.39
CA MET A 91 6.09 -5.04 -8.93
C MET A 91 5.05 -4.77 -10.02
N GLY A 92 5.38 -3.85 -10.89
CA GLY A 92 4.43 -3.52 -11.99
C GLY A 92 3.92 -4.78 -12.70
N LYS A 93 4.51 -5.89 -12.36
CA LYS A 93 4.08 -7.16 -13.00
C LYS A 93 2.56 -7.24 -13.09
N ARG A 94 1.88 -6.62 -12.16
CA ARG A 94 0.39 -6.66 -12.19
C ARG A 94 -0.18 -5.31 -11.73
N CYS A 95 -1.48 -5.28 -11.57
CA CYS A 95 -2.13 -4.01 -11.14
C CYS A 95 -2.05 -2.94 -12.22
N LEU A 96 -3.20 -2.48 -12.66
CA LEU A 96 -3.21 -1.43 -13.70
C LEU A 96 -4.64 -0.94 -13.97
N TYR A 97 -5.57 -1.87 -13.93
CA TYR A 97 -6.99 -1.51 -14.18
C TYR A 97 -7.87 -1.68 -12.93
N PRO A 98 -7.74 -0.77 -11.98
CA PRO A 98 -8.53 -0.84 -10.75
C PRO A 98 -9.98 -1.15 -11.05
N GLU A 99 -10.39 -2.32 -10.64
CA GLU A 99 -11.79 -2.74 -10.87
C GLU A 99 -12.67 -2.43 -9.66
N GLY A 100 -13.19 -1.23 -9.63
CA GLY A 100 -14.05 -0.85 -8.49
C GLY A 100 -15.03 0.22 -8.93
N GLU A 101 -14.98 1.32 -8.26
CA GLU A 101 -15.89 2.45 -8.57
C GLU A 101 -15.78 3.52 -7.50
N ASN A 102 -14.92 3.29 -6.56
CA ASN A 102 -14.74 4.28 -5.47
C ASN A 102 -13.32 4.22 -4.92
N LEU A 103 -12.90 5.31 -4.35
CA LEU A 103 -11.53 5.34 -3.78
C LEU A 103 -11.26 4.11 -2.92
N CYS A 104 -12.21 3.78 -2.09
CA CYS A 104 -12.02 2.60 -1.21
C CYS A 104 -11.73 1.35 -2.04
N GLU A 105 -12.64 1.02 -2.92
CA GLU A 105 -12.43 -0.17 -3.77
C GLU A 105 -11.09 -0.09 -4.46
N LYS A 106 -10.90 0.92 -5.27
CA LYS A 106 -9.62 1.07 -5.98
C LYS A 106 -8.45 0.88 -5.02
N ALA A 107 -8.41 1.71 -4.00
CA ALA A 107 -7.32 1.60 -3.00
C ALA A 107 -7.04 0.14 -2.68
N PHE A 108 -8.08 -0.65 -2.70
CA PHE A 108 -7.90 -2.08 -2.39
C PHE A 108 -7.35 -2.82 -3.61
N TRP A 109 -8.01 -2.65 -4.73
CA TRP A 109 -7.52 -3.33 -5.97
C TRP A 109 -6.01 -3.24 -6.07
N LEU A 110 -5.50 -2.05 -5.90
CA LEU A 110 -4.04 -1.89 -5.98
C LEU A 110 -3.35 -2.63 -4.85
N HIS A 111 -3.86 -2.44 -3.66
CA HIS A 111 -3.25 -3.15 -2.50
C HIS A 111 -3.32 -4.65 -2.70
N LYS A 112 -4.45 -5.11 -3.16
CA LYS A 112 -4.61 -6.56 -3.38
C LYS A 112 -3.83 -6.98 -4.61
N CYS A 113 -3.66 -6.04 -5.51
CA CYS A 113 -2.91 -6.35 -6.74
C CYS A 113 -1.41 -6.26 -6.48
N TRP A 114 -1.03 -5.33 -5.64
CA TRP A 114 0.40 -5.18 -5.34
C TRP A 114 0.91 -6.40 -4.59
N LYS A 115 0.06 -6.98 -3.79
CA LYS A 115 0.46 -8.18 -3.02
C LYS A 115 0.50 -9.40 -3.93
N GLN A 116 -0.58 -9.65 -4.62
CA GLN A 116 -0.62 -10.80 -5.54
C GLN A 116 0.67 -10.91 -6.34
N ALA A 117 1.09 -9.79 -6.87
CA ALA A 117 2.34 -9.79 -7.68
C ALA A 117 3.46 -10.52 -6.95
N ASP A 118 3.94 -9.94 -5.88
CA ASP A 118 5.03 -10.59 -5.12
C ASP A 118 5.00 -10.18 -3.63
N PRO A 119 4.59 -11.09 -2.76
CA PRO A 119 4.53 -10.80 -1.33
C PRO A 119 5.91 -10.55 -0.75
N LYS A 120 6.91 -11.01 -1.45
CA LYS A 120 8.30 -10.80 -0.96
C LYS A 120 8.67 -9.32 -0.94
N HIS A 121 7.69 -8.48 -1.11
CA HIS A 121 7.98 -7.02 -1.11
C HIS A 121 6.87 -6.25 -0.42
N TYR A 122 5.87 -6.97 0.02
CA TYR A 122 4.74 -6.31 0.73
C TYR A 122 4.93 -6.39 2.23
N PHE A 123 4.47 -5.39 2.92
CA PHE A 123 4.63 -5.40 4.40
C PHE A 123 3.80 -4.27 5.03
N LEU A 124 3.53 -4.41 6.30
CA LEU A 124 2.74 -3.36 6.99
C LEU A 124 3.17 -3.22 8.44
N VAL A 125 3.54 -2.02 8.82
CA VAL A 125 3.97 -1.80 10.22
C VAL A 125 5.05 -2.79 10.63
N ASP A 1 10.85 -21.58 5.80
CA ASP A 1 11.41 -21.11 4.51
C ASP A 1 11.33 -19.60 4.42
N VAL A 2 10.37 -19.03 5.10
CA VAL A 2 10.21 -17.55 5.07
C VAL A 2 9.92 -17.07 3.65
N THR A 3 8.68 -16.72 3.39
CA THR A 3 8.32 -16.25 2.02
C THR A 3 8.39 -14.71 1.93
N PRO A 4 7.77 -14.02 2.88
CA PRO A 4 7.78 -12.55 2.88
C PRO A 4 9.19 -12.03 3.07
N ARG A 5 9.75 -11.56 1.99
CA ARG A 5 11.12 -11.02 2.07
C ARG A 5 11.21 -9.81 2.99
N ARG A 6 12.20 -9.81 3.85
CA ARG A 6 12.38 -8.67 4.79
C ARG A 6 13.67 -8.82 5.56
N ASP A 7 14.47 -7.80 5.54
CA ASP A 7 15.75 -7.85 6.27
C ASP A 7 16.14 -6.48 6.74
N ALA A 8 17.18 -6.40 7.51
CA ALA A 8 17.61 -5.08 8.00
C ALA A 8 18.47 -4.38 6.96
N GLU A 9 18.11 -4.54 5.70
CA GLU A 9 18.90 -3.88 4.63
C GLU A 9 18.03 -3.43 3.47
N TYR A 10 16.94 -4.11 3.22
CA TYR A 10 16.08 -3.68 2.09
C TYR A 10 15.11 -2.55 2.50
N PRO A 11 14.61 -2.62 3.73
CA PRO A 11 13.67 -1.60 4.24
C PRO A 11 14.42 -0.43 4.88
N PRO A 12 14.34 0.76 4.29
CA PRO A 12 15.01 1.94 4.84
C PRO A 12 14.44 2.27 6.24
N PRO A 13 15.25 2.14 7.28
CA PRO A 13 14.79 2.44 8.64
C PRO A 13 14.24 3.86 8.75
N GLU A 14 14.71 4.73 7.91
CA GLU A 14 14.22 6.12 7.96
C GLU A 14 12.86 6.24 7.31
N LEU A 15 12.78 5.79 6.08
CA LEU A 15 11.50 5.85 5.37
C LEU A 15 10.49 4.97 6.06
N LEU A 16 11.01 3.93 6.66
CA LEU A 16 10.12 3.00 7.36
C LEU A 16 9.53 3.67 8.59
N GLU A 17 10.34 4.47 9.24
CA GLU A 17 9.86 5.18 10.46
C GLU A 17 8.85 6.26 10.09
N ALA A 18 8.91 6.71 8.87
CA ALA A 18 7.95 7.75 8.43
C ALA A 18 6.60 7.14 8.05
N LEU A 19 6.64 5.95 7.53
CA LEU A 19 5.38 5.28 7.13
C LEU A 19 4.55 4.85 8.34
N LYS A 20 5.18 4.14 9.24
CA LYS A 20 4.43 3.68 10.46
C LYS A 20 3.51 4.78 11.00
N PRO A 21 4.06 5.95 11.27
CA PRO A 21 3.27 7.06 11.80
C PRO A 21 2.16 7.41 10.83
N LEU A 22 2.52 7.73 9.62
CA LEU A 22 1.49 8.08 8.64
C LEU A 22 0.43 6.99 8.61
N HIS A 23 0.87 5.77 8.73
CA HIS A 23 -0.09 4.65 8.71
C HIS A 23 -0.83 4.57 10.04
N ASP A 24 -0.12 4.84 11.09
CA ASP A 24 -0.74 4.78 12.43
C ASP A 24 -1.78 5.89 12.57
N ILE A 25 -1.53 6.97 11.90
CA ILE A 25 -2.49 8.10 11.97
C ILE A 25 -3.80 7.75 11.27
N CYS A 26 -3.70 7.35 10.02
CA CYS A 26 -4.94 6.99 9.27
C CYS A 26 -5.54 5.70 9.81
N ALA A 27 -4.71 4.75 10.10
CA ALA A 27 -5.22 3.47 10.62
C ALA A 27 -6.06 3.70 11.88
N LYS A 28 -5.66 4.67 12.66
CA LYS A 28 -6.43 4.95 13.90
C LYS A 28 -7.63 5.85 13.61
N LYS A 29 -7.56 6.56 12.52
CA LYS A 29 -8.68 7.46 12.18
C LYS A 29 -9.71 6.73 11.32
N THR A 30 -9.25 5.75 10.62
CA THR A 30 -10.17 4.99 9.76
C THR A 30 -10.89 3.92 10.58
N GLY A 31 -10.43 3.74 11.79
CA GLY A 31 -11.08 2.71 12.66
C GLY A 31 -10.29 1.39 12.60
N VAL A 32 -9.73 1.11 11.45
CA VAL A 32 -8.95 -0.15 11.31
C VAL A 32 -7.89 -0.24 12.40
N THR A 33 -7.19 -1.35 12.44
CA THR A 33 -6.14 -1.52 13.48
C THR A 33 -4.88 -2.16 12.89
N ASP A 34 -3.76 -1.81 13.46
CA ASP A 34 -2.48 -2.39 12.96
C ASP A 34 -2.64 -3.87 12.70
N GLU A 35 -3.31 -4.55 13.58
CA GLU A 35 -3.51 -6.00 13.39
C GLU A 35 -4.16 -6.25 12.04
N ALA A 36 -5.33 -5.68 11.85
CA ALA A 36 -6.02 -5.88 10.56
C ALA A 36 -5.05 -5.63 9.42
N ILE A 37 -4.33 -4.54 9.52
CA ILE A 37 -3.36 -4.20 8.47
C ILE A 37 -2.30 -5.29 8.35
N ILE A 38 -1.80 -5.72 9.49
CA ILE A 38 -0.76 -6.79 9.49
C ILE A 38 -1.32 -8.08 8.87
N GLU A 39 -2.43 -8.52 9.40
CA GLU A 39 -3.03 -9.76 8.86
C GLU A 39 -3.16 -9.68 7.35
N PHE A 40 -3.32 -8.48 6.86
CA PHE A 40 -3.45 -8.29 5.39
C PHE A 40 -2.11 -8.43 4.69
N SER A 41 -1.06 -8.06 5.38
CA SER A 41 0.29 -8.16 4.76
C SER A 41 0.89 -9.55 4.94
N ASP A 42 1.26 -9.87 6.15
CA ASP A 42 1.86 -11.20 6.41
C ASP A 42 0.79 -12.27 6.57
N GLY A 43 -0.29 -11.91 7.20
CA GLY A 43 -1.39 -12.90 7.40
C GLY A 43 -2.18 -13.10 6.11
N LYS A 44 -3.39 -13.56 6.25
CA LYS A 44 -4.23 -13.80 5.05
C LYS A 44 -5.04 -12.56 4.70
N ILE A 45 -5.17 -12.30 3.42
CA ILE A 45 -5.95 -11.13 2.98
C ILE A 45 -7.39 -11.18 3.48
N HIS A 46 -7.82 -10.12 4.12
CA HIS A 46 -9.22 -10.08 4.64
C HIS A 46 -9.97 -8.90 4.02
N GLU A 47 -11.28 -8.93 4.11
CA GLU A 47 -12.08 -7.83 3.52
C GLU A 47 -12.58 -6.85 4.58
N ASP A 48 -11.69 -6.10 5.16
CA ASP A 48 -12.12 -5.14 6.19
C ASP A 48 -12.50 -3.84 5.52
N GLU A 49 -13.78 -3.67 5.28
CA GLU A 49 -14.27 -2.42 4.62
C GLU A 49 -13.45 -1.20 5.02
N LYS A 50 -12.94 -1.21 6.21
CA LYS A 50 -12.13 -0.05 6.65
C LYS A 50 -10.73 -0.12 6.06
N LEU A 51 -10.12 -1.27 6.15
CA LEU A 51 -8.75 -1.38 5.60
C LEU A 51 -8.76 -0.84 4.18
N LYS A 52 -9.89 -0.96 3.54
CA LYS A 52 -10.01 -0.44 2.15
C LYS A 52 -10.02 1.08 2.18
N CYS A 53 -10.81 1.63 3.07
CA CYS A 53 -10.87 3.10 3.16
C CYS A 53 -9.58 3.62 3.73
N TYR A 54 -9.07 2.92 4.72
CA TYR A 54 -7.82 3.36 5.33
C TYR A 54 -6.80 3.55 4.23
N MET A 55 -6.71 2.58 3.36
CA MET A 55 -5.74 2.69 2.27
C MET A 55 -6.05 3.96 1.50
N ASN A 56 -7.24 4.02 0.94
CA ASN A 56 -7.62 5.23 0.18
C ASN A 56 -7.20 6.47 0.97
N CYS A 57 -7.26 6.36 2.27
CA CYS A 57 -6.86 7.50 3.11
C CYS A 57 -5.38 7.78 2.94
N LEU A 58 -4.61 6.72 2.85
CA LEU A 58 -3.16 6.89 2.67
C LEU A 58 -2.89 7.48 1.31
N PHE A 59 -3.53 6.92 0.30
CA PHE A 59 -3.32 7.43 -1.07
C PHE A 59 -3.35 8.95 -1.05
N HIS A 60 -4.31 9.47 -0.32
CA HIS A 60 -4.45 10.94 -0.23
C HIS A 60 -3.41 11.52 0.74
N GLU A 61 -3.55 11.21 1.99
CA GLU A 61 -2.58 11.74 2.99
C GLU A 61 -1.15 11.50 2.53
N ALA A 62 -1.00 10.71 1.51
CA ALA A 62 0.37 10.42 1.00
C ALA A 62 0.86 11.56 0.10
N LYS A 63 0.08 12.58 -0.02
CA LYS A 63 0.49 13.72 -0.88
C LYS A 63 0.91 13.22 -2.26
N VAL A 64 -0.05 12.95 -3.10
CA VAL A 64 0.28 12.46 -4.45
C VAL A 64 -0.92 12.59 -5.38
N VAL A 65 -2.01 12.00 -4.97
CA VAL A 65 -3.25 12.07 -5.80
C VAL A 65 -3.41 13.44 -6.45
N ASP A 66 -3.78 13.43 -7.71
CA ASP A 66 -3.96 14.73 -8.41
C ASP A 66 -5.07 15.54 -7.75
N ASP A 67 -5.54 16.53 -8.44
CA ASP A 67 -6.62 17.37 -7.87
C ASP A 67 -7.99 16.76 -8.14
N ASN A 68 -8.08 15.46 -8.02
CA ASN A 68 -9.38 14.78 -8.28
C ASN A 68 -9.47 13.47 -7.51
N GLY A 69 -8.38 13.06 -6.92
CA GLY A 69 -8.39 11.78 -6.16
C GLY A 69 -8.45 10.59 -7.12
N ASP A 70 -7.79 10.72 -8.24
CA ASP A 70 -7.79 9.60 -9.23
C ASP A 70 -6.58 8.72 -9.05
N VAL A 71 -6.04 8.70 -7.87
CA VAL A 71 -4.85 7.87 -7.61
C VAL A 71 -3.83 8.02 -8.73
N HIS A 72 -3.13 9.12 -8.72
CA HIS A 72 -2.13 9.34 -9.77
C HIS A 72 -0.96 8.40 -9.58
N LEU A 73 -0.62 7.68 -10.61
CA LEU A 73 0.52 6.74 -10.50
C LEU A 73 1.85 7.40 -10.87
N GLU A 74 1.77 8.42 -11.67
CA GLU A 74 3.02 9.12 -12.08
C GLU A 74 3.71 9.76 -10.89
N LYS A 75 2.98 10.53 -10.13
CA LYS A 75 3.58 11.19 -8.96
C LYS A 75 3.76 10.21 -7.81
N LEU A 76 3.01 9.14 -7.86
CA LEU A 76 3.14 8.13 -6.77
C LEU A 76 4.52 7.48 -6.81
N ARG A 77 4.98 7.20 -8.00
CA ARG A 77 6.32 6.57 -8.11
C ARG A 77 7.42 7.60 -7.92
N ASP A 78 7.29 8.71 -8.59
CA ASP A 78 8.32 9.76 -8.46
C ASP A 78 8.52 10.17 -7.00
N SER A 79 7.42 10.28 -6.28
CA SER A 79 7.51 10.66 -4.85
C SER A 79 8.37 9.68 -4.08
N LEU A 80 8.52 8.50 -4.62
CA LEU A 80 9.35 7.47 -3.93
C LEU A 80 10.79 7.48 -4.47
N PRO A 81 11.72 7.06 -3.63
CA PRO A 81 13.14 7.02 -4.02
C PRO A 81 13.35 6.22 -5.29
N ASN A 82 14.49 6.41 -5.91
CA ASN A 82 14.80 5.68 -7.15
C ASN A 82 14.72 4.16 -6.94
N SER A 83 15.06 3.74 -5.76
CA SER A 83 15.02 2.28 -5.46
C SER A 83 13.64 1.70 -5.76
N MET A 84 12.68 2.06 -4.95
CA MET A 84 11.31 1.54 -5.17
C MET A 84 10.90 1.72 -6.63
N HIS A 85 11.40 2.76 -7.25
CA HIS A 85 11.05 3.01 -8.66
C HIS A 85 11.40 1.80 -9.51
N ASP A 86 12.57 1.25 -9.29
CA ASP A 86 12.99 0.07 -10.07
C ASP A 86 12.10 -1.12 -9.76
N ILE A 87 11.83 -1.31 -8.49
CA ILE A 87 10.96 -2.44 -8.10
C ILE A 87 9.57 -2.22 -8.63
N ALA A 88 9.27 -0.99 -8.96
CA ALA A 88 7.93 -0.68 -9.47
C ALA A 88 7.88 -0.94 -10.97
N MET A 89 8.99 -0.77 -11.62
CA MET A 89 9.02 -1.00 -13.08
C MET A 89 8.84 -2.48 -13.38
N HIS A 90 9.44 -3.30 -12.57
CA HIS A 90 9.32 -4.77 -12.80
C HIS A 90 7.99 -5.28 -12.24
N MET A 91 7.79 -5.10 -10.96
CA MET A 91 6.53 -5.56 -10.34
C MET A 91 5.34 -4.82 -10.93
N GLY A 92 5.62 -3.80 -11.68
CA GLY A 92 4.51 -3.00 -12.29
C GLY A 92 4.00 -3.69 -13.56
N LYS A 93 4.71 -4.70 -14.00
CA LYS A 93 4.29 -5.42 -15.22
C LYS A 93 2.78 -5.67 -15.18
N ARG A 94 2.39 -6.67 -14.43
CA ARG A 94 0.94 -6.98 -14.32
C ARG A 94 0.38 -6.45 -13.02
N CYS A 95 -0.83 -6.85 -12.70
CA CYS A 95 -1.45 -6.37 -11.44
C CYS A 95 -1.62 -4.85 -11.46
N LEU A 96 -2.16 -4.34 -12.53
CA LEU A 96 -2.37 -2.88 -12.63
C LEU A 96 -3.62 -2.55 -13.45
N TYR A 97 -4.73 -3.12 -13.03
CA TYR A 97 -6.00 -2.86 -13.76
C TYR A 97 -7.17 -2.74 -12.78
N PRO A 98 -7.13 -1.70 -11.97
CA PRO A 98 -8.18 -1.45 -10.98
C PRO A 98 -9.56 -1.49 -11.61
N GLU A 99 -10.46 -2.19 -10.96
CA GLU A 99 -11.85 -2.30 -11.47
C GLU A 99 -12.88 -2.10 -10.37
N GLY A 100 -12.80 -0.97 -9.70
CA GLY A 100 -13.75 -0.70 -8.60
C GLY A 100 -14.80 0.32 -9.04
N GLU A 101 -14.82 1.43 -8.36
CA GLU A 101 -15.79 2.51 -8.71
C GLU A 101 -15.56 3.72 -7.82
N ASN A 102 -14.79 3.54 -6.78
CA ASN A 102 -14.50 4.67 -5.87
C ASN A 102 -13.06 4.61 -5.35
N LEU A 103 -12.65 5.66 -4.68
CA LEU A 103 -11.27 5.67 -4.15
C LEU A 103 -11.00 4.45 -3.27
N CYS A 104 -11.93 4.16 -2.41
CA CYS A 104 -11.75 2.97 -1.51
C CYS A 104 -11.55 1.70 -2.32
N GLU A 105 -12.47 1.45 -3.22
CA GLU A 105 -12.36 0.23 -4.06
C GLU A 105 -11.01 0.17 -4.75
N LYS A 106 -10.73 1.14 -5.57
CA LYS A 106 -9.42 1.14 -6.29
C LYS A 106 -8.31 0.85 -5.31
N ALA A 107 -8.17 1.71 -4.32
CA ALA A 107 -7.10 1.51 -3.31
C ALA A 107 -6.99 0.04 -2.96
N PHE A 108 -8.12 -0.61 -2.89
CA PHE A 108 -8.13 -2.05 -2.55
C PHE A 108 -7.68 -2.91 -3.73
N TRP A 109 -8.26 -2.68 -4.90
CA TRP A 109 -7.85 -3.50 -6.07
C TRP A 109 -6.34 -3.62 -6.15
N LEU A 110 -5.68 -2.50 -6.19
CA LEU A 110 -4.20 -2.53 -6.26
C LEU A 110 -3.61 -3.26 -5.05
N HIS A 111 -3.99 -2.80 -3.88
CA HIS A 111 -3.46 -3.46 -2.66
C HIS A 111 -3.57 -4.98 -2.76
N LYS A 112 -4.78 -5.46 -2.91
CA LYS A 112 -4.99 -6.92 -3.02
C LYS A 112 -4.26 -7.47 -4.24
N CYS A 113 -4.03 -6.63 -5.21
CA CYS A 113 -3.33 -7.11 -6.43
C CYS A 113 -1.83 -7.05 -6.24
N TRP A 114 -1.38 -6.08 -5.48
CA TRP A 114 0.07 -5.95 -5.25
C TRP A 114 0.56 -7.02 -4.28
N LYS A 115 -0.35 -7.55 -3.50
CA LYS A 115 0.04 -8.60 -2.53
C LYS A 115 -0.03 -9.98 -3.17
N GLN A 116 -1.09 -10.24 -3.87
CA GLN A 116 -1.22 -11.57 -4.52
C GLN A 116 -0.16 -11.74 -5.60
N ALA A 117 0.25 -10.65 -6.19
CA ALA A 117 1.28 -10.75 -7.26
C ALA A 117 2.55 -11.41 -6.72
N ASP A 118 3.11 -10.82 -5.70
CA ASP A 118 4.35 -11.39 -5.12
C ASP A 118 4.59 -10.81 -3.71
N PRO A 119 4.14 -11.52 -2.69
CA PRO A 119 4.31 -11.08 -1.32
C PRO A 119 5.79 -10.99 -0.93
N LYS A 120 6.63 -10.77 -1.91
CA LYS A 120 8.09 -10.66 -1.62
C LYS A 120 8.49 -9.21 -1.50
N HIS A 121 7.54 -8.34 -1.72
CA HIS A 121 7.81 -6.89 -1.63
C HIS A 121 6.66 -6.20 -0.91
N TYR A 122 5.75 -5.64 -1.68
CA TYR A 122 4.58 -4.94 -1.06
C TYR A 122 5.01 -3.75 -0.19
N PHE A 123 5.75 -4.03 0.86
CA PHE A 123 6.24 -2.96 1.79
C PHE A 123 5.21 -2.67 2.89
N LEU A 124 4.90 -3.69 3.66
CA LEU A 124 3.91 -3.51 4.77
C LEU A 124 4.12 -4.59 5.84
N VAL A 125 5.25 -5.24 5.78
CA VAL A 125 5.52 -6.30 6.79
C VAL A 125 6.25 -5.73 8.01
N ASP A 1 13.16 -18.59 0.08
CA ASP A 1 12.94 -18.12 -1.30
C ASP A 1 11.44 -18.11 -1.61
N VAL A 2 10.65 -18.23 -0.58
CA VAL A 2 9.18 -18.23 -0.80
C VAL A 2 8.46 -17.59 0.39
N THR A 3 9.23 -17.22 1.38
CA THR A 3 8.62 -16.59 2.58
C THR A 3 8.81 -15.06 2.54
N PRO A 4 7.77 -14.31 2.90
CA PRO A 4 7.85 -12.85 2.89
C PRO A 4 9.14 -12.39 3.56
N ARG A 5 10.00 -11.82 2.76
CA ARG A 5 11.29 -11.33 3.30
C ARG A 5 11.20 -9.88 3.76
N ARG A 6 11.95 -9.57 4.79
CA ARG A 6 11.96 -8.19 5.33
C ARG A 6 12.98 -8.04 6.43
N ASP A 7 13.49 -6.85 6.58
CA ASP A 7 14.51 -6.61 7.63
C ASP A 7 14.85 -5.14 7.69
N ALA A 8 15.41 -4.73 8.79
CA ALA A 8 15.76 -3.29 8.91
C ALA A 8 16.98 -2.98 8.06
N GLU A 9 16.93 -3.37 6.81
CA GLU A 9 18.08 -3.10 5.92
C GLU A 9 17.65 -2.95 4.47
N TYR A 10 16.75 -3.80 4.03
CA TYR A 10 16.30 -3.70 2.62
C TYR A 10 15.38 -2.48 2.41
N PRO A 11 14.51 -2.24 3.36
CA PRO A 11 13.57 -1.13 3.30
C PRO A 11 14.25 0.17 3.77
N PRO A 12 14.28 1.18 2.92
CA PRO A 12 14.90 2.45 3.30
C PRO A 12 14.25 3.01 4.58
N PRO A 13 15.03 3.08 5.66
CA PRO A 13 14.51 3.59 6.94
C PRO A 13 13.89 4.98 6.79
N GLU A 14 14.25 5.68 5.75
CA GLU A 14 13.67 7.03 5.55
C GLU A 14 12.18 6.92 5.23
N LEU A 15 11.85 6.00 4.37
CA LEU A 15 10.43 5.81 4.01
C LEU A 15 9.68 5.30 5.22
N LEU A 16 10.37 4.56 6.03
CA LEU A 16 9.73 4.01 7.24
C LEU A 16 9.44 5.11 8.23
N GLU A 17 10.28 6.12 8.23
CA GLU A 17 10.07 7.25 9.17
C GLU A 17 8.83 8.06 8.80
N ALA A 18 8.63 8.25 7.53
CA ALA A 18 7.44 9.02 7.09
C ALA A 18 6.18 8.15 7.06
N LEU A 19 6.37 6.87 6.84
CA LEU A 19 5.20 5.95 6.79
C LEU A 19 4.70 5.58 8.19
N LYS A 20 5.61 5.22 9.07
CA LYS A 20 5.19 4.84 10.44
C LYS A 20 4.15 5.84 11.01
N PRO A 21 4.46 7.13 10.96
CA PRO A 21 3.54 8.14 11.47
C PRO A 21 2.29 8.25 10.60
N LEU A 22 2.48 8.58 9.35
CA LEU A 22 1.29 8.70 8.46
C LEU A 22 0.41 7.48 8.64
N HIS A 23 1.00 6.38 8.97
CA HIS A 23 0.22 5.15 9.17
C HIS A 23 -0.52 5.22 10.48
N ASP A 24 0.17 5.65 11.50
CA ASP A 24 -0.46 5.77 12.84
C ASP A 24 -1.64 6.71 12.78
N ILE A 25 -1.51 7.74 11.99
CA ILE A 25 -2.60 8.72 11.87
C ILE A 25 -3.78 8.16 11.08
N CYS A 26 -3.53 7.77 9.86
CA CYS A 26 -4.64 7.22 9.03
C CYS A 26 -5.17 5.91 9.60
N ALA A 27 -4.30 4.97 9.84
CA ALA A 27 -4.77 3.68 10.41
C ALA A 27 -5.59 3.90 11.67
N LYS A 28 -5.13 4.79 12.52
CA LYS A 28 -5.89 5.04 13.76
C LYS A 28 -7.14 5.87 13.48
N LYS A 29 -7.18 6.46 12.32
CA LYS A 29 -8.36 7.28 11.96
C LYS A 29 -9.45 6.40 11.40
N THR A 30 -9.03 5.40 10.70
CA THR A 30 -10.01 4.47 10.10
C THR A 30 -10.54 3.52 11.15
N GLY A 31 -9.93 3.55 12.31
CA GLY A 31 -10.39 2.63 13.40
C GLY A 31 -9.84 1.22 13.19
N VAL A 32 -9.39 0.92 12.00
CA VAL A 32 -8.85 -0.44 11.74
C VAL A 32 -7.79 -0.81 12.78
N THR A 33 -7.32 -2.04 12.72
CA THR A 33 -6.29 -2.48 13.70
C THR A 33 -5.22 -3.33 13.04
N ASP A 34 -4.06 -3.35 13.66
CA ASP A 34 -2.94 -4.14 13.10
C ASP A 34 -3.44 -5.50 12.62
N GLU A 35 -4.26 -6.11 13.44
CA GLU A 35 -4.79 -7.44 13.07
C GLU A 35 -5.24 -7.44 11.61
N ALA A 36 -6.16 -6.57 11.30
CA ALA A 36 -6.64 -6.51 9.89
C ALA A 36 -5.49 -6.19 8.95
N ILE A 37 -4.76 -5.15 9.26
CA ILE A 37 -3.62 -4.78 8.39
C ILE A 37 -2.66 -5.97 8.20
N ILE A 38 -2.47 -6.72 9.26
CA ILE A 38 -1.55 -7.89 9.15
C ILE A 38 -2.12 -8.95 8.22
N GLU A 39 -3.30 -9.42 8.52
CA GLU A 39 -3.91 -10.45 7.64
C GLU A 39 -3.79 -10.09 6.18
N PHE A 40 -3.80 -8.81 5.90
CA PHE A 40 -3.68 -8.37 4.50
C PHE A 40 -2.23 -8.38 4.01
N SER A 41 -1.31 -8.16 4.91
CA SER A 41 0.11 -8.15 4.50
C SER A 41 0.74 -9.54 4.60
N ASP A 42 0.92 -10.00 5.80
CA ASP A 42 1.52 -11.36 5.98
C ASP A 42 0.50 -12.47 5.73
N GLY A 43 -0.72 -12.24 6.18
CA GLY A 43 -1.78 -13.27 5.97
C GLY A 43 -2.30 -13.23 4.53
N LYS A 44 -3.60 -13.32 4.40
CA LYS A 44 -4.20 -13.30 3.03
C LYS A 44 -5.12 -12.09 2.85
N ILE A 45 -5.38 -11.74 1.62
CA ILE A 45 -6.25 -10.58 1.34
C ILE A 45 -7.65 -10.76 1.94
N HIS A 46 -8.09 -9.77 2.69
CA HIS A 46 -9.44 -9.85 3.32
C HIS A 46 -10.19 -8.54 3.09
N GLU A 47 -11.27 -8.63 2.37
CA GLU A 47 -12.09 -7.43 2.07
C GLU A 47 -12.66 -6.80 3.33
N ASP A 48 -11.80 -6.31 4.15
CA ASP A 48 -12.27 -5.67 5.39
C ASP A 48 -12.65 -4.22 5.12
N GLU A 49 -13.93 -3.99 5.01
CA GLU A 49 -14.44 -2.60 4.72
C GLU A 49 -13.55 -1.51 5.31
N LYS A 50 -12.93 -1.78 6.42
CA LYS A 50 -12.06 -0.75 7.04
C LYS A 50 -10.72 -0.71 6.34
N LEU A 51 -10.02 -1.80 6.32
CA LEU A 51 -8.71 -1.80 5.66
C LEU A 51 -8.87 -1.17 4.29
N LYS A 52 -10.00 -1.41 3.68
CA LYS A 52 -10.25 -0.83 2.35
C LYS A 52 -10.25 0.69 2.45
N CYS A 53 -10.90 1.20 3.48
CA CYS A 53 -10.96 2.65 3.65
C CYS A 53 -9.63 3.17 4.15
N TYR A 54 -9.11 2.52 5.18
CA TYR A 54 -7.81 2.97 5.71
C TYR A 54 -6.86 3.15 4.55
N MET A 55 -7.10 2.39 3.52
CA MET A 55 -6.24 2.48 2.33
C MET A 55 -6.50 3.82 1.68
N ASN A 56 -7.68 3.96 1.12
CA ASN A 56 -8.03 5.22 0.47
C ASN A 56 -7.60 6.38 1.35
N CYS A 57 -7.75 6.20 2.64
CA CYS A 57 -7.36 7.28 3.58
C CYS A 57 -5.89 7.62 3.42
N LEU A 58 -5.09 6.60 3.21
CA LEU A 58 -3.63 6.84 3.04
C LEU A 58 -3.38 7.66 1.78
N PHE A 59 -4.05 7.31 0.72
CA PHE A 59 -3.84 8.05 -0.55
C PHE A 59 -4.01 9.55 -0.32
N HIS A 60 -5.05 9.91 0.40
CA HIS A 60 -5.28 11.36 0.67
C HIS A 60 -4.21 11.92 1.59
N GLU A 61 -4.13 11.40 2.79
CA GLU A 61 -3.12 11.91 3.75
C GLU A 61 -1.78 12.11 3.05
N ALA A 62 -1.34 11.10 2.35
CA ALA A 62 -0.04 11.20 1.65
C ALA A 62 -0.10 12.27 0.56
N LYS A 63 -1.30 12.62 0.18
CA LYS A 63 -1.47 13.66 -0.88
C LYS A 63 -0.75 13.27 -2.16
N VAL A 64 -0.84 12.00 -2.50
CA VAL A 64 -0.17 11.52 -3.74
C VAL A 64 -1.20 11.29 -4.85
N VAL A 65 -2.40 11.77 -4.62
CA VAL A 65 -3.46 11.60 -5.63
C VAL A 65 -3.54 12.80 -6.55
N ASP A 66 -4.71 13.05 -7.09
CA ASP A 66 -4.85 14.21 -7.98
C ASP A 66 -6.31 14.42 -8.37
N ASP A 67 -6.78 15.61 -8.22
CA ASP A 67 -8.18 15.91 -8.57
C ASP A 67 -9.13 15.30 -7.56
N ASN A 68 -9.04 14.02 -7.36
CA ASN A 68 -9.94 13.37 -6.38
C ASN A 68 -9.56 11.90 -6.13
N GLY A 69 -8.43 11.69 -5.51
CA GLY A 69 -8.00 10.29 -5.24
C GLY A 69 -7.58 9.59 -6.54
N ASP A 70 -7.38 10.36 -7.57
CA ASP A 70 -6.96 9.75 -8.86
C ASP A 70 -5.71 8.91 -8.69
N VAL A 71 -5.23 8.82 -7.48
CA VAL A 71 -4.02 8.03 -7.22
C VAL A 71 -2.97 8.25 -8.32
N HIS A 72 -2.21 9.28 -8.18
CA HIS A 72 -1.17 9.57 -9.20
C HIS A 72 -0.05 8.54 -9.13
N LEU A 73 -0.01 7.66 -10.09
CA LEU A 73 1.05 6.63 -10.10
C LEU A 73 2.40 7.25 -10.47
N GLU A 74 2.35 8.33 -11.20
CA GLU A 74 3.63 9.00 -11.59
C GLU A 74 4.34 9.56 -10.38
N LYS A 75 3.59 10.17 -9.50
CA LYS A 75 4.21 10.74 -8.29
C LYS A 75 4.43 9.67 -7.25
N LEU A 76 3.43 8.85 -7.05
CA LEU A 76 3.57 7.77 -6.05
C LEU A 76 4.79 6.92 -6.37
N ARG A 77 5.16 6.90 -7.61
CA ARG A 77 6.34 6.10 -8.01
C ARG A 77 7.62 6.85 -7.70
N ASP A 78 7.77 8.01 -8.30
CA ASP A 78 8.98 8.80 -8.05
C ASP A 78 9.20 8.99 -6.56
N SER A 79 8.17 8.75 -5.79
CA SER A 79 8.29 8.91 -4.33
C SER A 79 9.39 8.00 -3.78
N LEU A 80 9.80 7.04 -4.58
CA LEU A 80 10.87 6.11 -4.13
C LEU A 80 12.21 6.45 -4.81
N PRO A 81 13.29 6.00 -4.18
CA PRO A 81 14.64 6.25 -4.72
C PRO A 81 14.82 5.63 -6.11
N ASN A 82 16.02 5.20 -6.40
CA ASN A 82 16.27 4.59 -7.74
C ASN A 82 16.05 3.08 -7.69
N SER A 83 16.92 2.38 -7.03
CA SER A 83 16.79 0.91 -6.94
C SER A 83 15.40 0.49 -6.45
N MET A 84 15.01 0.98 -5.30
CA MET A 84 13.67 0.62 -4.77
C MET A 84 12.61 0.71 -5.85
N HIS A 85 12.38 1.89 -6.35
CA HIS A 85 11.34 2.04 -7.40
C HIS A 85 11.54 0.99 -8.49
N ASP A 86 12.78 0.71 -8.81
CA ASP A 86 13.04 -0.29 -9.86
C ASP A 86 12.25 -1.56 -9.57
N ILE A 87 12.35 -2.03 -8.36
CA ILE A 87 11.62 -3.26 -8.00
C ILE A 87 10.14 -3.00 -8.04
N ALA A 88 9.78 -1.77 -7.82
CA ALA A 88 8.35 -1.42 -7.85
C ALA A 88 7.85 -1.39 -9.27
N MET A 89 8.72 -1.00 -10.16
CA MET A 89 8.32 -0.95 -11.58
C MET A 89 7.96 -2.34 -12.07
N HIS A 90 8.78 -3.29 -11.71
CA HIS A 90 8.51 -4.69 -12.14
C HIS A 90 7.25 -5.21 -11.48
N MET A 91 7.03 -4.80 -10.25
CA MET A 91 5.83 -5.26 -9.53
C MET A 91 4.56 -4.63 -10.13
N GLY A 92 4.71 -3.45 -10.67
CA GLY A 92 3.52 -2.78 -11.27
C GLY A 92 3.21 -3.36 -12.65
N LYS A 93 4.11 -4.17 -13.15
CA LYS A 93 3.89 -4.78 -14.48
C LYS A 93 2.62 -5.64 -14.49
N ARG A 94 2.40 -6.33 -13.40
CA ARG A 94 1.19 -7.20 -13.33
C ARG A 94 0.03 -6.46 -12.66
N CYS A 95 -0.20 -5.26 -13.08
CA CYS A 95 -1.33 -4.47 -12.50
C CYS A 95 -1.81 -3.42 -13.48
N LEU A 96 -2.36 -2.34 -12.95
CA LEU A 96 -2.85 -1.25 -13.82
C LEU A 96 -4.23 -1.59 -14.42
N TYR A 97 -5.14 -1.94 -13.57
CA TYR A 97 -6.49 -2.28 -14.07
C TYR A 97 -7.56 -2.10 -12.98
N PRO A 98 -7.49 -0.97 -12.29
CA PRO A 98 -8.43 -0.66 -11.23
C PRO A 98 -9.86 -0.96 -11.62
N GLU A 99 -10.61 -1.46 -10.66
CA GLU A 99 -12.02 -1.79 -10.94
C GLU A 99 -12.82 -1.86 -9.64
N GLY A 100 -13.78 -1.00 -9.49
CA GLY A 100 -14.60 -1.01 -8.25
C GLY A 100 -15.81 -0.11 -8.40
N GLU A 101 -15.76 1.03 -7.76
CA GLU A 101 -16.91 1.97 -7.86
C GLU A 101 -16.65 3.24 -7.07
N ASN A 102 -15.66 3.19 -6.22
CA ASN A 102 -15.35 4.39 -5.40
C ASN A 102 -13.87 4.42 -5.02
N LEU A 103 -13.56 5.20 -4.02
CA LEU A 103 -12.15 5.30 -3.59
C LEU A 103 -11.75 4.09 -2.73
N CYS A 104 -12.60 3.75 -1.81
CA CYS A 104 -12.30 2.59 -0.94
C CYS A 104 -12.03 1.34 -1.78
N GLU A 105 -12.82 1.15 -2.80
CA GLU A 105 -12.62 -0.04 -3.65
C GLU A 105 -11.34 0.11 -4.47
N LYS A 106 -11.22 1.20 -5.17
CA LYS A 106 -9.98 1.39 -5.98
C LYS A 106 -8.76 1.05 -5.15
N ALA A 107 -8.61 1.76 -4.05
CA ALA A 107 -7.44 1.49 -3.19
C ALA A 107 -7.27 -0.01 -3.02
N PHE A 108 -8.34 -0.66 -2.65
CA PHE A 108 -8.28 -2.12 -2.46
C PHE A 108 -7.80 -2.82 -3.72
N TRP A 109 -8.18 -2.30 -4.86
CA TRP A 109 -7.73 -2.94 -6.13
C TRP A 109 -6.22 -2.95 -6.23
N LEU A 110 -5.62 -1.81 -6.06
CA LEU A 110 -4.15 -1.75 -6.16
C LEU A 110 -3.51 -2.61 -5.07
N HIS A 111 -3.85 -2.36 -3.84
CA HIS A 111 -3.26 -3.16 -2.75
C HIS A 111 -3.36 -4.64 -3.11
N LYS A 112 -4.47 -5.02 -3.69
CA LYS A 112 -4.66 -6.43 -4.08
C LYS A 112 -3.71 -6.77 -5.21
N CYS A 113 -3.39 -5.78 -6.00
CA CYS A 113 -2.46 -6.02 -7.13
C CYS A 113 -1.04 -5.98 -6.63
N TRP A 114 -0.78 -5.05 -5.75
CA TRP A 114 0.58 -4.93 -5.19
C TRP A 114 0.88 -6.12 -4.29
N LYS A 115 -0.17 -6.75 -3.84
CA LYS A 115 0.02 -7.93 -2.95
C LYS A 115 0.15 -9.20 -3.78
N GLN A 116 -0.75 -9.36 -4.71
CA GLN A 116 -0.69 -10.57 -5.56
C GLN A 116 0.69 -10.73 -6.18
N ALA A 117 1.29 -9.62 -6.53
CA ALA A 117 2.65 -9.69 -7.13
C ALA A 117 3.60 -10.45 -6.22
N ASP A 118 3.92 -9.87 -5.10
CA ASP A 118 4.85 -10.55 -4.16
C ASP A 118 4.66 -10.02 -2.73
N PRO A 119 4.05 -10.83 -1.86
CA PRO A 119 3.82 -10.42 -0.48
C PRO A 119 5.14 -10.22 0.27
N LYS A 120 6.22 -10.14 -0.46
CA LYS A 120 7.53 -9.94 0.20
C LYS A 120 7.89 -8.46 0.28
N HIS A 121 8.26 -7.89 -0.84
CA HIS A 121 8.62 -6.45 -0.83
C HIS A 121 7.47 -5.59 -0.35
N TYR A 122 6.27 -6.07 -0.53
CA TYR A 122 5.08 -5.29 -0.09
C TYR A 122 5.27 -4.80 1.35
N PHE A 123 4.71 -3.65 1.66
CA PHE A 123 4.87 -3.12 3.04
C PHE A 123 3.80 -3.65 4.00
N LEU A 124 3.37 -2.80 4.89
CA LEU A 124 2.35 -3.22 5.87
C LEU A 124 2.78 -4.49 6.59
N VAL A 125 4.05 -4.61 6.81
CA VAL A 125 4.56 -5.82 7.50
C VAL A 125 3.80 -6.06 8.79
N ASP A 1 2.32 -16.60 0.66
CA ASP A 1 2.36 -18.02 0.26
C ASP A 1 3.63 -18.68 0.81
N VAL A 2 4.75 -18.33 0.25
CA VAL A 2 6.02 -18.92 0.72
C VAL A 2 6.49 -18.24 2.00
N THR A 3 7.05 -17.07 1.86
CA THR A 3 7.54 -16.34 3.06
C THR A 3 7.81 -14.86 2.73
N PRO A 4 6.93 -13.97 3.20
CA PRO A 4 7.11 -12.55 2.95
C PRO A 4 8.38 -12.03 3.59
N ARG A 5 9.24 -11.49 2.79
CA ARG A 5 10.51 -10.96 3.33
C ARG A 5 10.41 -9.46 3.59
N ARG A 6 10.69 -9.09 4.81
CA ARG A 6 10.64 -7.66 5.17
C ARG A 6 11.22 -7.44 6.56
N ASP A 7 12.42 -7.89 6.75
CA ASP A 7 13.05 -7.73 8.05
C ASP A 7 13.54 -6.32 8.22
N ALA A 8 14.04 -6.05 9.36
CA ALA A 8 14.55 -4.69 9.60
C ALA A 8 15.98 -4.58 9.14
N GLU A 9 16.27 -5.20 8.02
CA GLU A 9 17.65 -5.15 7.47
C GLU A 9 17.66 -4.83 5.99
N TYR A 10 16.64 -5.27 5.28
CA TYR A 10 16.61 -4.99 3.82
C TYR A 10 15.94 -3.64 3.52
N PRO A 11 14.91 -3.31 4.26
CA PRO A 11 14.18 -2.06 4.07
C PRO A 11 14.84 -0.92 4.87
N PRO A 12 15.02 0.23 4.23
CA PRO A 12 15.63 1.37 4.90
C PRO A 12 14.79 1.78 6.14
N PRO A 13 15.35 1.63 7.33
CA PRO A 13 14.64 1.98 8.55
C PRO A 13 14.20 3.44 8.54
N GLU A 14 14.68 4.18 7.59
CA GLU A 14 14.31 5.61 7.51
C GLU A 14 12.86 5.76 7.05
N LEU A 15 12.48 4.96 6.09
CA LEU A 15 11.10 5.03 5.59
C LEU A 15 10.15 4.45 6.61
N LEU A 16 10.56 3.39 7.24
CA LEU A 16 9.70 2.77 8.25
C LEU A 16 9.42 3.74 9.40
N GLU A 17 10.45 4.43 9.81
CA GLU A 17 10.28 5.40 10.92
C GLU A 17 9.27 6.47 10.56
N ALA A 18 9.35 6.98 9.35
CA ALA A 18 8.40 8.03 8.94
C ALA A 18 7.07 7.43 8.49
N LEU A 19 7.11 6.23 7.99
CA LEU A 19 5.86 5.59 7.54
C LEU A 19 4.99 5.14 8.71
N LYS A 20 5.59 4.44 9.64
CA LYS A 20 4.80 3.97 10.82
C LYS A 20 3.86 5.06 11.34
N PRO A 21 4.41 6.23 11.65
CA PRO A 21 3.60 7.32 12.15
C PRO A 21 2.54 7.69 11.14
N LEU A 22 2.97 8.00 9.94
CA LEU A 22 1.97 8.37 8.91
C LEU A 22 0.92 7.28 8.83
N HIS A 23 1.34 6.07 9.10
CA HIS A 23 0.39 4.94 9.06
C HIS A 23 -0.48 4.97 10.30
N ASP A 24 0.15 5.13 11.43
CA ASP A 24 -0.61 5.17 12.69
C ASP A 24 -1.65 6.28 12.61
N ILE A 25 -1.33 7.27 11.84
CA ILE A 25 -2.27 8.42 11.67
C ILE A 25 -3.49 7.99 10.86
N CYS A 26 -3.26 7.54 9.66
CA CYS A 26 -4.39 7.12 8.80
C CYS A 26 -5.14 5.94 9.45
N ALA A 27 -4.40 4.95 9.87
CA ALA A 27 -5.06 3.78 10.51
C ALA A 27 -5.97 4.24 11.65
N LYS A 28 -5.55 5.26 12.35
CA LYS A 28 -6.38 5.76 13.47
C LYS A 28 -7.52 6.63 12.94
N LYS A 29 -7.38 7.10 11.74
CA LYS A 29 -8.45 7.94 11.17
C LYS A 29 -9.50 7.06 10.56
N THR A 30 -9.07 5.94 10.07
CA THR A 30 -10.00 5.00 9.44
C THR A 30 -10.57 4.09 10.52
N GLY A 31 -10.01 4.18 11.70
CA GLY A 31 -10.48 3.34 12.83
C GLY A 31 -10.32 1.83 12.53
N VAL A 32 -9.38 1.49 11.69
CA VAL A 32 -9.19 0.05 11.37
C VAL A 32 -8.64 -0.69 12.58
N THR A 33 -7.73 -1.60 12.33
CA THR A 33 -7.14 -2.37 13.45
C THR A 33 -5.84 -3.03 13.02
N ASP A 34 -4.79 -2.73 13.73
CA ASP A 34 -3.48 -3.33 13.37
C ASP A 34 -3.62 -4.82 13.06
N GLU A 35 -4.52 -5.48 13.75
CA GLU A 35 -4.70 -6.92 13.49
C GLU A 35 -5.19 -7.13 12.05
N ALA A 36 -6.13 -6.31 11.66
CA ALA A 36 -6.66 -6.43 10.29
C ALA A 36 -5.58 -6.03 9.30
N ILE A 37 -4.85 -4.99 9.65
CA ILE A 37 -3.78 -4.53 8.76
C ILE A 37 -2.73 -5.62 8.58
N ILE A 38 -2.34 -6.22 9.67
CA ILE A 38 -1.33 -7.29 9.61
C ILE A 38 -1.89 -8.48 8.85
N GLU A 39 -3.03 -8.95 9.27
CA GLU A 39 -3.65 -10.11 8.59
C GLU A 39 -3.54 -9.95 7.08
N PHE A 40 -3.63 -8.71 6.63
CA PHE A 40 -3.53 -8.45 5.18
C PHE A 40 -2.09 -8.56 4.72
N SER A 41 -1.18 -8.21 5.58
CA SER A 41 0.26 -8.29 5.19
C SER A 41 0.78 -9.71 5.33
N ASP A 42 0.91 -10.17 6.54
CA ASP A 42 1.41 -11.54 6.75
C ASP A 42 0.30 -12.57 6.58
N GLY A 43 -0.85 -12.26 7.11
CA GLY A 43 -2.00 -13.21 7.00
C GLY A 43 -2.52 -13.23 5.56
N LYS A 44 -3.56 -14.00 5.32
CA LYS A 44 -4.10 -14.06 3.94
C LYS A 44 -4.86 -12.79 3.60
N ILE A 45 -5.00 -12.54 2.34
CA ILE A 45 -5.72 -11.32 1.89
C ILE A 45 -7.17 -11.28 2.36
N HIS A 46 -7.55 -10.16 2.91
CA HIS A 46 -8.94 -10.00 3.40
C HIS A 46 -9.46 -8.61 3.00
N GLU A 47 -10.74 -8.54 2.70
CA GLU A 47 -11.32 -7.23 2.29
C GLU A 47 -12.04 -6.53 3.44
N ASP A 48 -11.27 -5.94 4.31
CA ASP A 48 -11.88 -5.23 5.45
C ASP A 48 -12.29 -3.83 5.02
N GLU A 49 -13.57 -3.63 4.86
CA GLU A 49 -14.10 -2.30 4.43
C GLU A 49 -13.22 -1.14 4.90
N LYS A 50 -12.64 -1.27 6.05
CA LYS A 50 -11.77 -0.18 6.54
C LYS A 50 -10.41 -0.24 5.88
N LEU A 51 -9.83 -1.41 5.87
CA LEU A 51 -8.50 -1.53 5.24
C LEU A 51 -8.56 -0.88 3.87
N LYS A 52 -9.72 -0.87 3.28
CA LYS A 52 -9.87 -0.26 1.95
C LYS A 52 -9.86 1.25 2.08
N CYS A 53 -10.61 1.75 3.04
CA CYS A 53 -10.65 3.21 3.23
C CYS A 53 -9.34 3.69 3.79
N TYR A 54 -8.75 2.89 4.63
CA TYR A 54 -7.46 3.30 5.21
C TYR A 54 -6.45 3.48 4.10
N MET A 55 -6.41 2.53 3.20
CA MET A 55 -5.45 2.65 2.09
C MET A 55 -5.75 3.95 1.37
N ASN A 56 -7.00 4.15 1.03
CA ASN A 56 -7.38 5.38 0.33
C ASN A 56 -6.92 6.59 1.13
N CYS A 57 -7.12 6.52 2.42
CA CYS A 57 -6.69 7.64 3.29
C CYS A 57 -5.18 7.78 3.24
N LEU A 58 -4.53 6.69 2.96
CA LEU A 58 -3.05 6.73 2.89
C LEU A 58 -2.63 7.40 1.59
N PHE A 59 -3.29 7.03 0.53
CA PHE A 59 -2.95 7.63 -0.78
C PHE A 59 -2.88 9.13 -0.63
N HIS A 60 -3.93 9.68 -0.06
CA HIS A 60 -3.98 11.14 0.13
C HIS A 60 -2.87 11.61 1.08
N GLU A 61 -2.78 10.98 2.21
CA GLU A 61 -1.73 11.37 3.17
C GLU A 61 -0.34 11.23 2.55
N ALA A 62 -0.19 10.26 1.71
CA ALA A 62 1.13 10.06 1.05
C ALA A 62 1.32 11.04 -0.10
N LYS A 63 0.37 11.90 -0.29
CA LYS A 63 0.48 12.88 -1.40
C LYS A 63 0.88 12.20 -2.70
N VAL A 64 -0.11 11.69 -3.39
CA VAL A 64 0.19 11.00 -4.67
C VAL A 64 -0.99 11.08 -5.62
N VAL A 65 -2.08 11.63 -5.15
CA VAL A 65 -3.27 11.74 -6.01
C VAL A 65 -3.23 13.02 -6.83
N ASP A 66 -4.35 13.69 -6.92
CA ASP A 66 -4.39 14.95 -7.69
C ASP A 66 -5.47 15.87 -7.16
N ASP A 67 -5.47 16.01 -5.88
CA ASP A 67 -6.49 16.88 -5.24
C ASP A 67 -7.89 16.46 -5.66
N ASN A 68 -7.95 15.38 -6.40
CA ASN A 68 -9.28 14.87 -6.87
C ASN A 68 -9.56 13.52 -6.24
N GLY A 69 -8.52 12.85 -5.82
CA GLY A 69 -8.71 11.51 -5.20
C GLY A 69 -8.84 10.43 -6.28
N ASP A 70 -8.26 10.68 -7.41
CA ASP A 70 -8.34 9.69 -8.51
C ASP A 70 -7.09 8.82 -8.56
N VAL A 71 -6.26 8.95 -7.56
CA VAL A 71 -5.02 8.16 -7.51
C VAL A 71 -4.32 8.11 -8.87
N HIS A 72 -3.52 9.11 -9.12
CA HIS A 72 -2.80 9.14 -10.42
C HIS A 72 -1.59 8.21 -10.39
N LEU A 73 -1.67 7.13 -11.11
CA LEU A 73 -0.54 6.17 -11.13
C LEU A 73 0.75 6.86 -11.55
N GLU A 74 0.63 7.87 -12.37
CA GLU A 74 1.85 8.60 -12.84
C GLU A 74 2.70 9.08 -11.66
N LYS A 75 2.13 9.92 -10.84
CA LYS A 75 2.90 10.42 -9.68
C LYS A 75 3.22 9.29 -8.74
N LEU A 76 2.34 8.35 -8.67
CA LEU A 76 2.56 7.20 -7.78
C LEU A 76 3.95 6.60 -8.00
N ARG A 77 4.18 6.12 -9.18
CA ARG A 77 5.50 5.52 -9.48
C ARG A 77 6.63 6.56 -9.35
N ASP A 78 6.29 7.80 -9.57
CA ASP A 78 7.33 8.86 -9.46
C ASP A 78 7.42 9.41 -8.04
N SER A 79 6.48 9.05 -7.22
CA SER A 79 6.52 9.55 -5.81
C SER A 79 7.57 8.83 -4.99
N LEU A 80 7.32 7.58 -4.72
CA LEU A 80 8.30 6.80 -3.92
C LEU A 80 9.72 7.05 -4.42
N PRO A 81 10.69 6.91 -3.53
CA PRO A 81 12.09 7.12 -3.88
C PRO A 81 12.51 6.27 -5.08
N ASN A 82 13.53 6.72 -5.77
CA ASN A 82 14.02 5.96 -6.94
C ASN A 82 14.15 4.47 -6.64
N SER A 83 14.91 4.15 -5.63
CA SER A 83 15.10 2.71 -5.26
C SER A 83 13.81 1.92 -5.38
N MET A 84 12.89 2.17 -4.50
CA MET A 84 11.60 1.43 -4.56
C MET A 84 10.92 1.63 -5.90
N HIS A 85 10.94 2.84 -6.39
CA HIS A 85 10.29 3.11 -7.69
C HIS A 85 10.85 2.20 -8.77
N ASP A 86 12.14 2.02 -8.77
CA ASP A 86 12.76 1.15 -9.80
C ASP A 86 12.20 -0.27 -9.70
N ILE A 87 12.25 -0.82 -8.52
CA ILE A 87 11.73 -2.20 -8.34
C ILE A 87 10.25 -2.22 -8.61
N ALA A 88 9.65 -1.07 -8.60
CA ALA A 88 8.21 -0.99 -8.85
C ALA A 88 7.93 -1.15 -10.33
N MET A 89 8.84 -0.63 -11.13
CA MET A 89 8.65 -0.72 -12.59
C MET A 89 8.87 -2.16 -13.05
N HIS A 90 9.76 -2.84 -12.39
CA HIS A 90 10.04 -4.25 -12.78
C HIS A 90 9.05 -5.20 -12.11
N MET A 91 8.54 -4.80 -10.97
CA MET A 91 7.56 -5.68 -10.27
C MET A 91 6.14 -5.37 -10.68
N GLY A 92 5.66 -4.22 -10.32
CA GLY A 92 4.27 -3.85 -10.69
C GLY A 92 3.99 -4.22 -12.15
N LYS A 93 4.64 -3.49 -13.05
CA LYS A 93 4.46 -3.73 -14.53
C LYS A 93 3.16 -4.46 -14.85
N ARG A 94 2.08 -4.02 -14.24
CA ARG A 94 0.77 -4.69 -14.51
C ARG A 94 -0.38 -3.96 -13.83
N CYS A 95 -1.29 -4.72 -13.27
CA CYS A 95 -2.45 -4.09 -12.57
C CYS A 95 -3.23 -3.19 -13.53
N LEU A 96 -3.88 -2.20 -12.96
CA LEU A 96 -4.68 -1.25 -13.80
C LEU A 96 -6.02 -1.86 -14.23
N TYR A 97 -6.73 -2.42 -13.28
CA TYR A 97 -8.04 -3.03 -13.63
C TYR A 97 -8.98 -3.11 -12.42
N PRO A 98 -9.08 -2.03 -11.69
CA PRO A 98 -9.93 -1.96 -10.50
C PRO A 98 -11.35 -2.42 -10.78
N GLU A 99 -11.93 -3.06 -9.80
CA GLU A 99 -13.33 -3.56 -9.96
C GLU A 99 -14.14 -3.28 -8.70
N GLY A 100 -14.49 -2.04 -8.49
CA GLY A 100 -15.27 -1.68 -7.29
C GLY A 100 -16.35 -0.65 -7.64
N GLU A 101 -16.20 0.54 -7.12
CA GLU A 101 -17.20 1.60 -7.40
C GLU A 101 -16.87 2.88 -6.65
N ASN A 102 -15.95 2.79 -5.72
CA ASN A 102 -15.58 3.99 -4.94
C ASN A 102 -14.09 4.01 -4.62
N LEU A 103 -13.57 5.19 -4.43
CA LEU A 103 -12.12 5.32 -4.12
C LEU A 103 -11.66 4.24 -3.14
N CYS A 104 -12.45 4.03 -2.12
CA CYS A 104 -12.08 2.99 -1.12
C CYS A 104 -11.83 1.65 -1.79
N GLU A 105 -12.78 1.20 -2.57
CA GLU A 105 -12.61 -0.10 -3.26
C GLU A 105 -11.35 -0.11 -4.12
N LYS A 106 -11.07 1.00 -4.75
CA LYS A 106 -9.85 1.06 -5.61
C LYS A 106 -8.61 0.83 -4.77
N ALA A 107 -8.42 1.68 -3.78
CA ALA A 107 -7.23 1.52 -2.92
C ALA A 107 -7.03 0.06 -2.56
N PHE A 108 -8.13 -0.64 -2.41
CA PHE A 108 -8.03 -2.08 -2.06
C PHE A 108 -7.61 -2.89 -3.28
N TRP A 109 -8.24 -2.63 -4.39
CA TRP A 109 -7.88 -3.39 -5.62
C TRP A 109 -6.41 -3.19 -5.94
N LEU A 110 -5.98 -1.96 -5.87
CA LEU A 110 -4.56 -1.68 -6.16
C LEU A 110 -3.66 -2.43 -5.20
N HIS A 111 -3.90 -2.25 -3.93
CA HIS A 111 -3.07 -2.97 -2.94
C HIS A 111 -3.02 -4.44 -3.27
N LYS A 112 -4.17 -5.04 -3.44
CA LYS A 112 -4.21 -6.48 -3.76
C LYS A 112 -3.43 -6.75 -5.04
N CYS A 113 -3.25 -5.72 -5.82
CA CYS A 113 -2.51 -5.89 -7.07
C CYS A 113 -1.04 -6.00 -6.78
N TRP A 114 -0.57 -5.18 -5.87
CA TRP A 114 0.85 -5.23 -5.51
C TRP A 114 1.15 -6.41 -4.61
N LYS A 115 0.17 -6.85 -3.88
CA LYS A 115 0.40 -8.02 -2.98
C LYS A 115 0.45 -9.31 -3.78
N GLN A 116 -0.50 -9.48 -4.66
CA GLN A 116 -0.51 -10.71 -5.49
C GLN A 116 0.72 -10.76 -6.39
N ALA A 117 1.17 -9.61 -6.80
CA ALA A 117 2.36 -9.58 -7.69
C ALA A 117 3.57 -10.21 -7.01
N ASP A 118 3.89 -9.74 -5.83
CA ASP A 118 5.04 -10.31 -5.11
C ASP A 118 4.96 -9.97 -3.60
N PRO A 119 4.62 -10.96 -2.78
CA PRO A 119 4.51 -10.75 -1.34
C PRO A 119 5.87 -10.39 -0.72
N LYS A 120 6.92 -10.80 -1.38
CA LYS A 120 8.27 -10.49 -0.86
C LYS A 120 8.43 -8.99 -0.62
N HIS A 121 8.92 -8.31 -1.63
CA HIS A 121 9.11 -6.85 -1.51
C HIS A 121 7.89 -6.20 -0.86
N TYR A 122 6.76 -6.40 -1.47
CA TYR A 122 5.51 -5.81 -0.92
C TYR A 122 5.42 -6.02 0.59
N PHE A 123 4.75 -5.12 1.25
CA PHE A 123 4.61 -5.25 2.72
C PHE A 123 3.44 -4.41 3.23
N LEU A 124 3.48 -4.10 4.51
CA LEU A 124 2.38 -3.29 5.08
C LEU A 124 2.01 -2.14 4.14
N VAL A 125 2.86 -1.14 4.10
CA VAL A 125 2.60 0.05 3.22
C VAL A 125 1.12 0.38 3.12
N ASP A 1 4.17 -20.78 -0.79
CA ASP A 1 5.32 -21.08 0.10
C ASP A 1 6.34 -19.94 0.03
N VAL A 2 5.82 -18.73 0.03
CA VAL A 2 6.72 -17.54 -0.03
C VAL A 2 6.63 -16.74 1.26
N THR A 3 7.77 -16.40 1.82
CA THR A 3 7.75 -15.62 3.08
C THR A 3 7.65 -14.11 2.78
N PRO A 4 6.92 -13.39 3.63
CA PRO A 4 6.76 -11.95 3.45
C PRO A 4 8.07 -11.22 3.55
N ARG A 5 8.15 -10.13 2.86
CA ARG A 5 9.37 -9.34 2.90
C ARG A 5 9.83 -9.13 4.34
N ARG A 6 11.05 -8.69 4.51
CA ARG A 6 11.60 -8.47 5.87
C ARG A 6 11.71 -6.98 6.16
N ASP A 7 10.97 -6.53 7.11
CA ASP A 7 11.02 -5.10 7.46
C ASP A 7 12.20 -4.78 8.36
N ALA A 8 12.34 -3.51 8.68
CA ALA A 8 13.48 -3.10 9.55
C ALA A 8 14.79 -3.59 8.96
N GLU A 9 14.69 -4.19 7.80
CA GLU A 9 15.92 -4.71 7.14
C GLU A 9 15.88 -4.41 5.65
N TYR A 10 14.76 -4.63 5.04
CA TYR A 10 14.66 -4.35 3.59
C TYR A 10 14.32 -2.87 3.35
N PRO A 11 13.49 -2.31 4.23
CA PRO A 11 13.08 -0.91 4.11
C PRO A 11 14.04 -0.01 4.92
N PRO A 12 14.46 1.10 4.33
CA PRO A 12 15.36 2.01 5.02
C PRO A 12 14.69 2.55 6.31
N PRO A 13 15.41 2.53 7.42
CA PRO A 13 14.85 3.02 8.68
C PRO A 13 14.25 4.41 8.54
N GLU A 14 14.61 5.09 7.49
CA GLU A 14 14.06 6.46 7.28
C GLU A 14 12.68 6.39 6.65
N LEU A 15 12.56 5.56 5.66
CA LEU A 15 11.25 5.43 4.98
C LEU A 15 10.24 4.86 5.95
N LEU A 16 10.73 4.17 6.94
CA LEU A 16 9.82 3.59 7.93
C LEU A 16 9.40 4.63 8.95
N GLU A 17 10.33 5.47 9.32
CA GLU A 17 10.01 6.52 10.32
C GLU A 17 8.86 7.39 9.83
N ALA A 18 8.83 7.64 8.55
CA ALA A 18 7.74 8.49 8.00
C ALA A 18 6.49 7.65 7.71
N LEU A 19 6.70 6.42 7.36
CA LEU A 19 5.55 5.53 7.06
C LEU A 19 4.86 5.03 8.32
N LYS A 20 5.60 4.89 9.39
CA LYS A 20 4.97 4.40 10.64
C LYS A 20 3.86 5.36 11.12
N PRO A 21 4.19 6.64 11.25
CA PRO A 21 3.21 7.62 11.68
C PRO A 21 2.10 7.81 10.66
N LEU A 22 2.47 8.14 9.45
CA LEU A 22 1.43 8.32 8.41
C LEU A 22 0.46 7.15 8.42
N HIS A 23 0.98 5.98 8.63
CA HIS A 23 0.11 4.79 8.67
C HIS A 23 -0.68 4.76 9.96
N ASP A 24 -0.03 5.14 11.04
CA ASP A 24 -0.72 5.13 12.35
C ASP A 24 -1.77 6.23 12.38
N ILE A 25 -1.59 7.21 11.53
CA ILE A 25 -2.56 8.32 11.48
C ILE A 25 -3.83 7.89 10.76
N CYS A 26 -3.69 7.54 9.52
CA CYS A 26 -4.88 7.11 8.75
C CYS A 26 -5.48 5.85 9.36
N ALA A 27 -4.64 4.92 9.74
CA ALA A 27 -5.17 3.68 10.34
C ALA A 27 -5.99 4.01 11.57
N LYS A 28 -5.38 4.70 12.50
CA LYS A 28 -6.11 5.07 13.73
C LYS A 28 -7.35 5.89 13.39
N LYS A 29 -7.38 6.43 12.20
CA LYS A 29 -8.55 7.24 11.80
C LYS A 29 -9.60 6.36 11.16
N THR A 30 -9.15 5.44 10.38
CA THR A 30 -10.10 4.54 9.71
C THR A 30 -10.61 3.50 10.70
N GLY A 31 -10.00 3.46 11.85
CA GLY A 31 -10.44 2.47 12.88
C GLY A 31 -9.59 1.19 12.81
N VAL A 32 -9.09 0.88 11.63
CA VAL A 32 -8.28 -0.36 11.51
C VAL A 32 -7.21 -0.42 12.59
N THR A 33 -6.62 -1.57 12.75
CA THR A 33 -5.56 -1.71 13.79
C THR A 33 -4.46 -2.65 13.31
N ASP A 34 -3.30 -2.52 13.90
CA ASP A 34 -2.17 -3.38 13.49
C ASP A 34 -2.63 -4.83 13.33
N GLU A 35 -3.66 -5.19 14.02
CA GLU A 35 -4.17 -6.58 13.91
C GLU A 35 -4.71 -6.83 12.52
N ALA A 36 -5.75 -6.12 12.17
CA ALA A 36 -6.35 -6.30 10.83
C ALA A 36 -5.29 -6.07 9.76
N ILE A 37 -4.44 -5.12 10.01
CA ILE A 37 -3.38 -4.82 9.02
C ILE A 37 -2.45 -6.02 8.87
N ILE A 38 -2.21 -6.69 9.96
CA ILE A 38 -1.32 -7.87 9.91
C ILE A 38 -1.97 -8.97 9.08
N GLU A 39 -3.18 -9.28 9.40
CA GLU A 39 -3.89 -10.34 8.64
C GLU A 39 -3.69 -10.15 7.15
N PHE A 40 -3.97 -8.97 6.69
CA PHE A 40 -3.80 -8.68 5.24
C PHE A 40 -2.34 -8.79 4.84
N SER A 41 -1.47 -8.52 5.78
CA SER A 41 -0.02 -8.60 5.46
C SER A 41 0.49 -10.04 5.52
N ASP A 42 0.56 -10.57 6.71
CA ASP A 42 1.06 -11.97 6.84
C ASP A 42 -0.09 -12.97 6.77
N GLY A 43 -1.21 -12.62 7.33
CA GLY A 43 -2.37 -13.55 7.30
C GLY A 43 -2.97 -13.61 5.89
N LYS A 44 -4.24 -13.93 5.83
CA LYS A 44 -4.90 -14.01 4.51
C LYS A 44 -5.57 -12.69 4.16
N ILE A 45 -5.78 -12.47 2.89
CA ILE A 45 -6.45 -11.21 2.46
C ILE A 45 -7.89 -11.17 2.90
N HIS A 46 -8.16 -10.51 4.01
CA HIS A 46 -9.57 -10.46 4.48
C HIS A 46 -10.26 -9.21 3.91
N GLU A 47 -11.57 -9.21 3.93
CA GLU A 47 -12.32 -8.05 3.40
C GLU A 47 -12.82 -7.11 4.49
N ASP A 48 -11.92 -6.44 5.14
CA ASP A 48 -12.34 -5.51 6.21
C ASP A 48 -12.68 -4.15 5.59
N GLU A 49 -13.95 -3.91 5.41
CA GLU A 49 -14.40 -2.61 4.81
C GLU A 49 -13.51 -1.44 5.22
N LYS A 50 -12.91 -1.52 6.37
CA LYS A 50 -12.04 -0.40 6.80
C LYS A 50 -10.70 -0.44 6.09
N LEU A 51 -10.02 -1.55 6.18
CA LEU A 51 -8.71 -1.62 5.49
C LEU A 51 -8.87 -1.13 4.07
N LYS A 52 -10.08 -1.23 3.57
CA LYS A 52 -10.32 -0.77 2.18
C LYS A 52 -10.33 0.74 2.18
N CYS A 53 -10.94 1.30 3.18
CA CYS A 53 -10.99 2.77 3.27
C CYS A 53 -9.65 3.30 3.75
N TYR A 54 -9.13 2.67 4.78
CA TYR A 54 -7.82 3.13 5.29
C TYR A 54 -6.87 3.29 4.13
N MET A 55 -6.79 2.27 3.31
CA MET A 55 -5.90 2.35 2.14
C MET A 55 -6.23 3.59 1.36
N ASN A 56 -7.46 3.66 0.90
CA ASN A 56 -7.87 4.85 0.12
C ASN A 56 -7.42 6.10 0.87
N CYS A 57 -7.62 6.08 2.16
CA CYS A 57 -7.21 7.25 2.97
C CYS A 57 -5.72 7.50 2.81
N LEU A 58 -4.99 6.45 2.57
CA LEU A 58 -3.53 6.61 2.40
C LEU A 58 -3.24 7.33 1.08
N PHE A 59 -3.83 6.84 0.02
CA PHE A 59 -3.60 7.49 -1.30
C PHE A 59 -3.69 9.00 -1.15
N HIS A 60 -4.81 9.45 -0.66
CA HIS A 60 -4.99 10.92 -0.49
C HIS A 60 -3.88 11.52 0.38
N GLU A 61 -3.63 10.90 1.50
CA GLU A 61 -2.58 11.43 2.40
C GLU A 61 -1.19 11.31 1.75
N ALA A 62 -1.10 10.55 0.71
CA ALA A 62 0.21 10.39 0.04
C ALA A 62 0.46 11.54 -0.93
N LYS A 63 -0.58 12.25 -1.27
CA LYS A 63 -0.41 13.37 -2.22
C LYS A 63 -0.12 12.86 -3.63
N VAL A 64 0.25 11.61 -3.73
CA VAL A 64 0.55 11.04 -5.06
C VAL A 64 -0.73 10.93 -5.89
N VAL A 65 -1.75 11.65 -5.47
CA VAL A 65 -3.03 11.60 -6.23
C VAL A 65 -3.18 12.83 -7.12
N ASP A 66 -4.02 12.69 -8.12
CA ASP A 66 -4.23 13.81 -9.07
C ASP A 66 -5.50 14.56 -8.72
N ASP A 67 -5.70 14.76 -7.47
CA ASP A 67 -6.92 15.48 -7.01
C ASP A 67 -8.17 14.80 -7.55
N ASN A 68 -7.97 13.72 -8.28
CA ASN A 68 -9.12 12.98 -8.86
C ASN A 68 -9.21 11.58 -8.25
N GLY A 69 -8.11 11.12 -7.72
CA GLY A 69 -8.11 9.75 -7.11
C GLY A 69 -7.54 8.72 -8.10
N ASP A 70 -6.75 9.21 -9.03
CA ASP A 70 -6.15 8.29 -10.04
C ASP A 70 -4.68 8.02 -9.72
N VAL A 71 -4.33 8.19 -8.47
CA VAL A 71 -2.92 7.95 -8.03
C VAL A 71 -1.94 8.32 -9.13
N HIS A 72 -1.69 9.59 -9.28
CA HIS A 72 -0.75 10.03 -10.33
C HIS A 72 0.59 9.32 -10.18
N LEU A 73 0.78 8.29 -10.95
CA LEU A 73 2.06 7.55 -10.87
C LEU A 73 3.24 8.47 -11.14
N GLU A 74 2.97 9.62 -11.69
CA GLU A 74 4.07 10.57 -11.98
C GLU A 74 4.75 11.02 -10.69
N LYS A 75 3.98 11.54 -9.77
CA LYS A 75 4.57 11.99 -8.51
C LYS A 75 5.09 10.81 -7.71
N LEU A 76 4.41 9.71 -7.86
CA LEU A 76 4.84 8.49 -7.14
C LEU A 76 6.30 8.20 -7.43
N ARG A 77 6.66 8.30 -8.68
CA ARG A 77 8.07 8.02 -9.04
C ARG A 77 8.98 9.08 -8.45
N ASP A 78 8.65 10.31 -8.68
CA ASP A 78 9.50 11.41 -8.13
C ASP A 78 9.55 11.31 -6.61
N SER A 79 8.72 10.46 -6.06
CA SER A 79 8.70 10.31 -4.58
C SER A 79 9.75 9.31 -4.11
N LEU A 80 9.69 8.11 -4.63
CA LEU A 80 10.70 7.09 -4.21
C LEU A 80 11.94 7.12 -5.12
N PRO A 81 13.09 6.77 -4.55
CA PRO A 81 14.35 6.76 -5.30
C PRO A 81 14.29 5.74 -6.44
N ASN A 82 15.23 5.84 -7.34
CA ASN A 82 15.27 4.90 -8.48
C ASN A 82 15.28 3.45 -7.99
N SER A 83 15.51 3.25 -6.72
CA SER A 83 15.54 1.85 -6.20
C SER A 83 14.13 1.26 -6.15
N MET A 84 13.33 1.75 -5.24
CA MET A 84 11.95 1.21 -5.15
C MET A 84 11.26 1.43 -6.47
N HIS A 85 11.80 2.35 -7.22
CA HIS A 85 11.21 2.66 -8.54
C HIS A 85 11.29 1.44 -9.44
N ASP A 86 12.47 0.92 -9.59
CA ASP A 86 12.65 -0.27 -10.44
C ASP A 86 11.77 -1.40 -9.93
N ILE A 87 11.65 -1.48 -8.63
CA ILE A 87 10.81 -2.55 -8.05
C ILE A 87 9.36 -2.30 -8.39
N ALA A 88 9.02 -1.05 -8.49
CA ALA A 88 7.62 -0.71 -8.82
C ALA A 88 7.39 -0.86 -10.32
N MET A 89 8.45 -0.75 -11.07
CA MET A 89 8.32 -0.89 -12.54
C MET A 89 7.96 -2.32 -12.91
N HIS A 90 8.53 -3.25 -12.20
CA HIS A 90 8.24 -4.68 -12.50
C HIS A 90 6.92 -5.10 -11.86
N MET A 91 6.62 -4.53 -10.72
CA MET A 91 5.34 -4.89 -10.04
C MET A 91 4.16 -4.16 -10.65
N GLY A 92 4.42 -3.04 -11.26
CA GLY A 92 3.32 -2.26 -11.88
C GLY A 92 2.78 -3.00 -13.11
N LYS A 93 3.47 -4.02 -13.52
CA LYS A 93 3.02 -4.79 -14.70
C LYS A 93 1.68 -5.47 -14.45
N ARG A 94 1.72 -6.58 -13.76
CA ARG A 94 0.46 -7.31 -13.47
C ARG A 94 -0.36 -6.59 -12.39
N CYS A 95 -0.63 -5.33 -12.65
CA CYS A 95 -1.42 -4.53 -11.67
C CYS A 95 -1.85 -3.20 -12.30
N LEU A 96 -2.40 -2.33 -11.51
CA LEU A 96 -2.85 -1.01 -12.05
C LEU A 96 -4.13 -1.15 -12.87
N TYR A 97 -5.06 -1.91 -12.35
CA TYR A 97 -6.35 -2.10 -13.07
C TYR A 97 -7.52 -2.22 -12.08
N PRO A 98 -7.69 -1.17 -11.30
CA PRO A 98 -8.76 -1.12 -10.31
C PRO A 98 -10.12 -1.39 -10.93
N GLU A 99 -10.74 -2.47 -10.48
CA GLU A 99 -12.08 -2.83 -11.02
C GLU A 99 -13.15 -2.72 -9.95
N GLY A 100 -13.16 -1.61 -9.24
CA GLY A 100 -14.18 -1.42 -8.16
C GLY A 100 -15.23 -0.40 -8.59
N GLU A 101 -15.22 0.73 -7.94
CA GLU A 101 -16.21 1.78 -8.28
C GLU A 101 -15.90 3.08 -7.55
N ASN A 102 -15.11 2.97 -6.51
CA ASN A 102 -14.75 4.18 -5.74
C ASN A 102 -13.31 4.08 -5.23
N LEU A 103 -12.83 5.12 -4.63
CA LEU A 103 -11.45 5.10 -4.10
C LEU A 103 -11.24 3.93 -3.16
N CYS A 104 -12.16 3.73 -2.25
CA CYS A 104 -12.00 2.59 -1.29
C CYS A 104 -11.77 1.28 -2.03
N GLU A 105 -12.76 0.85 -2.76
CA GLU A 105 -12.60 -0.43 -3.51
C GLU A 105 -11.32 -0.40 -4.34
N LYS A 106 -11.03 0.73 -4.93
CA LYS A 106 -9.81 0.83 -5.76
C LYS A 106 -8.58 0.62 -4.89
N ALA A 107 -8.40 1.50 -3.92
CA ALA A 107 -7.24 1.36 -3.02
C ALA A 107 -7.08 -0.09 -2.61
N PHE A 108 -8.19 -0.78 -2.52
CA PHE A 108 -8.15 -2.20 -2.14
C PHE A 108 -7.74 -3.05 -3.32
N TRP A 109 -8.31 -2.76 -4.46
CA TRP A 109 -7.95 -3.57 -5.66
C TRP A 109 -6.44 -3.61 -5.82
N LEU A 110 -5.82 -2.47 -5.64
CA LEU A 110 -4.36 -2.40 -5.79
C LEU A 110 -3.68 -3.26 -4.72
N HIS A 111 -3.96 -2.96 -3.48
CA HIS A 111 -3.34 -3.76 -2.38
C HIS A 111 -3.50 -5.24 -2.69
N LYS A 112 -4.67 -5.62 -3.11
CA LYS A 112 -4.91 -7.05 -3.42
C LYS A 112 -4.08 -7.44 -4.63
N CYS A 113 -3.84 -6.49 -5.50
CA CYS A 113 -3.05 -6.77 -6.71
C CYS A 113 -1.57 -6.77 -6.36
N TRP A 114 -1.21 -5.96 -5.40
CA TRP A 114 0.20 -5.90 -5.00
C TRP A 114 0.54 -7.05 -4.06
N LYS A 115 -0.48 -7.62 -3.48
CA LYS A 115 -0.25 -8.75 -2.54
C LYS A 115 -0.27 -10.07 -3.30
N GLN A 116 -1.23 -10.21 -4.18
CA GLN A 116 -1.33 -11.47 -4.96
C GLN A 116 -0.19 -11.57 -5.96
N ALA A 117 0.25 -10.44 -6.45
CA ALA A 117 1.37 -10.46 -7.43
C ALA A 117 2.68 -10.81 -6.75
N ASP A 118 3.02 -10.06 -5.74
CA ASP A 118 4.29 -10.34 -5.03
C ASP A 118 4.18 -9.94 -3.55
N PRO A 119 3.72 -10.87 -2.73
CA PRO A 119 3.56 -10.61 -1.30
C PRO A 119 4.90 -10.35 -0.63
N LYS A 120 5.91 -10.19 -1.43
CA LYS A 120 7.26 -9.92 -0.88
C LYS A 120 7.51 -8.42 -0.75
N HIS A 121 8.20 -7.88 -1.72
CA HIS A 121 8.50 -6.42 -1.70
C HIS A 121 7.32 -5.61 -1.14
N TYR A 122 6.13 -6.15 -1.31
CA TYR A 122 4.94 -5.42 -0.80
C TYR A 122 5.20 -4.87 0.60
N PHE A 123 4.74 -3.67 0.84
CA PHE A 123 4.96 -3.07 2.18
C PHE A 123 4.20 -3.84 3.26
N LEU A 124 3.89 -3.17 4.34
CA LEU A 124 3.16 -3.83 5.44
C LEU A 124 3.93 -5.05 5.95
N VAL A 125 4.89 -4.79 6.80
CA VAL A 125 5.71 -5.91 7.35
C VAL A 125 6.05 -6.93 6.27
N ASP A 1 1.26 -19.56 0.14
CA ASP A 1 1.95 -20.70 0.80
C ASP A 1 3.07 -20.18 1.69
N VAL A 2 4.02 -19.51 1.10
CA VAL A 2 5.15 -18.97 1.89
C VAL A 2 4.79 -17.62 2.49
N THR A 3 5.37 -17.31 3.62
CA THR A 3 5.07 -16.01 4.25
C THR A 3 5.96 -14.90 3.67
N PRO A 4 5.47 -13.68 3.67
CA PRO A 4 6.22 -12.54 3.16
C PRO A 4 7.49 -12.31 3.96
N ARG A 5 8.43 -11.66 3.34
CA ARG A 5 9.72 -11.38 4.04
C ARG A 5 9.81 -9.90 4.41
N ARG A 6 9.91 -9.64 5.68
CA ARG A 6 10.01 -8.23 6.13
C ARG A 6 10.79 -8.14 7.42
N ASP A 7 11.41 -7.03 7.64
CA ASP A 7 12.20 -6.87 8.87
C ASP A 7 12.93 -5.55 8.88
N ALA A 8 13.72 -5.35 9.89
CA ALA A 8 14.47 -4.08 9.98
C ALA A 8 15.84 -4.25 9.33
N GLU A 9 15.86 -4.90 8.20
CA GLU A 9 17.16 -5.11 7.52
C GLU A 9 17.01 -5.08 6.00
N TYR A 10 15.84 -5.41 5.51
CA TYR A 10 15.65 -5.38 4.03
C TYR A 10 15.12 -4.01 3.54
N PRO A 11 14.11 -3.51 4.21
CA PRO A 11 13.52 -2.22 3.83
C PRO A 11 14.35 -1.04 4.38
N PRO A 12 14.46 0.02 3.59
CA PRO A 12 15.23 1.18 4.03
C PRO A 12 14.61 1.76 5.31
N PRO A 13 15.34 1.73 6.41
CA PRO A 13 14.84 2.26 7.68
C PRO A 13 14.39 3.71 7.54
N GLU A 14 14.80 4.35 6.48
CA GLU A 14 14.40 5.76 6.29
C GLU A 14 12.91 5.85 5.99
N LEU A 15 12.47 5.10 5.01
CA LEU A 15 11.03 5.12 4.67
C LEU A 15 10.22 4.47 5.77
N LEU A 16 10.85 3.54 6.45
CA LEU A 16 10.14 2.85 7.54
C LEU A 16 9.79 3.83 8.65
N GLU A 17 10.66 4.77 8.86
CA GLU A 17 10.40 5.78 9.92
C GLU A 17 9.33 6.76 9.48
N ALA A 18 9.31 7.07 8.22
CA ALA A 18 8.29 8.02 7.72
C ALA A 18 7.00 7.28 7.38
N LEU A 19 7.13 6.02 7.06
CA LEU A 19 5.93 5.22 6.71
C LEU A 19 5.13 4.84 7.96
N LYS A 20 5.80 4.29 8.94
CA LYS A 20 5.09 3.89 10.18
C LYS A 20 4.12 5.00 10.67
N PRO A 21 4.61 6.22 10.80
CA PRO A 21 3.76 7.32 11.26
C PRO A 21 2.64 7.55 10.27
N LEU A 22 3.00 7.86 9.04
CA LEU A 22 1.94 8.10 8.04
C LEU A 22 0.92 6.99 8.12
N HIS A 23 1.39 5.81 8.41
CA HIS A 23 0.47 4.66 8.51
C HIS A 23 -0.35 4.80 9.78
N ASP A 24 0.33 5.13 10.86
CA ASP A 24 -0.38 5.29 12.13
C ASP A 24 -1.38 6.42 12.02
N ILE A 25 -1.01 7.42 11.26
CA ILE A 25 -1.91 8.58 11.07
C ILE A 25 -3.22 8.12 10.42
N CYS A 26 -3.11 7.60 9.22
CA CYS A 26 -4.33 7.15 8.51
C CYS A 26 -4.95 5.95 9.26
N ALA A 27 -4.12 5.00 9.60
CA ALA A 27 -4.64 3.81 10.33
C ALA A 27 -5.40 4.24 11.57
N LYS A 28 -4.83 5.16 12.30
CA LYS A 28 -5.51 5.63 13.53
C LYS A 28 -6.72 6.47 13.19
N LYS A 29 -6.77 6.95 11.98
CA LYS A 29 -7.92 7.78 11.58
C LYS A 29 -9.02 6.92 11.01
N THR A 30 -8.63 5.89 10.33
CA THR A 30 -9.64 4.98 9.74
C THR A 30 -10.19 4.05 10.80
N GLY A 31 -9.58 4.06 11.96
CA GLY A 31 -10.07 3.18 13.05
C GLY A 31 -9.52 1.76 12.89
N VAL A 32 -9.02 1.44 11.72
CA VAL A 32 -8.49 0.07 11.50
C VAL A 32 -7.46 -0.28 12.57
N THR A 33 -6.98 -1.50 12.54
CA THR A 33 -5.98 -1.93 13.56
C THR A 33 -4.80 -2.65 12.93
N ASP A 34 -3.65 -2.47 13.51
CA ASP A 34 -2.46 -3.13 12.96
C ASP A 34 -2.76 -4.58 12.66
N GLU A 35 -3.60 -5.17 13.48
CA GLU A 35 -3.96 -6.58 13.26
C GLU A 35 -4.51 -6.77 11.86
N ALA A 36 -5.54 -6.01 11.53
CA ALA A 36 -6.12 -6.13 10.19
C ALA A 36 -5.07 -5.84 9.15
N ILE A 37 -4.29 -4.80 9.39
CA ILE A 37 -3.23 -4.45 8.42
C ILE A 37 -2.28 -5.61 8.23
N ILE A 38 -1.91 -6.23 9.32
CA ILE A 38 -0.99 -7.39 9.22
C ILE A 38 -1.69 -8.57 8.56
N GLU A 39 -2.84 -8.91 9.07
CA GLU A 39 -3.58 -10.04 8.48
C GLU A 39 -3.65 -9.89 6.96
N PHE A 40 -3.63 -8.67 6.52
CA PHE A 40 -3.70 -8.43 5.05
C PHE A 40 -2.32 -8.64 4.42
N SER A 41 -1.29 -8.35 5.17
CA SER A 41 0.07 -8.52 4.62
C SER A 41 0.54 -9.96 4.76
N ASP A 42 0.79 -10.37 5.98
CA ASP A 42 1.25 -11.75 6.21
C ASP A 42 0.08 -12.72 6.15
N GLY A 43 -0.99 -12.36 6.80
CA GLY A 43 -2.18 -13.25 6.80
C GLY A 43 -2.81 -13.29 5.40
N LYS A 44 -3.88 -14.03 5.27
CA LYS A 44 -4.55 -14.11 3.94
C LYS A 44 -5.39 -12.86 3.69
N ILE A 45 -5.15 -12.24 2.56
CA ILE A 45 -5.91 -11.01 2.21
C ILE A 45 -7.36 -11.09 2.66
N HIS A 46 -7.82 -10.04 3.32
CA HIS A 46 -9.23 -10.02 3.79
C HIS A 46 -9.94 -8.78 3.30
N GLU A 47 -11.25 -8.82 3.34
CA GLU A 47 -12.03 -7.66 2.87
C GLU A 47 -12.55 -6.80 4.03
N ASP A 48 -11.65 -6.17 4.72
CA ASP A 48 -12.09 -5.33 5.86
C ASP A 48 -12.50 -3.95 5.35
N GLU A 49 -13.80 -3.74 5.27
CA GLU A 49 -14.31 -2.42 4.78
C GLU A 49 -13.43 -1.26 5.23
N LYS A 50 -12.77 -1.42 6.35
CA LYS A 50 -11.89 -0.32 6.81
C LYS A 50 -10.57 -0.38 6.10
N LEU A 51 -9.92 -1.51 6.13
CA LEU A 51 -8.62 -1.61 5.45
C LEU A 51 -8.75 -1.04 4.05
N LYS A 52 -9.92 -1.21 3.47
CA LYS A 52 -10.14 -0.68 2.11
C LYS A 52 -10.19 0.84 2.16
N CYS A 53 -10.84 1.36 3.16
CA CYS A 53 -10.94 2.82 3.29
C CYS A 53 -9.62 3.38 3.78
N TYR A 54 -9.03 2.70 4.73
CA TYR A 54 -7.75 3.18 5.26
C TYR A 54 -6.77 3.36 4.11
N MET A 55 -6.78 2.41 3.21
CA MET A 55 -5.86 2.53 2.07
C MET A 55 -6.21 3.79 1.30
N ASN A 56 -7.48 3.94 1.02
CA ASN A 56 -7.92 5.13 0.29
C ASN A 56 -7.52 6.38 1.06
N CYS A 57 -7.64 6.32 2.36
CA CYS A 57 -7.27 7.49 3.19
C CYS A 57 -5.80 7.81 3.01
N LEU A 58 -5.02 6.79 2.73
CA LEU A 58 -3.58 7.03 2.54
C LEU A 58 -3.35 7.80 1.24
N PHE A 59 -4.10 7.44 0.23
CA PHE A 59 -3.95 8.15 -1.06
C PHE A 59 -4.18 9.64 -0.87
N HIS A 60 -5.20 9.96 -0.11
CA HIS A 60 -5.52 11.38 0.15
C HIS A 60 -4.53 11.99 1.14
N GLU A 61 -4.27 11.28 2.20
CA GLU A 61 -3.32 11.80 3.21
C GLU A 61 -2.08 12.37 2.53
N ALA A 62 -1.65 11.69 1.49
CA ALA A 62 -0.44 12.18 0.78
C ALA A 62 -0.81 13.26 -0.23
N LYS A 63 -2.08 13.40 -0.48
CA LYS A 63 -2.53 14.43 -1.44
C LYS A 63 -2.04 14.12 -2.85
N VAL A 64 -1.58 12.90 -3.04
CA VAL A 64 -1.09 12.53 -4.39
C VAL A 64 -2.25 12.43 -5.37
N VAL A 65 -3.45 12.47 -4.85
CA VAL A 65 -4.63 12.37 -5.74
C VAL A 65 -4.86 13.69 -6.46
N ASP A 66 -5.52 13.62 -7.58
CA ASP A 66 -5.79 14.85 -8.35
C ASP A 66 -6.89 15.66 -7.70
N ASP A 67 -7.80 16.15 -8.50
CA ASP A 67 -8.92 16.96 -7.95
C ASP A 67 -10.21 16.15 -7.93
N ASN A 68 -10.12 14.90 -8.35
CA ASN A 68 -11.34 14.03 -8.36
C ASN A 68 -11.13 12.79 -7.51
N GLY A 69 -9.89 12.47 -7.23
CA GLY A 69 -9.60 11.27 -6.40
C GLY A 69 -9.28 10.07 -7.28
N ASP A 70 -8.84 10.34 -8.49
CA ASP A 70 -8.50 9.23 -9.41
C ASP A 70 -7.12 8.69 -9.12
N VAL A 71 -6.52 9.19 -8.08
CA VAL A 71 -5.16 8.73 -7.73
C VAL A 71 -4.20 8.87 -8.91
N HIS A 72 -3.53 9.99 -8.96
CA HIS A 72 -2.57 10.22 -10.06
C HIS A 72 -1.40 9.24 -9.97
N LEU A 73 -1.35 8.31 -10.88
CA LEU A 73 -0.25 7.32 -10.85
C LEU A 73 1.09 8.00 -11.12
N GLU A 74 1.05 9.10 -11.81
CA GLU A 74 2.32 9.82 -12.12
C GLU A 74 2.95 10.37 -10.85
N LYS A 75 2.14 10.91 -9.98
CA LYS A 75 2.68 11.46 -8.71
C LYS A 75 2.94 10.34 -7.72
N LEU A 76 2.03 9.42 -7.63
CA LEU A 76 2.21 8.31 -6.69
C LEU A 76 3.54 7.61 -6.95
N ARG A 77 3.96 7.64 -8.18
CA ARG A 77 5.25 6.99 -8.52
C ARG A 77 6.43 7.86 -8.11
N ASP A 78 6.38 9.12 -8.52
CA ASP A 78 7.49 10.04 -8.16
C ASP A 78 7.60 10.20 -6.65
N SER A 79 6.61 9.70 -5.95
CA SER A 79 6.63 9.83 -4.47
C SER A 79 7.71 8.95 -3.85
N LEU A 80 7.56 7.66 -4.01
CA LEU A 80 8.57 6.74 -3.44
C LEU A 80 9.99 7.05 -3.97
N PRO A 81 10.99 6.78 -3.14
CA PRO A 81 12.39 7.03 -3.52
C PRO A 81 12.77 6.21 -4.74
N ASN A 82 14.05 6.08 -4.98
CA ASN A 82 14.51 5.29 -6.16
C ASN A 82 14.70 3.82 -5.79
N SER A 83 14.76 3.55 -4.52
CA SER A 83 14.94 2.13 -4.08
C SER A 83 13.73 1.27 -4.44
N MET A 84 12.64 1.49 -3.76
CA MET A 84 11.42 0.69 -4.05
C MET A 84 11.00 0.90 -5.50
N HIS A 85 11.11 2.11 -5.95
CA HIS A 85 10.71 2.41 -7.35
C HIS A 85 11.35 1.39 -8.31
N ASP A 86 12.62 1.11 -8.08
CA ASP A 86 13.30 0.14 -8.97
C ASP A 86 12.70 -1.25 -8.79
N ILE A 87 12.64 -1.70 -7.57
CA ILE A 87 12.07 -3.05 -7.33
C ILE A 87 10.61 -3.05 -7.71
N ALA A 88 10.03 -1.88 -7.73
CA ALA A 88 8.61 -1.78 -8.10
C ALA A 88 8.46 -1.90 -9.60
N MET A 89 9.43 -1.40 -10.31
CA MET A 89 9.37 -1.48 -11.79
C MET A 89 9.43 -2.93 -12.23
N HIS A 90 10.20 -3.70 -11.51
CA HIS A 90 10.33 -5.14 -11.86
C HIS A 90 9.19 -5.94 -11.24
N MET A 91 8.67 -5.44 -10.14
CA MET A 91 7.57 -6.17 -9.46
C MET A 91 6.21 -5.70 -9.98
N GLY A 92 6.22 -4.65 -10.74
CA GLY A 92 4.92 -4.13 -11.29
C GLY A 92 4.02 -5.28 -11.76
N LYS A 93 4.42 -5.91 -12.84
CA LYS A 93 3.63 -7.04 -13.37
C LYS A 93 2.15 -6.66 -13.56
N ARG A 94 1.84 -6.23 -14.75
CA ARG A 94 0.43 -5.83 -15.05
C ARG A 94 -0.15 -4.91 -13.97
N CYS A 95 -1.08 -5.43 -13.20
CA CYS A 95 -1.70 -4.61 -12.11
C CYS A 95 -2.04 -3.21 -12.60
N LEU A 96 -2.88 -3.13 -13.60
CA LEU A 96 -3.27 -1.79 -14.14
C LEU A 96 -4.71 -1.82 -14.65
N TYR A 97 -5.65 -2.21 -13.80
CA TYR A 97 -7.06 -2.25 -14.26
C TYR A 97 -8.07 -2.24 -13.10
N PRO A 98 -8.08 -1.17 -12.35
CA PRO A 98 -8.99 -1.03 -11.22
C PRO A 98 -10.43 -1.32 -11.65
N GLU A 99 -10.99 -2.38 -11.08
CA GLU A 99 -12.39 -2.75 -11.43
C GLU A 99 -13.36 -2.55 -10.26
N GLY A 100 -13.34 -1.37 -9.69
CA GLY A 100 -14.25 -1.11 -8.54
C GLY A 100 -15.34 -0.12 -8.96
N GLU A 101 -15.49 0.89 -8.18
CA GLU A 101 -16.52 1.92 -8.47
C GLU A 101 -16.45 3.05 -7.45
N ASN A 102 -15.57 2.90 -6.48
CA ASN A 102 -15.44 3.97 -5.44
C ASN A 102 -13.99 4.15 -5.04
N LEU A 103 -13.75 5.15 -4.23
CA LEU A 103 -12.36 5.40 -3.78
C LEU A 103 -11.85 4.25 -2.92
N CYS A 104 -12.71 3.72 -2.09
CA CYS A 104 -12.27 2.59 -1.23
C CYS A 104 -11.99 1.36 -2.07
N GLU A 105 -12.92 0.99 -2.90
CA GLU A 105 -12.71 -0.20 -3.75
C GLU A 105 -11.41 -0.08 -4.53
N LYS A 106 -11.16 1.09 -5.05
CA LYS A 106 -9.90 1.29 -5.83
C LYS A 106 -8.70 1.01 -4.94
N ALA A 107 -8.57 1.79 -3.89
CA ALA A 107 -7.43 1.59 -2.97
C ALA A 107 -7.22 0.10 -2.72
N PHE A 108 -8.29 -0.64 -2.84
CA PHE A 108 -8.20 -2.10 -2.61
C PHE A 108 -7.67 -2.79 -3.87
N TRP A 109 -8.23 -2.46 -5.01
CA TRP A 109 -7.76 -3.10 -6.25
C TRP A 109 -6.26 -2.96 -6.38
N LEU A 110 -5.74 -1.88 -5.85
CA LEU A 110 -4.27 -1.68 -5.93
C LEU A 110 -3.55 -2.54 -4.91
N HIS A 111 -3.73 -2.25 -3.64
CA HIS A 111 -3.04 -3.09 -2.63
C HIS A 111 -3.23 -4.56 -2.94
N LYS A 112 -4.44 -4.90 -3.31
CA LYS A 112 -4.70 -6.32 -3.65
C LYS A 112 -3.90 -6.71 -4.89
N CYS A 113 -3.68 -5.73 -5.74
CA CYS A 113 -2.91 -6.02 -6.97
C CYS A 113 -1.42 -6.00 -6.68
N TRP A 114 -1.05 -5.08 -5.81
CA TRP A 114 0.39 -4.98 -5.45
C TRP A 114 0.82 -6.19 -4.64
N LYS A 115 -0.13 -6.78 -3.94
CA LYS A 115 0.19 -7.97 -3.12
C LYS A 115 0.17 -9.23 -3.98
N GLN A 116 -0.83 -9.35 -4.81
CA GLN A 116 -0.92 -10.56 -5.67
C GLN A 116 0.34 -10.70 -6.51
N ALA A 117 0.90 -9.59 -6.89
CA ALA A 117 2.14 -9.63 -7.72
C ALA A 117 3.12 -10.68 -7.19
N ASP A 118 3.64 -10.44 -6.01
CA ASP A 118 4.60 -11.42 -5.43
C ASP A 118 4.68 -11.26 -3.90
N PRO A 119 3.96 -12.11 -3.18
CA PRO A 119 3.96 -12.05 -1.72
C PRO A 119 5.36 -12.33 -1.14
N LYS A 120 6.22 -11.34 -1.27
CA LYS A 120 7.60 -11.49 -0.75
C LYS A 120 8.16 -10.13 -0.40
N HIS A 121 8.33 -9.30 -1.40
CA HIS A 121 8.87 -7.96 -1.14
C HIS A 121 7.81 -7.09 -0.47
N TYR A 122 6.57 -7.47 -0.66
CA TYR A 122 5.45 -6.72 -0.04
C TYR A 122 5.44 -6.94 1.47
N PHE A 123 5.13 -5.91 2.20
CA PHE A 123 5.09 -6.06 3.68
C PHE A 123 3.94 -5.25 4.28
N LEU A 124 3.63 -4.16 3.65
CA LEU A 124 2.53 -3.32 4.17
C LEU A 124 1.95 -2.46 3.05
N VAL A 125 2.75 -1.56 2.55
CA VAL A 125 2.27 -0.68 1.46
C VAL A 125 2.29 -1.41 0.12
N ASP A 1 6.93 -24.01 1.27
CA ASP A 1 6.48 -23.12 2.38
C ASP A 1 7.02 -21.72 2.17
N VAL A 2 6.23 -20.89 1.54
CA VAL A 2 6.68 -19.50 1.30
C VAL A 2 6.29 -18.60 2.46
N THR A 3 7.00 -17.52 2.61
CA THR A 3 6.70 -16.59 3.72
C THR A 3 7.31 -15.20 3.43
N PRO A 4 6.56 -14.14 3.69
CA PRO A 4 7.06 -12.79 3.46
C PRO A 4 8.42 -12.59 4.07
N ARG A 5 9.30 -11.94 3.34
CA ARG A 5 10.66 -11.72 3.88
C ARG A 5 10.77 -10.39 4.62
N ARG A 6 10.76 -10.47 5.93
CA ARG A 6 10.85 -9.23 6.75
C ARG A 6 11.88 -9.43 7.84
N ASP A 7 12.91 -8.62 7.82
CA ASP A 7 13.95 -8.75 8.86
C ASP A 7 14.44 -7.40 9.32
N ALA A 8 13.67 -6.40 9.02
CA ALA A 8 14.08 -5.05 9.43
C ALA A 8 15.52 -4.80 9.01
N GLU A 9 16.03 -5.73 8.24
CA GLU A 9 17.42 -5.61 7.76
C GLU A 9 17.44 -5.25 6.28
N TYR A 10 16.48 -5.76 5.55
CA TYR A 10 16.47 -5.43 4.10
C TYR A 10 15.74 -4.08 3.85
N PRO A 11 14.51 -3.96 4.32
CA PRO A 11 13.77 -2.72 4.13
C PRO A 11 14.42 -1.55 4.90
N PRO A 12 14.74 -0.46 4.21
CA PRO A 12 15.37 0.69 4.85
C PRO A 12 14.44 1.27 5.95
N PRO A 13 14.90 1.23 7.21
CA PRO A 13 14.10 1.75 8.32
C PRO A 13 13.72 3.22 8.12
N GLU A 14 14.30 3.83 7.12
CA GLU A 14 13.98 5.26 6.87
C GLU A 14 12.56 5.41 6.34
N LEU A 15 12.26 4.71 5.28
CA LEU A 15 10.91 4.81 4.71
C LEU A 15 9.90 4.26 5.70
N LEU A 16 10.34 3.31 6.47
CA LEU A 16 9.44 2.72 7.47
C LEU A 16 9.14 3.72 8.58
N GLU A 17 10.11 4.55 8.86
CA GLU A 17 9.90 5.57 9.92
C GLU A 17 8.85 6.58 9.49
N ALA A 18 8.83 6.87 8.22
CA ALA A 18 7.84 7.85 7.72
C ALA A 18 6.51 7.16 7.40
N LEU A 19 6.60 5.89 7.10
CA LEU A 19 5.37 5.12 6.77
C LEU A 19 4.59 4.75 8.04
N LYS A 20 5.27 4.17 9.00
CA LYS A 20 4.57 3.78 10.25
C LYS A 20 3.65 4.92 10.77
N PRO A 21 4.18 6.13 10.89
CA PRO A 21 3.37 7.24 11.38
C PRO A 21 2.23 7.53 10.42
N LEU A 22 2.57 7.78 9.18
CA LEU A 22 1.50 8.06 8.20
C LEU A 22 0.45 6.97 8.27
N HIS A 23 0.89 5.79 8.59
CA HIS A 23 -0.04 4.66 8.69
C HIS A 23 -0.85 4.76 9.98
N ASP A 24 -0.18 5.13 11.04
CA ASP A 24 -0.89 5.26 12.34
C ASP A 24 -1.95 6.34 12.25
N ILE A 25 -1.59 7.44 11.66
CA ILE A 25 -2.56 8.56 11.52
C ILE A 25 -3.77 8.13 10.69
N CYS A 26 -3.52 7.62 9.51
CA CYS A 26 -4.63 7.18 8.65
C CYS A 26 -5.32 5.95 9.23
N ALA A 27 -4.57 4.94 9.56
CA ALA A 27 -5.20 3.73 10.12
C ALA A 27 -6.04 4.12 11.33
N LYS A 28 -5.63 5.15 12.00
CA LYS A 28 -6.38 5.61 13.18
C LYS A 28 -7.65 6.34 12.73
N LYS A 29 -7.57 6.95 11.57
CA LYS A 29 -8.75 7.67 11.05
C LYS A 29 -9.77 6.69 10.53
N THR A 30 -9.28 5.62 10.02
CA THR A 30 -10.18 4.60 9.48
C THR A 30 -10.67 3.68 10.59
N GLY A 31 -10.11 3.86 11.76
CA GLY A 31 -10.53 3.01 12.92
C GLY A 31 -10.06 1.56 12.75
N VAL A 32 -9.39 1.29 11.66
CA VAL A 32 -8.90 -0.09 11.44
C VAL A 32 -7.91 -0.50 12.54
N THR A 33 -7.75 -1.78 12.73
CA THR A 33 -6.80 -2.26 13.77
C THR A 33 -5.53 -2.84 13.18
N ASP A 34 -4.42 -2.55 13.81
CA ASP A 34 -3.14 -3.05 13.29
C ASP A 34 -3.29 -4.52 12.94
N GLU A 35 -4.09 -5.22 13.71
CA GLU A 35 -4.28 -6.66 13.43
C GLU A 35 -4.79 -6.85 12.01
N ALA A 36 -5.89 -6.20 11.71
CA ALA A 36 -6.44 -6.32 10.35
C ALA A 36 -5.37 -5.96 9.34
N ILE A 37 -4.65 -4.90 9.62
CA ILE A 37 -3.58 -4.49 8.67
C ILE A 37 -2.49 -5.56 8.62
N ILE A 38 -2.08 -6.01 9.78
CA ILE A 38 -1.02 -7.04 9.82
C ILE A 38 -1.48 -8.30 9.09
N GLU A 39 -2.59 -8.84 9.50
CA GLU A 39 -3.09 -10.07 8.83
C GLU A 39 -3.06 -9.88 7.33
N PHE A 40 -3.34 -8.69 6.89
CA PHE A 40 -3.34 -8.42 5.44
C PHE A 40 -1.93 -8.55 4.88
N SER A 41 -0.96 -8.25 5.70
CA SER A 41 0.45 -8.34 5.23
C SER A 41 0.99 -9.76 5.41
N ASP A 42 1.00 -10.22 6.63
CA ASP A 42 1.51 -11.59 6.88
C ASP A 42 0.40 -12.63 6.80
N GLY A 43 -0.75 -12.28 7.30
CA GLY A 43 -1.89 -13.24 7.27
C GLY A 43 -2.51 -13.28 5.86
N LYS A 44 -3.53 -14.08 5.71
CA LYS A 44 -4.18 -14.18 4.38
C LYS A 44 -5.05 -12.96 4.11
N ILE A 45 -4.93 -12.42 2.94
CA ILE A 45 -5.74 -11.23 2.58
C ILE A 45 -7.17 -11.36 3.06
N HIS A 46 -7.72 -10.27 3.53
CA HIS A 46 -9.13 -10.29 4.02
C HIS A 46 -9.91 -9.11 3.44
N GLU A 47 -11.21 -9.16 3.56
CA GLU A 47 -12.06 -8.06 3.02
C GLU A 47 -12.53 -7.11 4.12
N ASP A 48 -11.62 -6.38 4.69
CA ASP A 48 -12.02 -5.44 5.77
C ASP A 48 -12.40 -4.09 5.17
N GLU A 49 -13.67 -3.81 5.17
CA GLU A 49 -14.14 -2.52 4.61
C GLU A 49 -13.24 -1.35 5.02
N LYS A 50 -12.59 -1.50 6.14
CA LYS A 50 -11.70 -0.41 6.60
C LYS A 50 -10.39 -0.45 5.84
N LEU A 51 -9.75 -1.58 5.85
CA LEU A 51 -8.47 -1.67 5.12
C LEU A 51 -8.63 -1.05 3.75
N LYS A 52 -9.85 -1.01 3.28
CA LYS A 52 -10.11 -0.41 1.96
C LYS A 52 -10.10 1.09 2.08
N CYS A 53 -10.80 1.59 3.07
CA CYS A 53 -10.83 3.06 3.25
C CYS A 53 -9.49 3.52 3.77
N TYR A 54 -8.96 2.77 4.69
CA TYR A 54 -7.66 3.15 5.25
C TYR A 54 -6.70 3.41 4.10
N MET A 55 -6.52 2.41 3.27
CA MET A 55 -5.61 2.60 2.13
C MET A 55 -5.93 3.92 1.45
N ASN A 56 -7.15 4.01 0.98
CA ASN A 56 -7.57 5.25 0.31
C ASN A 56 -7.14 6.46 1.15
N CYS A 57 -7.34 6.35 2.44
CA CYS A 57 -6.96 7.47 3.33
C CYS A 57 -5.49 7.80 3.15
N LEU A 58 -4.70 6.79 2.95
CA LEU A 58 -3.25 7.01 2.78
C LEU A 58 -2.98 7.79 1.49
N PHE A 59 -3.60 7.37 0.43
CA PHE A 59 -3.39 8.08 -0.86
C PHE A 59 -3.51 9.58 -0.65
N HIS A 60 -4.54 9.97 0.08
CA HIS A 60 -4.73 11.41 0.34
C HIS A 60 -3.56 12.01 1.11
N GLU A 61 -3.38 11.56 2.31
CA GLU A 61 -2.25 12.08 3.13
C GLU A 61 -0.94 11.99 2.37
N ALA A 62 -0.89 11.13 1.38
CA ALA A 62 0.35 10.99 0.60
C ALA A 62 0.44 12.08 -0.46
N LYS A 63 -0.54 12.95 -0.49
CA LYS A 63 -0.53 14.04 -1.49
C LYS A 63 -0.44 13.50 -2.91
N VAL A 64 -1.31 12.55 -3.23
CA VAL A 64 -1.30 11.97 -4.60
C VAL A 64 -2.72 11.81 -5.13
N VAL A 65 -3.54 12.79 -4.87
CA VAL A 65 -4.95 12.72 -5.34
C VAL A 65 -5.41 14.08 -5.87
N ASP A 66 -6.56 14.09 -6.50
CA ASP A 66 -7.10 15.37 -7.06
C ASP A 66 -8.35 15.81 -6.31
N ASP A 67 -9.21 16.53 -6.99
CA ASP A 67 -10.45 16.98 -6.33
C ASP A 67 -11.54 15.92 -6.42
N ASN A 68 -11.17 14.75 -6.87
CA ASN A 68 -12.15 13.65 -6.99
C ASN A 68 -11.58 12.35 -6.46
N GLY A 69 -10.34 12.38 -6.07
CA GLY A 69 -9.69 11.16 -5.54
C GLY A 69 -9.24 10.24 -6.68
N ASP A 70 -8.83 10.84 -7.76
CA ASP A 70 -8.38 10.02 -8.92
C ASP A 70 -7.04 9.36 -8.62
N VAL A 71 -6.60 9.52 -7.41
CA VAL A 71 -5.31 8.91 -7.02
C VAL A 71 -4.24 9.16 -8.09
N HIS A 72 -3.62 10.31 -8.04
CA HIS A 72 -2.58 10.61 -9.05
C HIS A 72 -1.52 9.52 -9.07
N LEU A 73 -1.66 8.62 -10.01
CA LEU A 73 -0.67 7.52 -10.11
C LEU A 73 0.73 8.04 -10.46
N GLU A 74 0.77 9.06 -11.26
CA GLU A 74 2.08 9.64 -11.65
C GLU A 74 2.88 10.08 -10.43
N LYS A 75 2.24 10.82 -9.56
CA LYS A 75 2.95 11.29 -8.35
C LYS A 75 3.10 10.17 -7.34
N LEU A 76 2.17 9.27 -7.35
CA LEU A 76 2.24 8.14 -6.39
C LEU A 76 3.52 7.34 -6.59
N ARG A 77 3.75 6.91 -7.80
CA ARG A 77 4.97 6.12 -8.07
C ARG A 77 6.23 6.97 -7.85
N ASP A 78 6.24 8.15 -8.43
CA ASP A 78 7.43 9.02 -8.25
C ASP A 78 7.75 9.23 -6.78
N SER A 79 6.78 9.03 -5.95
CA SER A 79 7.01 9.22 -4.49
C SER A 79 8.10 8.27 -3.98
N LEU A 80 8.45 7.30 -4.79
CA LEU A 80 9.50 6.33 -4.37
C LEU A 80 10.87 6.72 -4.96
N PRO A 81 11.94 6.38 -4.24
CA PRO A 81 13.30 6.68 -4.70
C PRO A 81 13.63 5.97 -6.02
N ASN A 82 14.90 5.86 -6.31
CA ASN A 82 15.32 5.18 -7.56
C ASN A 82 15.44 3.68 -7.36
N SER A 83 15.84 3.29 -6.19
CA SER A 83 15.97 1.84 -5.92
C SER A 83 14.62 1.16 -6.09
N MET A 84 13.62 1.75 -5.49
CA MET A 84 12.27 1.16 -5.61
C MET A 84 11.74 1.32 -7.02
N HIS A 85 12.08 2.43 -7.65
CA HIS A 85 11.58 2.63 -9.04
C HIS A 85 11.86 1.37 -9.84
N ASP A 86 13.03 0.81 -9.63
CA ASP A 86 13.40 -0.41 -10.37
C ASP A 86 12.50 -1.56 -9.90
N ILE A 87 12.45 -1.75 -8.61
CA ILE A 87 11.62 -2.84 -8.08
C ILE A 87 10.18 -2.57 -8.47
N ALA A 88 9.89 -1.31 -8.67
CA ALA A 88 8.52 -0.94 -9.04
C ALA A 88 8.29 -1.26 -10.51
N MET A 89 9.36 -1.31 -11.26
CA MET A 89 9.21 -1.61 -12.69
C MET A 89 8.77 -3.05 -12.84
N HIS A 90 9.30 -3.90 -12.00
CA HIS A 90 8.93 -5.34 -12.08
C HIS A 90 7.53 -5.55 -11.52
N MET A 91 7.20 -4.77 -10.51
CA MET A 91 5.85 -4.90 -9.90
C MET A 91 4.83 -4.05 -10.65
N GLY A 92 5.24 -2.91 -11.10
CA GLY A 92 4.31 -2.02 -11.86
C GLY A 92 3.60 -2.80 -12.97
N LYS A 93 4.06 -3.99 -13.21
CA LYS A 93 3.43 -4.80 -14.29
C LYS A 93 2.13 -5.44 -13.82
N ARG A 94 2.22 -6.32 -12.86
CA ARG A 94 0.99 -6.98 -12.35
C ARG A 94 0.20 -6.06 -11.44
N CYS A 95 0.03 -4.83 -11.84
CA CYS A 95 -0.73 -3.89 -11.01
C CYS A 95 -0.99 -2.58 -11.75
N LEU A 96 -2.00 -2.59 -12.60
CA LEU A 96 -2.32 -1.37 -13.36
C LEU A 96 -3.73 -1.45 -13.94
N TYR A 97 -4.65 -1.94 -13.14
CA TYR A 97 -6.05 -2.05 -13.64
C TYR A 97 -7.07 -2.03 -12.49
N PRO A 98 -7.13 -0.93 -11.80
CA PRO A 98 -8.05 -0.76 -10.68
C PRO A 98 -9.51 -1.02 -11.09
N GLU A 99 -10.17 -1.85 -10.31
CA GLU A 99 -11.60 -2.18 -10.60
C GLU A 99 -12.43 -2.12 -9.34
N GLY A 100 -13.45 -1.31 -9.34
CA GLY A 100 -14.31 -1.21 -8.14
C GLY A 100 -15.54 -0.37 -8.42
N GLU A 101 -15.56 0.80 -7.87
CA GLU A 101 -16.72 1.70 -8.07
C GLU A 101 -16.53 3.00 -7.31
N ASN A 102 -15.49 3.04 -6.50
CA ASN A 102 -15.24 4.27 -5.72
C ASN A 102 -13.75 4.39 -5.38
N LEU A 103 -13.46 5.21 -4.39
CA LEU A 103 -12.04 5.39 -4.00
C LEU A 103 -11.57 4.23 -3.13
N CYS A 104 -12.41 3.82 -2.22
CA CYS A 104 -12.03 2.70 -1.33
C CYS A 104 -11.64 1.46 -2.12
N GLU A 105 -12.56 0.96 -2.89
CA GLU A 105 -12.26 -0.25 -3.71
C GLU A 105 -11.00 -0.06 -4.53
N LYS A 106 -10.82 1.13 -5.05
CA LYS A 106 -9.61 1.39 -5.87
C LYS A 106 -8.36 1.16 -5.02
N ALA A 107 -8.22 1.94 -3.98
CA ALA A 107 -7.03 1.77 -3.11
C ALA A 107 -6.87 0.31 -2.71
N PHE A 108 -7.97 -0.37 -2.64
CA PHE A 108 -7.91 -1.80 -2.27
C PHE A 108 -7.46 -2.65 -3.44
N TRP A 109 -7.67 -2.15 -4.64
CA TRP A 109 -7.26 -2.93 -5.84
C TRP A 109 -5.74 -2.93 -5.94
N LEU A 110 -5.15 -1.77 -5.91
CA LEU A 110 -3.67 -1.68 -6.01
C LEU A 110 -3.02 -2.46 -4.89
N HIS A 111 -3.43 -2.19 -3.68
CA HIS A 111 -2.81 -2.93 -2.55
C HIS A 111 -2.91 -4.43 -2.82
N LYS A 112 -4.12 -4.90 -2.97
CA LYS A 112 -4.29 -6.34 -3.23
C LYS A 112 -3.42 -6.77 -4.40
N CYS A 113 -3.10 -5.80 -5.25
CA CYS A 113 -2.24 -6.13 -6.41
C CYS A 113 -0.79 -6.08 -6.02
N TRP A 114 -0.44 -5.10 -5.24
CA TRP A 114 0.97 -4.99 -4.79
C TRP A 114 1.29 -6.09 -3.80
N LYS A 115 0.26 -6.70 -3.27
CA LYS A 115 0.46 -7.79 -2.29
C LYS A 115 0.57 -9.15 -2.99
N GLN A 116 -0.38 -9.43 -3.83
CA GLN A 116 -0.35 -10.72 -4.55
C GLN A 116 0.91 -10.87 -5.37
N ALA A 117 1.38 -9.77 -5.90
CA ALA A 117 2.61 -9.83 -6.72
C ALA A 117 3.81 -10.31 -5.89
N ASP A 118 4.14 -9.55 -4.88
CA ASP A 118 5.29 -9.95 -4.02
C ASP A 118 5.04 -9.55 -2.55
N PRO A 119 4.56 -10.49 -1.76
CA PRO A 119 4.28 -10.23 -0.35
C PRO A 119 5.57 -9.95 0.42
N LYS A 120 6.68 -10.07 -0.26
CA LYS A 120 7.98 -9.83 0.41
C LYS A 120 8.29 -8.33 0.43
N HIS A 121 8.63 -7.82 -0.70
CA HIS A 121 8.96 -6.36 -0.79
C HIS A 121 7.81 -5.51 -0.26
N TYR A 122 6.61 -6.03 -0.34
CA TYR A 122 5.44 -5.26 0.16
C TYR A 122 5.76 -4.59 1.50
N PHE A 123 5.14 -3.45 1.73
CA PHE A 123 5.39 -2.74 3.00
C PHE A 123 4.44 -3.18 4.10
N LEU A 124 3.75 -2.24 4.70
CA LEU A 124 2.80 -2.60 5.78
C LEU A 124 3.43 -3.58 6.75
N VAL A 125 4.30 -3.10 7.60
CA VAL A 125 4.96 -3.99 8.57
C VAL A 125 3.93 -4.62 9.52
#